data_1O9J
#
_entry.id   1O9J
#
_cell.length_a   80.869
_cell.length_b   136.407
_cell.length_c   84.988
_cell.angle_alpha   90.00
_cell.angle_beta   102.62
_cell.angle_gamma   90.00
#
_symmetry.space_group_name_H-M   'P 1 21 1'
#
loop_
_entity.id
_entity.type
_entity.pdbx_description
1 polymer 'ALDEHYDE DEHYDROGENASE, CYTOSOLIC 1'
2 non-polymer NICOTINAMIDE-ADENINE-DINUCLEOTIDE
3 non-polymer 2,3-DIHYDROXY-1,4-DITHIOBUTANE
4 non-polymer (2R,3S)-1,4-DIMERCAPTOBUTANE-2,3-DIOL
5 water water
#
_entity_poly.entity_id   1
_entity_poly.type   'polypeptide(L)'
_entity_poly.pdbx_seq_one_letter_code
;MSSSGMPDLPAPLTNIKIQHTKLFINNEWHESVSGKTFPVFNPATEEKICEVEEADKEDVDKAVKAAREAFQMGSPWRTM
DASERGQLIYKLADLIERDRLLLATLESINAGKVFASAYLMDLDYCIKALRYCAGWADKIQGRTIPVDGEFFSYTRHEPI
GVCGLIFPWNAPMILLACKIGPALCCGNTVIVKPAEQTPLTALHVASLIKEAGFPPGVVNIVPGYGPTAGAAISSHMDVD
KVAFTGSTEVGKMIQEAAAKSNLKRVTLELGAKNPCIVFADADLDSAVEFAHQGVFTNQGQSCIAASKLFVEEAIYDEFV
QRSVERAKKYVFGNPLTPGVNHGPQINKAQHNKIMELIESGKKEGAKLECGGGPWGNKGYFIQPTVFSNVTDDMRIAKEE
IFGPVQQIMKFKSLDEVIKRANNTYYGLVAGVFTKDLDKAVTVSSALQAGTVWVNCYLAASAQSPAGGFKMSGHGREMGE
YGIHEYTEVKTVTMKISEKNS
;
_entity_poly.pdbx_strand_id   A,B,C,D
#
# COMPACT_ATOMS: atom_id res chain seq x y z
N ASP A 8 -9.95 37.04 -2.09
CA ASP A 8 -11.32 37.61 -2.21
C ASP A 8 -11.67 37.90 -3.67
N LEU A 9 -12.96 38.13 -3.91
CA LEU A 9 -13.50 38.20 -5.26
C LEU A 9 -13.11 39.48 -5.99
N PRO A 10 -12.41 39.35 -7.12
CA PRO A 10 -12.22 40.50 -8.01
C PRO A 10 -13.47 40.65 -8.88
N ALA A 11 -13.51 41.70 -9.69
CA ALA A 11 -14.57 41.88 -10.68
C ALA A 11 -14.20 41.11 -11.93
N PRO A 12 -15.21 40.62 -12.66
CA PRO A 12 -14.98 39.88 -13.92
C PRO A 12 -14.49 40.76 -15.05
N LEU A 13 -13.92 40.12 -16.07
CA LEU A 13 -13.51 40.83 -17.28
C LEU A 13 -14.78 41.24 -18.04
N THR A 14 -14.79 42.48 -18.53
CA THR A 14 -15.96 43.06 -19.18
C THR A 14 -15.99 42.94 -20.71
N ASN A 15 -14.88 42.57 -21.34
CA ASN A 15 -14.83 42.42 -22.80
C ASN A 15 -13.62 41.55 -23.19
N ILE A 16 -13.83 40.23 -23.17
CA ILE A 16 -12.78 39.25 -23.43
C ILE A 16 -12.51 39.06 -24.92
N LYS A 17 -11.25 39.01 -25.30
CA LYS A 17 -10.85 38.66 -26.66
C LYS A 17 -10.79 37.13 -26.75
N ILE A 18 -11.64 36.54 -27.60
CA ILE A 18 -11.57 35.10 -27.82
C ILE A 18 -10.48 34.81 -28.83
N GLN A 19 -9.38 34.22 -28.38
CA GLN A 19 -8.22 34.01 -29.25
C GLN A 19 -8.10 32.60 -29.84
N HIS A 20 -8.65 31.60 -29.15
CA HIS A 20 -8.42 30.21 -29.53
C HIS A 20 -9.70 29.48 -29.94
N THR A 21 -9.80 29.16 -31.22
CA THR A 21 -10.96 28.52 -31.83
C THR A 21 -10.61 27.33 -32.73
N LYS A 22 -9.32 26.98 -32.83
CA LYS A 22 -8.91 25.94 -33.76
C LYS A 22 -8.63 24.62 -33.04
N LEU A 23 -8.50 23.55 -33.81
CA LEU A 23 -8.16 22.24 -33.26
C LEU A 23 -6.68 22.27 -32.87
N PHE A 24 -6.33 21.60 -31.77
CA PHE A 24 -4.96 21.57 -31.23
C PHE A 24 -4.35 20.17 -31.40
N ILE A 25 -3.40 20.04 -32.32
CA ILE A 25 -2.79 18.74 -32.66
C ILE A 25 -1.26 18.88 -32.87
N ASN A 26 -0.51 18.17 -32.03
CA ASN A 26 0.95 18.13 -32.11
C ASN A 26 1.55 19.52 -31.76
N ASN A 27 0.95 20.17 -30.77
CA ASN A 27 1.27 21.54 -30.33
C ASN A 27 1.16 22.64 -31.40
N GLU A 28 0.38 22.37 -32.45
CA GLU A 28 0.06 23.39 -33.47
C GLU A 28 -1.45 23.51 -33.61
N TRP A 29 -1.88 24.64 -34.15
CA TRP A 29 -3.29 24.89 -34.45
C TRP A 29 -3.60 24.55 -35.92
N HIS A 30 -4.68 23.79 -36.12
CA HIS A 30 -5.12 23.27 -37.40
C HIS A 30 -6.56 23.69 -37.68
N GLU A 31 -6.84 24.12 -38.92
CA GLU A 31 -8.22 24.22 -39.40
C GLU A 31 -8.74 22.78 -39.55
N SER A 32 -10.05 22.60 -39.68
CA SER A 32 -10.64 21.28 -39.87
C SER A 32 -10.41 20.86 -41.31
N VAL A 33 -10.37 19.55 -41.54
CA VAL A 33 -10.14 18.98 -42.87
C VAL A 33 -11.27 19.36 -43.84
N SER A 34 -12.52 19.29 -43.38
CA SER A 34 -13.68 19.63 -44.19
C SER A 34 -13.84 21.13 -44.41
N GLY A 35 -13.29 21.94 -43.51
CA GLY A 35 -13.51 23.37 -43.51
C GLY A 35 -14.70 23.85 -42.69
N LYS A 36 -15.57 22.94 -42.26
CA LYS A 36 -16.78 23.31 -41.49
C LYS A 36 -16.42 23.82 -40.11
N THR A 37 -17.17 24.81 -39.64
CA THR A 37 -17.14 25.23 -38.23
C THR A 37 -18.51 25.02 -37.60
N PHE A 38 -18.57 25.00 -36.28
CA PHE A 38 -19.85 25.02 -35.57
C PHE A 38 -19.93 26.24 -34.64
N PRO A 39 -21.13 26.79 -34.48
CA PRO A 39 -21.32 27.93 -33.59
C PRO A 39 -21.30 27.59 -32.09
N VAL A 40 -20.88 28.57 -31.28
CA VAL A 40 -20.88 28.49 -29.83
C VAL A 40 -21.60 29.71 -29.25
N PHE A 41 -22.59 29.47 -28.38
CA PHE A 41 -23.54 30.48 -27.90
C PHE A 41 -23.40 30.75 -26.40
N ASN A 42 -23.71 31.98 -25.99
CA ASN A 42 -23.74 32.38 -24.58
C ASN A 42 -25.16 32.12 -24.04
N PRO A 43 -25.35 31.17 -23.14
CA PRO A 43 -26.70 30.79 -22.68
C PRO A 43 -27.55 31.90 -22.03
N ALA A 44 -26.92 32.93 -21.46
CA ALA A 44 -27.66 34.07 -20.90
C ALA A 44 -28.25 35.05 -21.92
N THR A 45 -27.64 35.18 -23.10
CA THR A 45 -28.02 36.21 -24.09
C THR A 45 -28.48 35.67 -25.46
N GLU A 46 -28.24 34.38 -25.71
CA GLU A 46 -28.50 33.72 -27.00
C GLU A 46 -27.60 34.14 -28.18
N GLU A 47 -26.61 34.99 -27.90
CA GLU A 47 -25.72 35.52 -28.93
C GLU A 47 -24.59 34.54 -29.24
N LYS A 48 -24.16 34.51 -30.51
CA LYS A 48 -23.06 33.67 -30.94
C LYS A 48 -21.75 34.29 -30.48
N ILE A 49 -21.01 33.59 -29.61
CA ILE A 49 -19.72 34.04 -29.11
C ILE A 49 -18.66 33.99 -30.21
N CYS A 50 -18.64 32.90 -30.96
CA CYS A 50 -17.70 32.67 -32.08
C CYS A 50 -18.06 31.37 -32.80
N GLU A 51 -17.37 31.08 -33.89
CA GLU A 51 -17.44 29.78 -34.53
C GLU A 51 -16.16 29.03 -34.15
N VAL A 52 -16.28 27.72 -33.95
CA VAL A 52 -15.13 26.89 -33.60
C VAL A 52 -15.00 25.85 -34.69
N GLU A 53 -13.76 25.45 -34.97
CA GLU A 53 -13.46 24.48 -36.01
C GLU A 53 -14.08 23.09 -35.68
N GLU A 54 -14.92 22.55 -36.59
CA GLU A 54 -15.63 21.28 -36.33
C GLU A 54 -14.79 20.04 -36.73
N ALA A 55 -14.35 19.31 -35.72
CA ALA A 55 -13.58 18.09 -35.92
C ALA A 55 -14.46 16.88 -36.19
N ASP A 56 -13.94 15.99 -37.01
CA ASP A 56 -14.66 14.82 -37.50
C ASP A 56 -13.67 13.64 -37.54
N LYS A 57 -14.13 12.51 -38.08
CA LYS A 57 -13.35 11.30 -38.14
C LYS A 57 -11.91 11.51 -38.62
N GLU A 58 -11.72 12.29 -39.67
CA GLU A 58 -10.40 12.44 -40.29
C GLU A 58 -9.47 13.33 -39.46
N ASP A 59 -10.05 14.23 -38.67
CA ASP A 59 -9.30 15.08 -37.75
C ASP A 59 -8.86 14.26 -36.54
N VAL A 60 -9.79 13.48 -35.98
CA VAL A 60 -9.47 12.53 -34.93
C VAL A 60 -8.35 11.57 -35.37
N ASP A 61 -8.42 11.07 -36.59
CA ASP A 61 -7.38 10.21 -37.16
C ASP A 61 -5.98 10.86 -37.07
N LYS A 62 -5.90 12.14 -37.42
CA LYS A 62 -4.67 12.93 -37.30
C LYS A 62 -4.19 13.01 -35.84
N ALA A 63 -5.14 13.32 -34.96
CA ALA A 63 -4.88 13.45 -33.53
C ALA A 63 -4.42 12.15 -32.87
N VAL A 64 -4.92 11.03 -33.34
CA VAL A 64 -4.53 9.76 -32.75
C VAL A 64 -3.12 9.43 -33.16
N LYS A 65 -2.76 9.74 -34.41
CA LYS A 65 -1.38 9.54 -34.89
C LYS A 65 -0.35 10.39 -34.15
N ALA A 66 -0.76 11.56 -33.70
CA ALA A 66 0.17 12.47 -33.02
C ALA A 66 0.42 11.92 -31.63
N ALA A 67 -0.63 11.44 -30.97
CA ALA A 67 -0.50 10.85 -29.63
C ALA A 67 0.24 9.51 -29.61
N ARG A 68 0.15 8.74 -30.70
CA ARG A 68 0.87 7.47 -30.81
C ARG A 68 2.36 7.75 -31.02
N GLU A 69 2.66 8.73 -31.85
CA GLU A 69 4.06 9.18 -32.04
C GLU A 69 4.69 9.65 -30.73
N ALA A 70 3.94 10.39 -29.94
CA ALA A 70 4.44 10.90 -28.66
C ALA A 70 4.59 9.82 -27.59
N PHE A 71 3.93 8.68 -27.79
CA PHE A 71 3.99 7.55 -26.86
C PHE A 71 5.04 6.46 -27.23
N GLN A 72 5.66 6.57 -28.40
CA GLN A 72 6.67 5.57 -28.81
C GLN A 72 7.89 5.59 -27.89
N MET A 73 8.40 4.41 -27.55
CA MET A 73 9.64 4.32 -26.79
C MET A 73 10.72 5.19 -27.42
N GLY A 74 11.53 5.83 -26.58
CA GLY A 74 12.58 6.72 -27.04
C GLY A 74 12.13 8.17 -27.17
N SER A 75 10.84 8.41 -27.02
CA SER A 75 10.32 9.75 -27.20
C SER A 75 10.59 10.57 -25.93
N PRO A 76 10.61 11.89 -26.04
CA PRO A 76 10.70 12.76 -24.87
C PRO A 76 9.74 12.44 -23.72
N TRP A 77 8.48 12.17 -24.01
CA TRP A 77 7.48 11.98 -22.96
C TRP A 77 7.64 10.66 -22.19
N ARG A 78 8.25 9.68 -22.84
CA ARG A 78 8.48 8.37 -22.25
C ARG A 78 9.81 8.28 -21.49
N THR A 79 10.84 8.96 -21.97
CA THR A 79 12.18 8.87 -21.36
C THR A 79 12.38 9.88 -20.23
N MET A 80 11.55 10.91 -20.23
CA MET A 80 11.55 11.92 -19.18
C MET A 80 11.36 11.24 -17.78
N ASP A 81 12.12 11.71 -16.79
CA ASP A 81 11.94 11.24 -15.42
C ASP A 81 10.49 11.46 -15.00
N ALA A 82 9.94 10.51 -14.24
CA ALA A 82 8.61 10.65 -13.66
C ALA A 82 8.39 12.00 -12.92
N SER A 83 9.42 12.46 -12.19
CA SER A 83 9.35 13.70 -11.42
C SER A 83 9.36 14.95 -12.32
N GLU A 84 9.94 14.80 -13.51
CA GLU A 84 9.84 15.81 -14.56
C GLU A 84 8.41 15.91 -15.13
N ARG A 85 7.70 14.80 -15.29
CA ARG A 85 6.28 14.84 -15.69
C ARG A 85 5.46 15.60 -14.66
N GLY A 86 5.69 15.31 -13.38
CA GLY A 86 4.99 15.94 -12.29
C GLY A 86 5.24 17.43 -12.30
N GLN A 87 6.50 17.81 -12.54
CA GLN A 87 6.91 19.21 -12.63
C GLN A 87 6.22 19.98 -13.79
N LEU A 88 6.01 19.31 -14.93
CA LEU A 88 5.24 19.89 -16.04
C LEU A 88 3.75 20.05 -15.71
N ILE A 89 3.19 19.12 -14.96
CA ILE A 89 1.79 19.27 -14.50
C ILE A 89 1.65 20.40 -13.42
N TYR A 90 2.69 20.63 -12.63
CA TYR A 90 2.66 21.65 -11.58
C TYR A 90 2.71 23.03 -12.24
N LYS A 91 3.42 23.07 -13.36
CA LYS A 91 3.59 24.27 -14.14
C LYS A 91 2.30 24.63 -14.88
N LEU A 92 1.57 23.63 -15.40
CA LEU A 92 0.25 23.89 -15.98
C LEU A 92 -0.67 24.51 -14.95
N ALA A 93 -0.64 24.00 -13.72
CA ALA A 93 -1.45 24.54 -12.63
C ALA A 93 -1.11 26.01 -12.30
N ASP A 94 0.19 26.34 -12.27
CA ASP A 94 0.65 27.72 -12.03
C ASP A 94 0.17 28.65 -13.13
N LEU A 95 0.14 28.15 -14.37
CA LEU A 95 -0.30 28.96 -15.51
C LEU A 95 -1.82 29.16 -15.50
N ILE A 96 -2.58 28.13 -15.11
CA ILE A 96 -4.02 28.31 -14.94
C ILE A 96 -4.28 29.30 -13.79
N GLU A 97 -3.43 29.29 -12.77
CA GLU A 97 -3.62 30.20 -11.64
C GLU A 97 -3.35 31.66 -12.03
N ARG A 98 -2.37 31.89 -12.90
CA ARG A 98 -2.08 33.23 -13.39
C ARG A 98 -3.23 33.73 -14.26
N ASP A 99 -3.91 32.82 -14.96
CA ASP A 99 -4.98 33.18 -15.86
C ASP A 99 -6.34 32.89 -15.26
N ARG A 100 -6.41 32.85 -13.93
CA ARG A 100 -7.62 32.49 -13.20
C ARG A 100 -8.79 33.40 -13.54
N LEU A 101 -8.54 34.70 -13.54
CA LEU A 101 -9.55 35.70 -13.82
C LEU A 101 -10.09 35.54 -15.24
N LEU A 102 -9.20 35.34 -16.20
CA LEU A 102 -9.61 35.10 -17.58
C LEU A 102 -10.43 33.79 -17.74
N LEU A 103 -9.93 32.70 -17.17
CA LEU A 103 -10.61 31.41 -17.31
C LEU A 103 -11.98 31.35 -16.61
N ALA A 104 -12.12 32.05 -15.50
CA ALA A 104 -13.37 32.03 -14.76
C ALA A 104 -14.44 32.87 -15.48
N THR A 105 -14.00 33.95 -16.13
CA THR A 105 -14.87 34.77 -16.95
C THR A 105 -15.37 33.96 -18.15
N LEU A 106 -14.45 33.29 -18.83
CA LEU A 106 -14.79 32.55 -20.03
C LEU A 106 -15.73 31.37 -19.73
N GLU A 107 -15.57 30.79 -18.55
CA GLU A 107 -16.38 29.67 -18.10
C GLU A 107 -17.79 30.15 -17.79
N SER A 108 -17.88 31.33 -17.21
CA SER A 108 -19.15 31.96 -16.92
C SER A 108 -19.91 32.31 -18.22
N ILE A 109 -19.18 32.75 -19.25
CA ILE A 109 -19.82 33.25 -20.48
C ILE A 109 -20.36 32.10 -21.32
N ASN A 110 -19.60 31.02 -21.39
CA ASN A 110 -19.94 29.86 -22.21
C ASN A 110 -20.84 28.87 -21.49
N ALA A 111 -20.57 28.60 -20.23
CA ALA A 111 -21.31 27.58 -19.46
C ALA A 111 -22.50 28.13 -18.65
N GLY A 112 -22.60 29.45 -18.50
CA GLY A 112 -23.67 30.05 -17.70
C GLY A 112 -23.45 30.04 -16.19
N LYS A 113 -22.19 29.86 -15.77
CA LYS A 113 -21.83 29.74 -14.35
C LYS A 113 -21.74 31.10 -13.65
N VAL A 114 -22.40 31.23 -12.51
CA VAL A 114 -22.34 32.45 -11.72
C VAL A 114 -20.86 32.76 -11.45
N PHE A 115 -20.43 33.99 -11.71
CA PHE A 115 -19.01 34.27 -11.70
C PHE A 115 -18.36 33.89 -10.37
N ALA A 116 -19.02 34.17 -9.25
CA ALA A 116 -18.43 33.88 -7.94
C ALA A 116 -18.10 32.39 -7.78
N SER A 117 -19.04 31.53 -8.13
CA SER A 117 -18.83 30.08 -8.09
C SER A 117 -17.67 29.67 -9.00
N ALA A 118 -17.60 30.25 -10.18
CA ALA A 118 -16.59 29.87 -11.17
C ALA A 118 -15.17 30.31 -10.77
N TYR A 119 -15.03 31.48 -10.17
CA TYR A 119 -13.73 31.97 -9.74
C TYR A 119 -13.27 31.30 -8.45
N LEU A 120 -14.17 31.22 -7.46
CA LEU A 120 -13.84 30.84 -6.08
C LEU A 120 -13.84 29.33 -5.83
N MET A 121 -14.62 28.59 -6.61
CA MET A 121 -14.79 27.14 -6.41
C MET A 121 -14.23 26.31 -7.55
N ASP A 122 -14.67 26.59 -8.78
CA ASP A 122 -14.28 25.80 -9.95
C ASP A 122 -12.80 25.96 -10.31
N LEU A 123 -12.31 27.19 -10.39
CA LEU A 123 -10.92 27.42 -10.75
C LEU A 123 -10.03 27.00 -9.59
N ASP A 124 -10.48 27.21 -8.37
CA ASP A 124 -9.73 26.80 -7.17
C ASP A 124 -9.58 25.27 -7.14
N TYR A 125 -10.68 24.55 -7.34
CA TYR A 125 -10.65 23.09 -7.33
C TYR A 125 -9.81 22.50 -8.46
N CYS A 126 -9.87 23.14 -9.62
CA CYS A 126 -9.20 22.67 -10.83
C CYS A 126 -7.68 22.80 -10.69
N ILE A 127 -7.25 23.90 -10.08
CA ILE A 127 -5.85 24.18 -9.78
C ILE A 127 -5.27 23.15 -8.81
N LYS A 128 -5.93 22.97 -7.67
CA LYS A 128 -5.48 22.03 -6.64
C LYS A 128 -5.52 20.59 -7.11
N ALA A 129 -6.43 20.27 -8.03
CA ALA A 129 -6.54 18.92 -8.58
C ALA A 129 -5.32 18.56 -9.43
N LEU A 130 -4.88 19.48 -10.27
CA LEU A 130 -3.67 19.26 -11.07
C LEU A 130 -2.43 19.16 -10.17
N ARG A 131 -2.44 19.87 -9.05
CA ARG A 131 -1.32 19.88 -8.11
C ARG A 131 -1.27 18.60 -7.28
N TYR A 132 -2.43 18.03 -6.99
CA TYR A 132 -2.51 16.72 -6.34
C TYR A 132 -1.87 15.67 -7.23
N CYS A 133 -2.17 15.72 -8.51
CA CYS A 133 -1.74 14.71 -9.47
C CYS A 133 -0.28 14.86 -9.78
N ALA A 134 0.20 16.11 -9.82
CA ALA A 134 1.62 16.40 -10.04
C ALA A 134 2.50 15.65 -9.05
N GLY A 135 2.12 15.71 -7.76
CA GLY A 135 2.79 14.98 -6.70
C GLY A 135 2.80 13.46 -6.86
N TRP A 136 1.73 12.89 -7.42
CA TRP A 136 1.67 11.43 -7.58
C TRP A 136 2.63 10.82 -8.61
N ALA A 137 3.17 11.60 -9.53
CA ALA A 137 3.91 11.07 -10.69
C ALA A 137 5.11 10.20 -10.33
N ASP A 138 6.03 10.72 -9.51
CA ASP A 138 7.18 9.91 -9.08
C ASP A 138 6.89 9.02 -7.85
N LYS A 139 5.60 8.86 -7.54
CA LYS A 139 5.14 8.01 -6.43
C LYS A 139 4.21 6.88 -6.88
N ILE A 140 4.04 6.70 -8.19
CA ILE A 140 3.38 5.50 -8.72
C ILE A 140 4.39 4.35 -8.65
N GLN A 141 4.07 3.31 -7.89
CA GLN A 141 5.03 2.25 -7.53
C GLN A 141 4.44 0.86 -7.71
N GLY A 142 5.21 -0.07 -8.26
CA GLY A 142 4.80 -1.48 -8.32
C GLY A 142 5.27 -2.25 -7.10
N ARG A 143 5.52 -3.55 -7.25
CA ARG A 143 5.81 -4.43 -6.12
C ARG A 143 6.94 -5.39 -6.42
N THR A 144 7.58 -5.86 -5.35
CA THR A 144 8.41 -7.07 -5.40
C THR A 144 7.65 -8.14 -4.62
N ILE A 145 7.65 -9.36 -5.13
CA ILE A 145 6.68 -10.41 -4.69
C ILE A 145 7.41 -11.71 -4.42
N PRO A 146 7.22 -12.28 -3.24
CA PRO A 146 7.89 -13.52 -2.87
C PRO A 146 7.08 -14.70 -3.42
N VAL A 147 7.09 -14.83 -4.75
CA VAL A 147 6.45 -15.93 -5.46
C VAL A 147 7.05 -17.28 -5.08
N ASP A 148 6.24 -18.33 -5.21
CA ASP A 148 6.72 -19.72 -5.15
C ASP A 148 7.77 -19.96 -6.24
N GLY A 149 8.76 -20.78 -5.90
CA GLY A 149 9.80 -21.18 -6.84
C GLY A 149 10.99 -20.25 -6.83
N GLU A 150 12.03 -20.65 -7.56
CA GLU A 150 13.31 -19.94 -7.64
C GLU A 150 13.26 -18.82 -8.70
N PHE A 151 12.61 -17.75 -8.30
CA PHE A 151 12.34 -16.63 -9.16
C PHE A 151 12.45 -15.31 -8.39
N PHE A 152 12.69 -14.23 -9.13
CA PHE A 152 12.56 -12.85 -8.69
C PHE A 152 11.44 -12.30 -9.55
N SER A 153 10.35 -11.87 -8.91
CA SER A 153 9.17 -11.38 -9.61
C SER A 153 8.81 -9.96 -9.16
N TYR A 154 8.51 -9.09 -10.11
CA TYR A 154 8.06 -7.74 -9.80
C TYR A 154 6.98 -7.26 -10.74
N THR A 155 6.22 -6.25 -10.31
CA THR A 155 5.27 -5.59 -11.18
C THR A 155 5.73 -4.16 -11.51
N ARG A 156 5.30 -3.70 -12.69
CA ARG A 156 5.51 -2.34 -13.17
C ARG A 156 4.11 -1.84 -13.47
N HIS A 157 3.75 -0.67 -12.94
CA HIS A 157 2.49 -0.05 -13.30
C HIS A 157 2.81 0.91 -14.43
N GLU A 158 2.81 0.40 -15.66
CA GLU A 158 3.17 1.16 -16.86
C GLU A 158 2.02 2.09 -17.28
N PRO A 159 2.30 3.10 -18.11
CA PRO A 159 1.23 3.83 -18.80
C PRO A 159 0.47 2.93 -19.78
N ILE A 160 -0.81 3.21 -20.00
CA ILE A 160 -1.65 2.44 -20.93
C ILE A 160 -1.29 2.70 -22.42
N GLY A 161 -1.15 3.97 -22.79
CA GLY A 161 -0.96 4.39 -24.18
C GLY A 161 -1.73 5.66 -24.51
N VAL A 162 -2.45 5.64 -25.63
CA VAL A 162 -3.23 6.78 -26.10
C VAL A 162 -4.62 6.69 -25.45
N CYS A 163 -5.00 7.74 -24.72
CA CYS A 163 -6.29 7.76 -24.01
C CYS A 163 -7.25 8.80 -24.60
N GLY A 164 -8.48 8.41 -24.90
CA GLY A 164 -9.50 9.34 -25.34
C GLY A 164 -10.30 9.78 -24.12
N LEU A 165 -10.62 11.07 -24.07
CA LEU A 165 -11.29 11.67 -22.92
C LEU A 165 -12.46 12.51 -23.43
N ILE A 166 -13.67 12.03 -23.18
CA ILE A 166 -14.89 12.67 -23.68
C ILE A 166 -15.70 13.12 -22.48
N PHE A 167 -16.09 14.39 -22.43
CA PHE A 167 -16.88 14.87 -21.28
C PHE A 167 -18.04 15.81 -21.65
N PRO A 168 -18.88 16.12 -20.66
CA PRO A 168 -20.02 16.99 -20.90
C PRO A 168 -19.65 18.47 -20.73
N TRP A 169 -20.69 19.30 -20.61
CA TRP A 169 -20.58 20.75 -20.61
C TRP A 169 -20.79 21.38 -19.25
N ASN A 170 -21.15 20.59 -18.23
CA ASN A 170 -21.62 21.19 -16.97
C ASN A 170 -20.54 21.83 -16.12
N ALA A 171 -19.30 21.37 -16.22
CA ALA A 171 -18.21 22.03 -15.48
C ALA A 171 -16.87 21.84 -16.18
N PRO A 172 -16.69 22.55 -17.29
CA PRO A 172 -15.59 22.28 -18.23
C PRO A 172 -14.17 22.24 -17.63
N MET A 173 -13.86 23.12 -16.68
CA MET A 173 -12.50 23.16 -16.12
C MET A 173 -12.27 22.02 -15.13
N ILE A 174 -13.21 21.78 -14.22
CA ILE A 174 -13.05 20.69 -13.27
C ILE A 174 -12.92 19.33 -13.99
N LEU A 175 -13.84 19.05 -14.91
CA LEU A 175 -13.86 17.80 -15.68
C LEU A 175 -12.56 17.55 -16.43
N LEU A 176 -12.02 18.61 -17.02
CA LEU A 176 -10.78 18.51 -17.78
C LEU A 176 -9.59 18.21 -16.85
N ALA A 177 -9.51 18.91 -15.72
CA ALA A 177 -8.43 18.71 -14.76
C ALA A 177 -8.41 17.28 -14.20
N CYS A 178 -9.57 16.76 -13.83
CA CYS A 178 -9.65 15.45 -13.19
C CYS A 178 -9.50 14.29 -14.18
N LYS A 179 -9.50 14.60 -15.48
CA LYS A 179 -9.24 13.61 -16.52
C LYS A 179 -7.80 13.68 -17.07
N ILE A 180 -7.31 14.86 -17.43
CA ILE A 180 -5.95 14.99 -17.95
C ILE A 180 -4.88 15.00 -16.87
N GLY A 181 -5.25 15.36 -15.65
CA GLY A 181 -4.32 15.34 -14.53
C GLY A 181 -3.84 13.92 -14.28
N PRO A 182 -4.76 13.05 -13.90
CA PRO A 182 -4.43 11.63 -13.69
C PRO A 182 -3.77 10.97 -14.90
N ALA A 183 -4.30 11.23 -16.09
CA ALA A 183 -3.87 10.53 -17.27
C ALA A 183 -2.41 10.89 -17.60
N LEU A 184 -2.09 12.17 -17.44
CA LEU A 184 -0.73 12.66 -17.70
C LEU A 184 0.27 12.32 -16.59
N CYS A 185 -0.17 12.18 -15.35
CA CYS A 185 0.76 11.85 -14.28
C CYS A 185 1.22 10.40 -14.37
N CYS A 186 0.41 9.52 -14.94
CA CYS A 186 0.82 8.14 -15.19
C CYS A 186 1.62 7.97 -16.49
N GLY A 187 1.74 9.02 -17.31
CA GLY A 187 2.60 8.98 -18.49
C GLY A 187 1.95 8.64 -19.82
N ASN A 188 0.61 8.67 -19.86
CA ASN A 188 -0.17 8.45 -21.07
C ASN A 188 -0.13 9.66 -22.00
N THR A 189 -0.56 9.49 -23.25
CA THR A 189 -0.90 10.60 -24.13
C THR A 189 -2.40 10.62 -24.31
N VAL A 190 -2.97 11.78 -24.68
CA VAL A 190 -4.41 11.94 -24.68
C VAL A 190 -5.02 12.70 -25.86
N ILE A 191 -6.27 12.34 -26.17
CA ILE A 191 -7.10 13.02 -27.16
C ILE A 191 -8.32 13.54 -26.41
N VAL A 192 -8.41 14.86 -26.23
CA VAL A 192 -9.50 15.48 -25.49
C VAL A 192 -10.62 15.88 -26.44
N LYS A 193 -11.85 15.55 -26.07
CA LYS A 193 -13.03 15.84 -26.84
C LYS A 193 -14.05 16.51 -25.91
N PRO A 194 -13.94 17.84 -25.77
CA PRO A 194 -14.86 18.59 -24.92
C PRO A 194 -16.27 18.66 -25.51
N ALA A 195 -17.25 19.04 -24.71
CA ALA A 195 -18.62 19.09 -25.19
C ALA A 195 -18.78 20.12 -26.30
N GLU A 196 -19.72 19.88 -27.21
CA GLU A 196 -20.02 20.82 -28.29
C GLU A 196 -20.52 22.14 -27.75
N GLN A 197 -21.16 22.12 -26.57
CA GLN A 197 -21.72 23.32 -25.97
C GLN A 197 -20.64 24.25 -25.43
N THR A 198 -19.57 23.67 -24.88
CA THR A 198 -18.54 24.45 -24.17
C THR A 198 -17.11 24.00 -24.50
N PRO A 199 -16.65 24.22 -25.72
CA PRO A 199 -15.26 23.90 -26.09
C PRO A 199 -14.20 24.95 -25.72
N LEU A 200 -14.60 26.16 -25.36
CA LEU A 200 -13.67 27.33 -25.34
C LEU A 200 -12.56 27.34 -24.26
N THR A 201 -12.91 27.09 -23.00
CA THR A 201 -11.90 27.06 -21.94
C THR A 201 -10.86 25.99 -22.19
N ALA A 202 -11.30 24.84 -22.67
CA ALA A 202 -10.40 23.75 -23.01
C ALA A 202 -9.38 24.15 -24.09
N LEU A 203 -9.80 24.98 -25.04
CA LEU A 203 -8.86 25.51 -26.06
C LEU A 203 -7.82 26.48 -25.47
N HIS A 204 -8.22 27.34 -24.54
CA HIS A 204 -7.25 28.15 -23.82
C HIS A 204 -6.27 27.31 -22.99
N VAL A 205 -6.75 26.26 -22.35
CA VAL A 205 -5.87 25.36 -21.61
C VAL A 205 -4.85 24.74 -22.60
N ALA A 206 -5.27 24.48 -23.83
CA ALA A 206 -4.35 23.98 -24.84
C ALA A 206 -3.17 24.92 -25.02
N SER A 207 -3.42 26.23 -25.05
CA SER A 207 -2.35 27.21 -25.23
C SER A 207 -1.41 27.30 -24.02
N LEU A 208 -1.90 26.90 -22.86
CA LEU A 208 -1.10 26.86 -21.64
C LEU A 208 -0.22 25.62 -21.56
N ILE A 209 -0.70 24.52 -22.13
CA ILE A 209 0.04 23.28 -22.18
C ILE A 209 1.30 23.47 -23.03
N LYS A 210 1.10 24.08 -24.19
CA LYS A 210 2.17 24.51 -25.09
C LYS A 210 3.24 25.35 -24.41
N GLU A 211 2.85 26.43 -23.72
CA GLU A 211 3.85 27.34 -23.09
C GLU A 211 4.53 26.75 -21.85
N ALA A 212 3.85 25.84 -21.18
CA ALA A 212 4.44 25.11 -20.06
C ALA A 212 5.54 24.17 -20.56
N GLY A 213 5.48 23.77 -21.82
CA GLY A 213 6.54 22.99 -22.44
C GLY A 213 6.30 21.48 -22.56
N PHE A 214 5.04 21.07 -22.61
CA PHE A 214 4.72 19.68 -22.86
C PHE A 214 5.16 19.29 -24.27
N PRO A 215 5.75 18.11 -24.44
CA PRO A 215 6.16 17.67 -25.79
C PRO A 215 4.97 17.58 -26.75
N PRO A 216 5.17 17.96 -28.02
CA PRO A 216 4.10 17.85 -29.02
C PRO A 216 3.42 16.48 -29.11
N GLY A 217 2.09 16.50 -29.13
CA GLY A 217 1.31 15.29 -29.33
C GLY A 217 0.86 14.63 -28.05
N VAL A 218 1.40 15.08 -26.91
CA VAL A 218 1.03 14.53 -25.61
C VAL A 218 -0.44 14.88 -25.26
N VAL A 219 -0.81 16.12 -25.48
CA VAL A 219 -2.19 16.55 -25.35
C VAL A 219 -2.63 17.13 -26.67
N ASN A 220 -3.70 16.55 -27.20
CA ASN A 220 -4.38 16.99 -28.41
C ASN A 220 -5.84 17.25 -28.07
N ILE A 221 -6.38 18.38 -28.50
CA ILE A 221 -7.79 18.67 -28.31
C ILE A 221 -8.48 18.91 -29.66
N VAL A 222 -9.62 18.26 -29.85
CA VAL A 222 -10.44 18.45 -31.04
C VAL A 222 -11.92 18.64 -30.68
N PRO A 223 -12.38 19.87 -30.62
CA PRO A 223 -13.81 20.14 -30.42
C PRO A 223 -14.65 19.61 -31.58
N GLY A 224 -15.92 19.30 -31.32
CA GLY A 224 -16.78 18.66 -32.29
C GLY A 224 -17.98 17.95 -31.66
N TYR A 225 -18.85 17.40 -32.51
CA TYR A 225 -20.06 16.70 -32.05
C TYR A 225 -19.75 15.26 -31.71
N GLY A 226 -20.69 14.66 -30.99
CA GLY A 226 -20.53 13.33 -30.42
C GLY A 226 -20.59 12.20 -31.43
N PRO A 227 -21.68 12.11 -32.20
CA PRO A 227 -21.85 11.01 -33.17
C PRO A 227 -20.82 11.02 -34.31
N THR A 228 -20.04 12.09 -34.40
CA THR A 228 -18.94 12.22 -35.36
C THR A 228 -17.54 12.02 -34.70
N ALA A 229 -17.09 13.02 -33.95
CA ALA A 229 -15.76 13.04 -33.35
C ALA A 229 -15.63 12.10 -32.16
N GLY A 230 -16.61 12.14 -31.27
CA GLY A 230 -16.66 11.20 -30.16
C GLY A 230 -16.68 9.75 -30.60
N ALA A 231 -17.53 9.41 -31.58
CA ALA A 231 -17.64 8.04 -32.08
C ALA A 231 -16.39 7.63 -32.82
N ALA A 232 -15.66 8.57 -33.39
CA ALA A 232 -14.41 8.25 -34.07
C ALA A 232 -13.36 7.82 -33.04
N ILE A 233 -13.43 8.42 -31.84
CA ILE A 233 -12.52 8.10 -30.74
C ILE A 233 -12.83 6.72 -30.12
N SER A 234 -14.10 6.46 -29.83
CA SER A 234 -14.51 5.20 -29.16
C SER A 234 -14.30 3.98 -30.06
N SER A 235 -14.45 4.19 -31.38
CA SER A 235 -14.30 3.15 -32.41
C SER A 235 -12.91 3.01 -33.01
N HIS A 236 -11.95 3.86 -32.61
CA HIS A 236 -10.62 3.84 -33.23
C HIS A 236 -9.85 2.54 -32.90
N MET A 237 -9.20 1.95 -33.89
CA MET A 237 -8.42 0.73 -33.67
C MET A 237 -7.09 1.00 -32.92
N ASP A 238 -6.70 2.26 -32.84
CA ASP A 238 -5.43 2.61 -32.22
C ASP A 238 -5.54 3.46 -30.96
N VAL A 239 -6.73 3.57 -30.41
CA VAL A 239 -6.92 4.21 -29.13
C VAL A 239 -7.05 3.08 -28.10
N ASP A 240 -6.24 3.16 -27.03
CA ASP A 240 -6.12 2.10 -26.03
C ASP A 240 -7.16 2.18 -24.92
N LYS A 241 -7.59 3.38 -24.58
CA LYS A 241 -8.57 3.54 -23.51
C LYS A 241 -9.43 4.74 -23.82
N VAL A 242 -10.73 4.64 -23.49
CA VAL A 242 -11.63 5.76 -23.49
C VAL A 242 -12.24 5.98 -22.10
N ALA A 243 -12.14 7.22 -21.61
CA ALA A 243 -12.72 7.62 -20.34
C ALA A 243 -13.82 8.62 -20.63
N PHE A 244 -15.07 8.20 -20.39
CA PHE A 244 -16.25 8.95 -20.77
C PHE A 244 -16.99 9.43 -19.54
N THR A 245 -17.26 10.72 -19.47
CA THR A 245 -18.26 11.29 -18.55
C THR A 245 -19.41 11.85 -19.37
N GLY A 246 -20.63 11.39 -19.11
CA GLY A 246 -21.79 11.96 -19.76
C GLY A 246 -23.10 11.25 -19.46
N SER A 247 -24.02 11.27 -20.41
CA SER A 247 -25.31 10.61 -20.23
C SER A 247 -25.22 9.06 -20.30
N THR A 248 -26.18 8.39 -19.67
CA THR A 248 -26.20 6.93 -19.57
C THR A 248 -26.37 6.26 -20.91
N GLU A 249 -27.29 6.75 -21.74
CA GLU A 249 -27.53 6.16 -23.05
C GLU A 249 -26.31 6.30 -23.94
N VAL A 250 -25.59 7.40 -23.81
CA VAL A 250 -24.37 7.58 -24.59
C VAL A 250 -23.24 6.68 -24.08
N GLY A 251 -23.15 6.48 -22.77
CA GLY A 251 -22.18 5.55 -22.19
C GLY A 251 -22.34 4.12 -22.70
N LYS A 252 -23.58 3.74 -22.99
CA LYS A 252 -23.88 2.41 -23.56
C LYS A 252 -23.40 2.31 -25.01
N MET A 253 -23.45 3.41 -25.73
CA MET A 253 -22.91 3.45 -27.09
C MET A 253 -21.38 3.32 -27.09
N ILE A 254 -20.74 4.09 -26.21
CA ILE A 254 -19.30 4.03 -26.02
C ILE A 254 -18.83 2.58 -25.83
N GLN A 255 -19.52 1.88 -24.93
CA GLN A 255 -19.12 0.53 -24.50
C GLN A 255 -19.19 -0.48 -25.65
N GLU A 256 -20.28 -0.41 -26.42
CA GLU A 256 -20.48 -1.24 -27.61
C GLU A 256 -19.47 -1.00 -28.73
N ALA A 257 -19.13 0.27 -28.96
CA ALA A 257 -18.16 0.65 -29.99
C ALA A 257 -16.75 0.19 -29.61
N ALA A 258 -16.43 0.27 -28.31
CA ALA A 258 -15.17 -0.26 -27.81
C ALA A 258 -15.06 -1.76 -28.12
N ALA A 259 -16.16 -2.47 -27.89
CA ALA A 259 -16.21 -3.92 -28.06
C ALA A 259 -16.07 -4.35 -29.52
N LYS A 260 -16.66 -3.58 -30.43
CA LYS A 260 -16.68 -3.92 -31.86
C LYS A 260 -15.39 -3.55 -32.59
N SER A 261 -14.58 -2.68 -31.98
CA SER A 261 -13.32 -2.22 -32.57
C SER A 261 -12.15 -3.03 -32.01
N ASN A 262 -11.58 -2.60 -30.89
CA ASN A 262 -10.33 -3.19 -30.38
C ASN A 262 -10.35 -3.59 -28.90
N LEU A 263 -11.54 -3.78 -28.33
CA LEU A 263 -11.71 -4.03 -26.89
C LEU A 263 -10.82 -3.15 -26.02
N LYS A 264 -10.91 -1.85 -26.24
CA LYS A 264 -10.10 -0.89 -25.51
C LYS A 264 -10.69 -0.70 -24.09
N ARG A 265 -9.85 -0.29 -23.15
CA ARG A 265 -10.28 -0.11 -21.76
C ARG A 265 -11.33 0.99 -21.66
N VAL A 266 -12.32 0.81 -20.79
CA VAL A 266 -13.42 1.77 -20.66
C VAL A 266 -13.69 2.12 -19.22
N THR A 267 -13.76 3.42 -18.98
CA THR A 267 -14.19 3.98 -17.71
C THR A 267 -15.41 4.84 -18.03
N LEU A 268 -16.41 4.80 -17.17
CA LEU A 268 -17.69 5.46 -17.43
C LEU A 268 -18.18 6.16 -16.18
N GLU A 269 -18.65 7.38 -16.35
CA GLU A 269 -19.19 8.21 -15.27
C GLU A 269 -20.50 8.83 -15.80
N LEU A 270 -21.61 8.27 -15.35
CA LEU A 270 -22.88 8.35 -16.06
C LEU A 270 -23.95 9.12 -15.27
N GLY A 271 -25.22 8.93 -15.60
CA GLY A 271 -26.31 9.68 -14.98
C GLY A 271 -26.47 9.42 -13.48
N ALA A 272 -27.10 10.36 -12.79
CA ALA A 272 -27.23 10.35 -11.32
C ALA A 272 -28.61 10.78 -10.88
N LYS A 273 -29.07 10.22 -9.77
CA LYS A 273 -30.27 10.69 -9.09
C LYS A 273 -30.00 10.51 -7.59
N ASN A 274 -29.31 11.48 -7.00
CA ASN A 274 -28.66 11.31 -5.70
C ASN A 274 -29.58 11.53 -4.49
N PRO A 275 -29.74 10.53 -3.62
CA PRO A 275 -30.54 10.71 -2.39
C PRO A 275 -29.79 11.40 -1.27
N CYS A 276 -30.56 11.98 -0.36
CA CYS A 276 -30.02 12.77 0.74
C CYS A 276 -30.98 12.62 1.93
N ILE A 277 -30.53 12.02 3.04
CA ILE A 277 -31.44 11.56 4.11
C ILE A 277 -31.23 12.37 5.36
N VAL A 278 -32.30 12.94 5.91
CA VAL A 278 -32.20 13.82 7.09
C VAL A 278 -33.06 13.28 8.24
N PHE A 279 -32.38 12.84 9.30
CA PHE A 279 -33.04 12.31 10.49
C PHE A 279 -33.38 13.44 11.44
N ALA A 280 -34.31 13.15 12.36
CA ALA A 280 -34.86 14.14 13.30
C ALA A 280 -33.82 14.75 14.24
N ASP A 281 -32.82 13.96 14.62
CA ASP A 281 -31.73 14.42 15.50
C ASP A 281 -30.56 15.13 14.79
N ALA A 282 -30.81 15.72 13.62
CA ALA A 282 -29.77 16.41 12.89
C ALA A 282 -29.80 17.89 13.27
N ASP A 283 -28.68 18.58 13.05
CA ASP A 283 -28.66 20.03 13.01
C ASP A 283 -29.48 20.46 11.80
N LEU A 284 -30.67 20.99 12.05
CA LEU A 284 -31.63 21.31 11.01
C LEU A 284 -31.23 22.54 10.19
N ASP A 285 -30.65 23.54 10.86
CA ASP A 285 -30.14 24.73 10.19
C ASP A 285 -29.09 24.36 9.15
N SER A 286 -28.07 23.63 9.60
CA SER A 286 -27.00 23.15 8.72
C SER A 286 -27.53 22.27 7.59
N ALA A 287 -28.51 21.41 7.89
CA ALA A 287 -28.99 20.41 6.93
C ALA A 287 -29.83 21.02 5.81
N VAL A 288 -30.74 21.91 6.18
CA VAL A 288 -31.52 22.69 5.21
C VAL A 288 -30.60 23.45 4.23
N GLU A 289 -29.56 24.11 4.76
CA GLU A 289 -28.65 24.91 3.93
C GLU A 289 -27.86 24.02 2.97
N PHE A 290 -27.30 22.91 3.46
CA PHE A 290 -26.48 22.00 2.65
C PHE A 290 -27.31 21.33 1.53
N ALA A 291 -28.52 20.88 1.84
CA ALA A 291 -29.41 20.26 0.84
C ALA A 291 -29.81 21.29 -0.20
N HIS A 292 -29.93 22.54 0.24
CA HIS A 292 -30.24 23.65 -0.65
C HIS A 292 -29.07 23.93 -1.62
N GLN A 293 -27.85 24.01 -1.10
CA GLN A 293 -26.65 24.13 -1.94
C GLN A 293 -26.58 22.99 -2.93
N GLY A 294 -26.88 21.80 -2.45
CA GLY A 294 -26.65 20.57 -3.20
C GLY A 294 -27.52 20.45 -4.42
N VAL A 295 -28.77 20.89 -4.31
CA VAL A 295 -29.68 20.85 -5.46
C VAL A 295 -29.54 22.11 -6.36
N PHE A 296 -29.40 23.29 -5.75
CA PHE A 296 -29.43 24.56 -6.50
C PHE A 296 -28.08 25.06 -6.99
N THR A 297 -27.02 24.27 -6.78
CA THR A 297 -25.68 24.66 -7.23
C THR A 297 -25.59 24.47 -8.74
N ASN A 298 -25.19 25.54 -9.42
CA ASN A 298 -25.06 25.57 -10.86
C ASN A 298 -26.40 25.36 -11.59
N GLN A 299 -27.45 26.00 -11.08
CA GLN A 299 -28.80 25.87 -11.66
C GLN A 299 -29.24 24.39 -11.74
N GLY A 300 -28.75 23.57 -10.81
CA GLY A 300 -29.04 22.13 -10.81
C GLY A 300 -28.27 21.28 -11.81
N GLN A 301 -27.33 21.90 -12.51
CA GLN A 301 -26.61 21.26 -13.60
C GLN A 301 -25.31 20.67 -13.08
N SER A 302 -25.45 19.68 -12.22
CA SER A 302 -24.33 19.02 -11.58
C SER A 302 -24.71 17.57 -11.34
N CYS A 303 -23.83 16.66 -11.72
CA CYS A 303 -24.07 15.24 -11.53
C CYS A 303 -24.14 14.86 -10.06
N ILE A 304 -23.39 15.56 -9.21
CA ILE A 304 -23.42 15.28 -7.76
C ILE A 304 -24.52 16.04 -6.99
N ALA A 305 -25.49 16.58 -7.73
CA ALA A 305 -26.58 17.36 -7.16
C ALA A 305 -27.57 16.50 -6.38
N ALA A 306 -28.01 16.99 -5.23
CA ALA A 306 -29.09 16.35 -4.49
C ALA A 306 -30.45 16.56 -5.20
N SER A 307 -31.21 15.48 -5.36
CA SER A 307 -32.51 15.54 -6.05
C SER A 307 -33.61 14.74 -5.37
N LYS A 308 -33.22 13.87 -4.44
CA LYS A 308 -34.16 13.15 -3.62
C LYS A 308 -33.82 13.52 -2.17
N LEU A 309 -34.67 14.31 -1.53
CA LEU A 309 -34.50 14.65 -0.12
C LEU A 309 -35.45 13.83 0.74
N PHE A 310 -34.98 12.72 1.30
CA PHE A 310 -35.78 11.97 2.25
C PHE A 310 -35.62 12.63 3.64
N VAL A 311 -36.71 13.19 4.17
CA VAL A 311 -36.73 13.90 5.47
C VAL A 311 -37.66 13.18 6.48
N GLU A 312 -37.16 12.94 7.70
CA GLU A 312 -37.93 12.23 8.73
C GLU A 312 -39.18 13.02 9.11
N GLU A 313 -40.26 12.31 9.37
CA GLU A 313 -41.59 12.91 9.44
C GLU A 313 -41.72 13.97 10.56
N ALA A 314 -41.11 13.75 11.72
CA ALA A 314 -41.25 14.69 12.84
C ALA A 314 -40.64 16.08 12.60
N ILE A 315 -39.66 16.20 11.71
CA ILE A 315 -39.13 17.53 11.35
C ILE A 315 -39.56 17.99 9.96
N TYR A 316 -40.44 17.24 9.31
CA TYR A 316 -40.71 17.41 7.87
C TYR A 316 -41.34 18.73 7.50
N ASP A 317 -42.39 19.12 8.23
CA ASP A 317 -43.13 20.34 7.91
C ASP A 317 -42.21 21.53 8.08
N GLU A 318 -41.51 21.58 9.20
CA GLU A 318 -40.51 22.66 9.44
C GLU A 318 -39.44 22.76 8.36
N PHE A 319 -38.97 21.61 7.86
CA PHE A 319 -37.92 21.54 6.85
C PHE A 319 -38.40 22.07 5.50
N VAL A 320 -39.66 21.78 5.16
CA VAL A 320 -40.29 22.29 3.93
C VAL A 320 -40.51 23.80 4.02
N GLN A 321 -40.91 24.32 5.19
CA GLN A 321 -41.11 25.76 5.39
C GLN A 321 -39.77 26.50 5.27
N ARG A 322 -38.77 26.02 6.01
CA ARG A 322 -37.43 26.62 5.96
C ARG A 322 -36.78 26.54 4.59
N SER A 323 -37.11 25.50 3.82
CA SER A 323 -36.50 25.29 2.49
C SER A 323 -37.08 26.22 1.44
N VAL A 324 -38.37 26.53 1.59
CA VAL A 324 -39.07 27.44 0.68
C VAL A 324 -38.61 28.88 0.91
N GLU A 325 -38.36 29.22 2.17
CA GLU A 325 -37.84 30.52 2.59
C GLU A 325 -36.42 30.80 2.06
N ARG A 326 -35.55 29.80 2.16
CA ARG A 326 -34.19 29.90 1.64
C ARG A 326 -34.23 30.05 0.12
N ALA A 327 -35.22 29.44 -0.53
CA ALA A 327 -35.32 29.45 -1.99
C ALA A 327 -35.71 30.79 -2.65
N LYS A 328 -36.21 31.73 -1.87
CA LYS A 328 -36.57 33.05 -2.41
C LYS A 328 -35.43 34.07 -2.30
N LYS A 329 -34.31 33.68 -1.70
CA LYS A 329 -33.11 34.53 -1.64
C LYS A 329 -32.23 34.40 -2.90
N TYR A 330 -32.82 34.74 -4.06
CA TYR A 330 -32.13 34.63 -5.35
C TYR A 330 -32.36 35.86 -6.24
N VAL A 331 -31.56 35.97 -7.31
CA VAL A 331 -31.59 37.13 -8.22
C VAL A 331 -31.03 36.69 -9.57
N PHE A 332 -31.87 36.53 -10.58
CA PHE A 332 -31.40 36.02 -11.87
C PHE A 332 -30.72 37.12 -12.67
N GLY A 333 -30.17 36.75 -13.84
CA GLY A 333 -29.56 37.69 -14.75
C GLY A 333 -28.22 37.23 -15.31
N ASN A 334 -27.56 38.12 -16.04
CA ASN A 334 -26.26 37.79 -16.62
C ASN A 334 -25.31 37.37 -15.48
N PRO A 335 -24.80 36.14 -15.52
CA PRO A 335 -23.89 35.65 -14.47
C PRO A 335 -22.59 36.45 -14.28
N LEU A 336 -22.25 37.36 -15.19
CA LEU A 336 -21.15 38.29 -14.98
C LEU A 336 -21.55 39.52 -14.17
N THR A 337 -22.83 39.69 -13.88
CA THR A 337 -23.34 40.86 -13.15
C THR A 337 -23.10 40.70 -11.65
N PRO A 338 -22.47 41.72 -11.03
CA PRO A 338 -22.41 41.81 -9.56
C PRO A 338 -23.79 41.77 -8.91
N GLY A 339 -23.94 40.87 -7.93
CA GLY A 339 -25.21 40.69 -7.24
C GLY A 339 -25.94 39.43 -7.66
N VAL A 340 -25.90 39.10 -8.95
CA VAL A 340 -26.57 37.90 -9.46
C VAL A 340 -25.97 36.64 -8.85
N ASN A 341 -26.84 35.74 -8.40
CA ASN A 341 -26.45 34.42 -7.89
C ASN A 341 -27.26 33.25 -8.48
N HIS A 342 -28.01 33.54 -9.56
CA HIS A 342 -28.77 32.53 -10.30
C HIS A 342 -28.59 32.76 -11.80
N GLY A 343 -27.93 31.81 -12.47
CA GLY A 343 -27.70 31.88 -13.91
C GLY A 343 -28.79 31.20 -14.72
N PRO A 344 -28.58 31.09 -16.04
CA PRO A 344 -29.46 30.31 -16.91
C PRO A 344 -29.00 28.87 -17.07
N GLN A 345 -29.78 28.10 -17.85
CA GLN A 345 -29.50 26.73 -18.23
C GLN A 345 -28.84 26.74 -19.63
N ILE A 346 -28.12 25.67 -19.95
CA ILE A 346 -27.17 25.66 -21.07
C ILE A 346 -27.76 25.97 -22.47
N ASN A 347 -28.94 25.43 -22.78
CA ASN A 347 -29.58 25.67 -24.07
C ASN A 347 -31.09 25.37 -24.06
N LYS A 348 -31.76 25.54 -25.20
CA LYS A 348 -33.20 25.31 -25.28
C LYS A 348 -33.58 23.83 -25.11
N ALA A 349 -32.83 22.91 -25.73
CA ALA A 349 -33.15 21.47 -25.62
C ALA A 349 -33.24 20.98 -24.16
N GLN A 350 -32.43 21.59 -23.28
CA GLN A 350 -32.39 21.25 -21.86
C GLN A 350 -33.42 22.03 -21.07
N HIS A 351 -33.71 23.24 -21.52
CA HIS A 351 -34.74 24.08 -20.93
C HIS A 351 -36.11 23.45 -21.14
N ASN A 352 -36.30 22.84 -22.31
CA ASN A 352 -37.53 22.13 -22.68
C ASN A 352 -37.67 20.85 -21.86
N LYS A 353 -36.56 20.16 -21.63
CA LYS A 353 -36.57 18.88 -20.89
C LYS A 353 -36.91 19.07 -19.39
N ILE A 354 -36.49 20.20 -18.82
CA ILE A 354 -36.70 20.51 -17.40
C ILE A 354 -38.13 20.95 -17.19
N MET A 355 -38.66 21.73 -18.14
CA MET A 355 -40.05 22.18 -18.09
C MET A 355 -41.03 21.02 -18.27
N GLU A 356 -40.64 20.01 -19.05
CA GLU A 356 -41.50 18.84 -19.30
C GLU A 356 -41.56 17.90 -18.09
N LEU A 357 -40.51 17.93 -17.25
CA LEU A 357 -40.50 17.16 -16.01
C LEU A 357 -41.22 17.95 -14.92
N ILE A 358 -41.07 19.27 -14.94
CA ILE A 358 -41.72 20.13 -13.96
C ILE A 358 -43.23 20.00 -14.04
N GLU A 359 -43.75 19.89 -15.26
CA GLU A 359 -45.18 19.80 -15.51
C GLU A 359 -45.73 18.44 -15.11
N SER A 360 -44.92 17.39 -15.32
CA SER A 360 -45.26 16.07 -14.80
C SER A 360 -45.46 16.13 -13.28
N GLY A 361 -44.66 16.96 -12.59
CA GLY A 361 -44.79 17.16 -11.16
C GLY A 361 -46.15 17.72 -10.74
N LYS A 362 -46.59 18.78 -11.43
CA LYS A 362 -47.93 19.35 -11.22
C LYS A 362 -48.99 18.31 -11.50
N LYS A 363 -48.83 17.60 -12.61
CA LYS A 363 -49.82 16.66 -13.11
C LYS A 363 -49.95 15.38 -12.28
N GLU A 364 -48.88 14.95 -11.62
CA GLU A 364 -48.87 13.64 -10.96
C GLU A 364 -49.19 13.71 -9.45
N GLY A 365 -49.42 14.92 -8.93
CA GLY A 365 -49.92 15.09 -7.58
C GLY A 365 -48.99 15.73 -6.57
N ALA A 366 -47.73 15.93 -6.92
CA ALA A 366 -46.84 16.69 -6.05
C ALA A 366 -47.42 18.08 -5.92
N LYS A 367 -47.18 18.72 -4.77
CA LYS A 367 -47.63 20.10 -4.59
C LYS A 367 -46.48 21.09 -4.76
N LEU A 368 -46.72 22.08 -5.59
CA LEU A 368 -45.77 23.12 -5.91
C LEU A 368 -45.77 24.11 -4.76
N GLU A 369 -44.60 24.31 -4.15
CA GLU A 369 -44.45 25.27 -3.06
C GLU A 369 -43.97 26.61 -3.61
N CYS A 370 -43.03 26.58 -4.56
CA CYS A 370 -42.60 27.79 -5.25
C CYS A 370 -42.11 27.50 -6.67
N GLY A 371 -42.02 28.57 -7.46
CA GLY A 371 -41.50 28.50 -8.81
C GLY A 371 -42.42 27.71 -9.72
N GLY A 372 -41.81 26.92 -10.61
CA GLY A 372 -42.52 26.06 -11.53
C GLY A 372 -42.63 26.59 -12.94
N GLY A 373 -41.96 27.71 -13.23
CA GLY A 373 -42.06 28.34 -14.53
C GLY A 373 -40.79 28.99 -15.06
N PRO A 374 -40.87 29.58 -16.25
CA PRO A 374 -39.70 30.20 -16.90
C PRO A 374 -39.39 31.59 -16.33
N TRP A 375 -38.20 32.12 -16.62
CA TRP A 375 -37.80 33.44 -16.10
C TRP A 375 -37.25 34.33 -17.22
N GLY A 376 -37.54 35.63 -17.13
CA GLY A 376 -37.09 36.60 -18.11
C GLY A 376 -37.56 36.45 -19.55
N ASN A 377 -36.96 37.27 -20.41
CA ASN A 377 -37.30 37.42 -21.82
C ASN A 377 -36.31 36.67 -22.73
N LYS A 378 -35.02 36.89 -22.44
CA LYS A 378 -33.91 36.31 -23.18
C LYS A 378 -33.19 35.28 -22.31
N GLY A 379 -32.53 34.32 -22.94
CA GLY A 379 -31.82 33.29 -22.21
C GLY A 379 -32.74 32.27 -21.56
N TYR A 380 -32.14 31.15 -21.17
CA TYR A 380 -32.91 29.97 -20.75
C TYR A 380 -32.94 29.86 -19.24
N PHE A 381 -33.72 30.73 -18.61
CA PHE A 381 -33.82 30.76 -17.16
C PHE A 381 -35.04 29.96 -16.66
N ILE A 382 -34.88 29.34 -15.49
CA ILE A 382 -35.96 28.67 -14.80
C ILE A 382 -35.93 29.01 -13.30
N GLN A 383 -37.11 29.12 -12.70
CA GLN A 383 -37.26 29.58 -11.32
C GLN A 383 -36.89 28.47 -10.36
N PRO A 384 -36.19 28.80 -9.28
CA PRO A 384 -35.96 27.84 -8.21
C PRO A 384 -37.28 27.22 -7.80
N THR A 385 -37.46 25.94 -8.18
CA THR A 385 -38.69 25.22 -7.91
C THR A 385 -38.53 24.22 -6.76
N VAL A 386 -39.51 24.21 -5.86
CA VAL A 386 -39.57 23.23 -4.79
C VAL A 386 -40.91 22.48 -4.86
N PHE A 387 -40.85 21.16 -4.69
CA PHE A 387 -42.03 20.32 -4.61
C PHE A 387 -42.09 19.61 -3.24
N SER A 388 -43.24 19.65 -2.58
CA SER A 388 -43.57 18.83 -1.39
C SER A 388 -44.31 17.57 -1.82
N ASN A 389 -44.57 16.70 -0.84
CA ASN A 389 -45.40 15.51 -1.00
C ASN A 389 -45.03 14.56 -2.14
N VAL A 390 -43.75 14.54 -2.48
CA VAL A 390 -43.26 13.71 -3.57
C VAL A 390 -43.16 12.24 -3.12
N THR A 391 -43.55 11.32 -4.01
CA THR A 391 -43.55 9.87 -3.74
C THR A 391 -42.73 9.10 -4.78
N ASP A 392 -42.34 7.86 -4.47
CA ASP A 392 -41.38 7.10 -5.28
C ASP A 392 -41.80 6.82 -6.74
N ASP A 393 -43.11 6.84 -7.00
CA ASP A 393 -43.68 6.49 -8.30
C ASP A 393 -43.66 7.61 -9.34
N MET A 394 -43.53 8.85 -8.89
CA MET A 394 -43.56 10.03 -9.77
C MET A 394 -42.29 10.10 -10.63
N ARG A 395 -42.45 10.59 -11.85
CA ARG A 395 -41.33 10.80 -12.78
C ARG A 395 -40.23 11.70 -12.17
N ILE A 396 -40.64 12.69 -11.37
CA ILE A 396 -39.68 13.64 -10.81
C ILE A 396 -38.79 13.04 -9.70
N ALA A 397 -39.19 11.87 -9.19
CA ALA A 397 -38.40 11.11 -8.22
C ALA A 397 -37.55 10.01 -8.87
N LYS A 398 -37.79 9.75 -10.16
CA LYS A 398 -37.11 8.67 -10.91
C LYS A 398 -36.06 9.13 -11.95
N GLU A 399 -36.36 10.21 -12.65
CA GLU A 399 -35.55 10.69 -13.79
C GLU A 399 -34.66 11.90 -13.41
N GLU A 400 -33.42 11.88 -13.89
CA GLU A 400 -32.49 12.97 -13.63
C GLU A 400 -32.97 14.24 -14.32
N ILE A 401 -33.22 15.29 -13.54
CA ILE A 401 -33.80 16.53 -14.04
C ILE A 401 -32.75 17.51 -14.55
N PHE A 402 -31.59 17.55 -13.90
CA PHE A 402 -30.47 18.42 -14.29
C PHE A 402 -30.91 19.91 -14.31
N GLY A 403 -31.74 20.28 -13.33
CA GLY A 403 -32.34 21.61 -13.28
C GLY A 403 -32.60 22.04 -11.84
N PRO A 404 -33.04 23.29 -11.63
CA PRO A 404 -33.18 23.84 -10.27
C PRO A 404 -34.50 23.44 -9.61
N VAL A 405 -34.63 22.13 -9.35
CA VAL A 405 -35.89 21.52 -8.93
C VAL A 405 -35.64 20.56 -7.74
N GLN A 406 -36.14 20.95 -6.57
CA GLN A 406 -36.00 20.20 -5.33
C GLN A 406 -37.23 19.28 -5.11
N GLN A 407 -36.97 18.05 -4.70
CA GLN A 407 -38.01 17.06 -4.38
C GLN A 407 -37.92 16.75 -2.89
N ILE A 408 -38.98 17.01 -2.13
CA ILE A 408 -38.97 16.71 -0.70
C ILE A 408 -39.93 15.56 -0.38
N MET A 409 -39.34 14.45 0.05
CA MET A 409 -40.04 13.19 0.27
C MET A 409 -40.08 12.87 1.75
N LYS A 410 -41.05 12.09 2.17
CA LYS A 410 -41.23 11.78 3.58
C LYS A 410 -40.79 10.35 3.87
N PHE A 411 -40.18 10.11 5.02
CA PHE A 411 -39.95 8.74 5.50
C PHE A 411 -40.24 8.62 6.99
N LYS A 412 -40.58 7.39 7.41
CA LYS A 412 -41.01 7.11 8.79
C LYS A 412 -40.08 6.15 9.54
N SER A 413 -39.30 5.34 8.84
CA SER A 413 -38.34 4.46 9.51
C SER A 413 -36.98 4.34 8.81
N LEU A 414 -35.98 3.97 9.60
CA LEU A 414 -34.61 3.83 9.14
C LEU A 414 -34.48 2.70 8.10
N ASP A 415 -35.06 1.52 8.38
CA ASP A 415 -34.89 0.36 7.49
C ASP A 415 -35.53 0.63 6.14
N GLU A 416 -36.71 1.25 6.19
CA GLU A 416 -37.51 1.52 4.99
C GLU A 416 -36.85 2.55 4.09
N VAL A 417 -36.22 3.57 4.66
CA VAL A 417 -35.64 4.66 3.87
C VAL A 417 -34.31 4.26 3.21
N ILE A 418 -33.50 3.45 3.90
CA ILE A 418 -32.32 2.85 3.26
C ILE A 418 -32.77 2.07 2.04
N LYS A 419 -33.77 1.21 2.25
CA LYS A 419 -34.42 0.40 1.19
C LYS A 419 -34.83 1.22 -0.02
N ARG A 420 -35.52 2.32 0.25
CA ARG A 420 -36.03 3.20 -0.78
C ARG A 420 -34.95 4.04 -1.48
N ALA A 421 -33.91 4.45 -0.78
CA ALA A 421 -32.81 5.19 -1.41
C ALA A 421 -31.98 4.27 -2.33
N ASN A 422 -31.96 2.97 -2.00
CA ASN A 422 -31.15 1.99 -2.73
C ASN A 422 -31.87 1.40 -3.93
N ASN A 423 -33.19 1.52 -3.96
CA ASN A 423 -34.02 0.92 -5.01
C ASN A 423 -34.08 1.80 -6.24
N THR A 424 -33.00 1.70 -7.03
CA THR A 424 -32.70 2.61 -8.15
C THR A 424 -31.49 2.02 -8.90
N TYR A 425 -31.42 2.29 -10.20
CA TYR A 425 -30.28 1.85 -11.00
C TYR A 425 -29.13 2.88 -10.98
N TYR A 426 -29.37 4.05 -10.38
CA TYR A 426 -28.34 5.05 -10.09
C TYR A 426 -27.60 4.82 -8.75
N GLY A 427 -26.48 5.50 -8.63
CA GLY A 427 -25.66 5.44 -7.44
C GLY A 427 -24.34 6.20 -7.53
N LEU A 428 -24.40 7.49 -7.85
CA LEU A 428 -23.18 8.29 -7.92
C LEU A 428 -22.81 8.79 -6.53
N VAL A 429 -23.76 9.46 -5.89
CA VAL A 429 -23.52 10.13 -4.61
C VAL A 429 -24.73 10.02 -3.68
N ALA A 430 -24.50 10.14 -2.39
CA ALA A 430 -25.58 10.18 -1.39
C ALA A 430 -25.14 10.98 -0.18
N GLY A 431 -26.11 11.47 0.60
CA GLY A 431 -25.85 12.22 1.83
C GLY A 431 -26.74 11.82 3.01
N VAL A 432 -26.20 11.97 4.22
CA VAL A 432 -26.82 11.50 5.47
C VAL A 432 -26.56 12.52 6.56
N PHE A 433 -27.63 12.99 7.19
CA PHE A 433 -27.56 14.02 8.22
C PHE A 433 -28.11 13.50 9.54
N THR A 434 -27.21 13.25 10.47
CA THR A 434 -27.55 12.82 11.82
C THR A 434 -26.36 13.08 12.73
N LYS A 435 -26.60 13.23 14.03
CA LYS A 435 -25.49 13.45 14.95
C LYS A 435 -25.23 12.27 15.88
N ASP A 436 -25.95 11.17 15.63
CA ASP A 436 -25.76 9.92 16.31
C ASP A 436 -24.64 9.19 15.60
N LEU A 437 -23.65 8.71 16.35
CA LEU A 437 -22.48 8.03 15.80
C LEU A 437 -22.91 6.78 15.05
N ASP A 438 -23.70 5.96 15.71
CA ASP A 438 -24.13 4.66 15.16
C ASP A 438 -24.94 4.78 13.86
N LYS A 439 -25.90 5.70 13.82
CA LYS A 439 -26.64 5.96 12.60
C LYS A 439 -25.72 6.44 11.49
N ALA A 440 -24.79 7.33 11.81
CA ALA A 440 -23.90 7.89 10.79
C ALA A 440 -23.05 6.81 10.10
N VAL A 441 -22.54 5.87 10.89
CA VAL A 441 -21.66 4.83 10.39
C VAL A 441 -22.48 3.73 9.70
N THR A 442 -23.49 3.20 10.35
CA THR A 442 -24.25 2.09 9.75
C THR A 442 -25.03 2.47 8.47
N VAL A 443 -25.56 3.68 8.41
CA VAL A 443 -26.34 4.11 7.24
C VAL A 443 -25.45 4.40 6.03
N SER A 444 -24.32 5.08 6.23
CA SER A 444 -23.36 5.35 5.13
C SER A 444 -22.72 4.06 4.57
N SER A 445 -22.55 3.04 5.41
CA SER A 445 -22.15 1.70 4.96
C SER A 445 -23.25 0.95 4.15
N ALA A 446 -24.51 1.20 4.48
CA ALA A 446 -25.64 0.54 3.82
C ALA A 446 -26.05 1.17 2.47
N LEU A 447 -25.68 2.44 2.23
CA LEU A 447 -26.09 3.13 1.00
C LEU A 447 -25.22 2.67 -0.20
N GLN A 448 -25.89 2.43 -1.33
CA GLN A 448 -25.23 1.92 -2.53
C GLN A 448 -24.82 3.07 -3.45
N ALA A 449 -23.77 3.76 -3.05
CA ALA A 449 -23.28 4.93 -3.78
C ALA A 449 -21.77 5.03 -3.59
N GLY A 450 -21.07 5.60 -4.57
CA GLY A 450 -19.63 5.71 -4.51
C GLY A 450 -19.06 6.73 -3.54
N THR A 451 -19.83 7.77 -3.26
CA THR A 451 -19.50 8.74 -2.23
C THR A 451 -20.69 8.99 -1.31
N VAL A 452 -20.48 8.95 0.00
CA VAL A 452 -21.50 9.34 0.96
C VAL A 452 -20.97 10.45 1.83
N TRP A 453 -21.74 11.53 1.95
CA TRP A 453 -21.35 12.71 2.69
C TRP A 453 -22.18 12.75 3.99
N VAL A 454 -21.52 12.93 5.13
CA VAL A 454 -22.22 12.91 6.41
C VAL A 454 -22.17 14.31 7.00
N ASN A 455 -23.34 14.86 7.31
CA ASN A 455 -23.52 16.22 7.85
C ASN A 455 -22.89 17.29 6.98
N CYS A 456 -22.79 17.00 5.68
CA CYS A 456 -22.32 17.98 4.73
C CYS A 456 -22.80 17.57 3.35
N TYR A 457 -22.49 18.40 2.36
CA TYR A 457 -22.76 18.06 0.98
C TYR A 457 -21.84 18.84 0.03
N LEU A 458 -21.67 18.35 -1.19
CA LEU A 458 -20.77 18.99 -2.16
C LEU A 458 -19.37 19.20 -1.58
N ALA A 459 -18.88 18.21 -0.82
CA ALA A 459 -17.62 18.30 -0.10
C ALA A 459 -16.57 17.36 -0.71
N ALA A 460 -16.40 17.46 -2.02
CA ALA A 460 -15.41 16.68 -2.75
C ALA A 460 -14.00 17.26 -2.59
N SER A 461 -13.01 16.38 -2.60
CA SER A 461 -11.62 16.83 -2.60
C SER A 461 -10.76 16.02 -3.59
N ALA A 462 -9.69 16.66 -4.04
CA ALA A 462 -8.72 16.00 -4.91
C ALA A 462 -8.21 14.65 -4.34
N GLN A 463 -8.14 14.54 -3.02
CA GLN A 463 -7.53 13.39 -2.33
C GLN A 463 -8.42 12.14 -2.20
N SER A 464 -9.72 12.28 -2.49
CA SER A 464 -10.69 11.18 -2.43
C SER A 464 -11.09 10.67 -3.81
N PRO A 465 -11.30 9.36 -3.93
CA PRO A 465 -11.79 8.77 -5.18
C PRO A 465 -13.33 8.85 -5.30
N ALA A 466 -13.82 8.86 -6.53
CA ALA A 466 -15.22 9.18 -6.80
C ALA A 466 -15.72 8.50 -8.08
N GLY A 467 -16.98 8.06 -8.06
CA GLY A 467 -17.55 7.35 -9.19
C GLY A 467 -18.78 6.55 -8.82
N GLY A 468 -19.37 5.89 -9.81
CA GLY A 468 -20.68 5.32 -9.66
C GLY A 468 -20.73 3.88 -9.23
N PHE A 469 -21.81 3.55 -8.52
CA PHE A 469 -22.25 2.19 -8.29
C PHE A 469 -23.24 1.92 -9.43
N LYS A 470 -23.46 0.64 -9.75
CA LYS A 470 -24.48 0.22 -10.75
C LYS A 470 -24.41 1.04 -12.05
N MET A 471 -25.55 1.55 -12.54
CA MET A 471 -25.62 2.24 -13.82
C MET A 471 -25.22 3.72 -13.78
N SER A 472 -24.69 4.20 -12.66
CA SER A 472 -24.08 5.52 -12.59
C SER A 472 -22.61 5.47 -13.06
N GLY A 473 -22.16 4.28 -13.46
CA GLY A 473 -20.86 4.15 -14.09
C GLY A 473 -20.05 3.06 -13.42
N HIS A 474 -18.84 2.84 -13.94
CA HIS A 474 -17.84 2.05 -13.24
C HIS A 474 -16.47 2.71 -13.41
N GLY A 475 -15.60 2.52 -12.44
CA GLY A 475 -14.31 3.19 -12.42
C GLY A 475 -14.34 4.38 -11.48
N ARG A 476 -13.18 4.79 -11.01
CA ARG A 476 -13.06 5.88 -10.05
C ARG A 476 -12.06 6.90 -10.57
N GLU A 477 -12.31 8.16 -10.21
CA GLU A 477 -11.45 9.28 -10.60
C GLU A 477 -10.94 9.99 -9.34
N MET A 478 -9.67 10.40 -9.40
CA MET A 478 -8.98 11.11 -8.31
C MET A 478 -8.67 10.24 -7.06
N GLY A 479 -7.90 10.77 -6.12
CA GLY A 479 -7.36 10.00 -5.01
C GLY A 479 -6.24 9.07 -5.50
N GLU A 480 -5.65 8.32 -4.58
CA GLU A 480 -4.68 7.28 -4.95
C GLU A 480 -5.31 6.35 -5.98
N TYR A 481 -6.43 5.75 -5.61
CA TYR A 481 -7.07 4.69 -6.41
C TYR A 481 -7.42 5.15 -7.85
N GLY A 482 -8.01 6.32 -8.00
CA GLY A 482 -8.39 6.85 -9.30
C GLY A 482 -7.23 7.16 -10.23
N ILE A 483 -6.14 7.67 -9.67
CA ILE A 483 -4.90 7.94 -10.41
C ILE A 483 -4.38 6.61 -10.97
N HIS A 484 -4.37 5.59 -10.14
CA HIS A 484 -3.82 4.28 -10.52
C HIS A 484 -4.65 3.51 -11.58
N GLU A 485 -5.84 4.02 -11.92
CA GLU A 485 -6.65 3.45 -13.00
C GLU A 485 -6.26 3.87 -14.43
N TYR A 486 -5.22 4.70 -14.57
CA TYR A 486 -4.67 5.07 -15.87
C TYR A 486 -3.30 4.37 -16.09
N THR A 487 -3.08 3.31 -15.32
CA THR A 487 -1.93 2.44 -15.52
C THR A 487 -2.39 1.07 -15.98
N GLU A 488 -1.45 0.32 -16.54
CA GLU A 488 -1.59 -1.07 -16.95
C GLU A 488 -0.49 -1.85 -16.21
N VAL A 489 -0.84 -2.99 -15.61
CA VAL A 489 0.07 -3.76 -14.78
C VAL A 489 0.81 -4.82 -15.63
N LYS A 490 2.11 -4.93 -15.43
CA LYS A 490 2.96 -5.92 -16.07
C LYS A 490 3.78 -6.67 -15.01
N THR A 491 3.68 -7.99 -15.00
CA THR A 491 4.52 -8.85 -14.17
C THR A 491 5.74 -9.31 -14.96
N VAL A 492 6.93 -9.12 -14.42
CA VAL A 492 8.15 -9.78 -14.90
C VAL A 492 8.59 -10.79 -13.85
N THR A 493 8.86 -12.01 -14.28
CA THR A 493 9.31 -13.05 -13.38
C THR A 493 10.55 -13.69 -14.03
N MET A 494 11.67 -13.66 -13.30
CA MET A 494 13.00 -14.01 -13.81
C MET A 494 13.54 -15.18 -13.03
N LYS A 495 14.01 -16.21 -13.72
CA LYS A 495 14.71 -17.32 -13.08
C LYS A 495 16.01 -16.83 -12.40
N ILE A 496 16.23 -17.32 -11.19
CA ILE A 496 17.49 -17.13 -10.46
C ILE A 496 18.00 -18.47 -9.93
N SER A 497 19.30 -18.54 -9.65
CA SER A 497 19.99 -19.80 -9.36
C SER A 497 19.82 -20.28 -7.90
N GLU A 498 19.63 -19.33 -7.00
CA GLU A 498 19.27 -19.59 -5.60
C GLU A 498 18.31 -18.46 -5.17
N LYS A 499 17.38 -18.80 -4.27
CA LYS A 499 16.47 -17.85 -3.63
C LYS A 499 16.65 -17.93 -2.10
N ASN A 500 16.82 -16.78 -1.46
CA ASN A 500 16.88 -16.61 -0.01
C ASN A 500 15.91 -15.50 0.41
N SER A 501 15.19 -15.68 1.51
CA SER A 501 14.11 -14.76 1.89
C SER A 501 14.57 -13.30 2.03
N ASP B 8 4.44 -38.32 -3.20
CA ASP B 8 4.45 -37.50 -4.46
C ASP B 8 3.29 -37.86 -5.43
N LEU B 9 3.21 -39.12 -5.90
CA LEU B 9 2.30 -39.50 -7.00
C LEU B 9 1.67 -40.90 -6.92
N PRO B 10 0.37 -41.02 -6.59
CA PRO B 10 -0.28 -42.33 -6.56
C PRO B 10 -0.75 -42.82 -7.94
N ALA B 11 -1.38 -43.99 -7.96
CA ALA B 11 -1.93 -44.55 -9.18
C ALA B 11 -3.36 -44.05 -9.35
N PRO B 12 -3.76 -43.76 -10.59
CA PRO B 12 -5.10 -43.24 -10.85
C PRO B 12 -6.16 -44.24 -10.44
N LEU B 13 -7.35 -43.75 -10.12
CA LEU B 13 -8.47 -44.63 -9.79
C LEU B 13 -8.94 -45.32 -11.07
N THR B 14 -8.98 -46.66 -11.05
CA THR B 14 -9.14 -47.44 -12.30
C THR B 14 -10.58 -47.45 -12.86
N ASN B 15 -11.57 -47.28 -12.00
CA ASN B 15 -12.99 -47.42 -12.39
C ASN B 15 -13.88 -46.38 -11.68
N ILE B 16 -13.41 -45.13 -11.64
CA ILE B 16 -14.15 -44.01 -11.01
C ILE B 16 -15.63 -43.98 -11.43
N LYS B 17 -16.51 -43.66 -10.51
CA LYS B 17 -17.94 -43.58 -10.80
C LYS B 17 -18.49 -42.15 -10.66
N ILE B 18 -19.08 -41.64 -11.73
CA ILE B 18 -19.59 -40.28 -11.72
C ILE B 18 -20.70 -40.20 -10.67
N GLN B 19 -20.55 -39.25 -9.74
CA GLN B 19 -21.48 -39.10 -8.59
C GLN B 19 -22.46 -37.94 -8.79
N HIS B 20 -21.92 -36.79 -9.18
CA HIS B 20 -22.65 -35.53 -9.14
C HIS B 20 -22.83 -35.00 -10.57
N THR B 21 -24.11 -34.86 -10.98
CA THR B 21 -24.48 -34.39 -12.32
C THR B 21 -25.61 -33.34 -12.34
N LYS B 22 -26.10 -32.91 -11.19
CA LYS B 22 -27.19 -31.93 -11.14
C LYS B 22 -26.68 -30.50 -10.95
N LEU B 23 -27.57 -29.54 -11.15
CA LEU B 23 -27.29 -28.14 -10.89
C LEU B 23 -27.21 -27.93 -9.39
N PHE B 24 -26.29 -27.08 -8.95
CA PHE B 24 -26.08 -26.79 -7.53
C PHE B 24 -26.52 -25.37 -7.19
N ILE B 25 -27.72 -25.25 -6.58
CA ILE B 25 -28.31 -23.95 -6.20
C ILE B 25 -28.75 -23.97 -4.73
N ASN B 26 -28.42 -22.92 -3.98
CA ASN B 26 -28.79 -22.82 -2.57
C ASN B 26 -28.37 -24.04 -1.72
N ASN B 27 -27.21 -24.60 -2.06
CA ASN B 27 -26.62 -25.76 -1.36
C ASN B 27 -27.42 -27.05 -1.54
N GLU B 28 -28.15 -27.13 -2.65
CA GLU B 28 -28.96 -28.29 -2.98
C GLU B 28 -28.82 -28.65 -4.47
N TRP B 29 -29.10 -29.91 -4.77
CA TRP B 29 -29.03 -30.44 -6.11
C TRP B 29 -30.39 -30.29 -6.81
N HIS B 30 -30.43 -29.60 -7.95
CA HIS B 30 -31.66 -29.34 -8.69
C HIS B 30 -31.60 -29.91 -10.08
N GLU B 31 -32.74 -30.46 -10.51
CA GLU B 31 -32.95 -30.82 -11.89
C GLU B 31 -33.20 -29.53 -12.66
N SER B 32 -32.96 -29.54 -13.96
CA SER B 32 -33.22 -28.36 -14.79
C SER B 32 -34.71 -28.19 -14.92
N VAL B 33 -35.14 -26.98 -15.26
CA VAL B 33 -36.56 -26.69 -15.36
C VAL B 33 -37.15 -27.42 -16.59
N SER B 34 -36.44 -27.36 -17.73
CA SER B 34 -36.94 -27.98 -18.98
C SER B 34 -36.95 -29.51 -18.98
N GLY B 35 -36.19 -30.10 -18.05
CA GLY B 35 -35.98 -31.53 -18.03
C GLY B 35 -34.77 -31.97 -18.84
N LYS B 36 -34.21 -31.09 -19.67
CA LYS B 36 -33.13 -31.46 -20.58
C LYS B 36 -31.85 -31.80 -19.83
N THR B 37 -31.06 -32.70 -20.43
CA THR B 37 -29.70 -32.98 -19.99
C THR B 37 -28.80 -33.13 -21.23
N PHE B 38 -27.51 -32.84 -21.05
CA PHE B 38 -26.55 -32.80 -22.15
C PHE B 38 -25.37 -33.74 -21.94
N PRO B 39 -24.82 -34.27 -23.03
CA PRO B 39 -23.80 -35.31 -22.95
C PRO B 39 -22.40 -34.75 -22.74
N VAL B 40 -21.55 -35.60 -22.14
CA VAL B 40 -20.18 -35.30 -21.79
C VAL B 40 -19.37 -36.51 -22.24
N PHE B 41 -18.28 -36.27 -22.95
CA PHE B 41 -17.55 -37.30 -23.67
C PHE B 41 -16.13 -37.42 -23.15
N ASN B 42 -15.50 -38.56 -23.40
CA ASN B 42 -14.11 -38.83 -23.06
C ASN B 42 -13.33 -38.64 -24.36
N PRO B 43 -12.44 -37.65 -24.41
CA PRO B 43 -11.86 -37.23 -25.69
C PRO B 43 -10.89 -38.24 -26.26
N ALA B 44 -10.51 -39.25 -25.47
CA ALA B 44 -9.58 -40.26 -25.92
C ALA B 44 -10.27 -41.50 -26.52
N THR B 45 -11.52 -41.77 -26.14
CA THR B 45 -12.26 -42.91 -26.71
C THR B 45 -13.45 -42.48 -27.57
N GLU B 46 -13.84 -41.21 -27.48
CA GLU B 46 -15.05 -40.66 -28.10
C GLU B 46 -16.35 -41.27 -27.56
N GLU B 47 -16.30 -41.88 -26.38
CA GLU B 47 -17.47 -42.49 -25.74
C GLU B 47 -18.11 -41.50 -24.76
N LYS B 48 -19.44 -41.49 -24.68
CA LYS B 48 -20.16 -40.67 -23.71
C LYS B 48 -19.89 -41.15 -22.28
N ILE B 49 -19.43 -40.26 -21.40
CA ILE B 49 -19.21 -40.56 -19.97
C ILE B 49 -20.52 -40.58 -19.18
N CYS B 50 -21.37 -39.59 -19.42
CA CYS B 50 -22.63 -39.42 -18.71
C CYS B 50 -23.40 -38.27 -19.31
N GLU B 51 -24.60 -38.02 -18.80
CA GLU B 51 -25.31 -36.79 -19.09
C GLU B 51 -25.38 -35.92 -17.84
N VAL B 52 -25.40 -34.61 -18.08
CA VAL B 52 -25.40 -33.62 -17.03
C VAL B 52 -26.63 -32.76 -17.24
N GLU B 53 -27.20 -32.27 -16.15
CA GLU B 53 -28.37 -31.41 -16.23
C GLU B 53 -28.04 -30.11 -16.98
N GLU B 54 -28.95 -29.64 -17.83
CA GLU B 54 -28.68 -28.48 -18.71
C GLU B 54 -29.42 -27.19 -18.31
N ALA B 55 -28.66 -26.26 -17.73
CA ALA B 55 -29.23 -24.97 -17.38
C ALA B 55 -29.48 -24.10 -18.61
N ASP B 56 -30.61 -23.41 -18.62
CA ASP B 56 -30.90 -22.34 -19.59
C ASP B 56 -31.28 -21.12 -18.76
N LYS B 57 -31.97 -20.16 -19.36
CA LYS B 57 -32.26 -18.89 -18.73
C LYS B 57 -32.96 -19.08 -17.39
N GLU B 58 -33.95 -19.94 -17.33
CA GLU B 58 -34.78 -20.02 -16.14
C GLU B 58 -34.06 -20.60 -14.91
N ASP B 59 -33.06 -21.45 -15.16
CA ASP B 59 -32.24 -22.04 -14.11
C ASP B 59 -31.23 -21.00 -13.57
N VAL B 60 -30.73 -20.16 -14.49
CA VAL B 60 -29.85 -19.04 -14.15
C VAL B 60 -30.59 -18.05 -13.26
N ASP B 61 -31.87 -17.83 -13.55
CA ASP B 61 -32.71 -16.91 -12.79
C ASP B 61 -32.85 -17.41 -11.36
N LYS B 62 -32.91 -18.72 -11.14
CA LYS B 62 -32.97 -19.26 -9.79
C LYS B 62 -31.60 -19.12 -9.07
N ALA B 63 -30.52 -19.37 -9.80
CA ALA B 63 -29.19 -19.16 -9.28
C ALA B 63 -28.99 -17.72 -8.81
N VAL B 64 -29.51 -16.74 -9.58
CA VAL B 64 -29.28 -15.33 -9.27
C VAL B 64 -30.10 -14.90 -8.05
N LYS B 65 -31.37 -15.27 -7.95
CA LYS B 65 -32.12 -14.91 -6.75
C LYS B 65 -31.52 -15.52 -5.46
N ALA B 66 -30.94 -16.72 -5.56
CA ALA B 66 -30.28 -17.36 -4.42
C ALA B 66 -28.98 -16.63 -4.00
N ALA B 67 -28.22 -16.18 -4.99
CA ALA B 67 -27.00 -15.43 -4.75
C ALA B 67 -27.27 -14.04 -4.17
N ARG B 68 -28.38 -13.46 -4.59
CA ARG B 68 -28.81 -12.12 -4.17
C ARG B 68 -29.34 -12.14 -2.75
N GLU B 69 -30.06 -13.21 -2.41
CA GLU B 69 -30.53 -13.38 -1.05
C GLU B 69 -29.38 -13.66 -0.05
N ALA B 70 -28.39 -14.45 -0.46
CA ALA B 70 -27.23 -14.71 0.40
C ALA B 70 -26.39 -13.46 0.61
N PHE B 71 -26.52 -12.49 -0.30
CA PHE B 71 -25.81 -11.21 -0.22
C PHE B 71 -26.57 -10.05 0.46
N GLN B 72 -27.82 -10.26 0.88
CA GLN B 72 -28.59 -9.24 1.61
C GLN B 72 -27.90 -8.90 2.93
N MET B 73 -27.96 -7.64 3.32
CA MET B 73 -27.47 -7.20 4.60
C MET B 73 -28.18 -7.97 5.70
N GLY B 74 -27.45 -8.37 6.74
CA GLY B 74 -28.01 -9.14 7.83
C GLY B 74 -27.76 -10.63 7.70
N SER B 75 -27.38 -11.09 6.51
CA SER B 75 -27.21 -12.50 6.22
C SER B 75 -25.92 -13.04 6.81
N PRO B 76 -25.87 -14.33 7.10
CA PRO B 76 -24.67 -14.94 7.65
C PRO B 76 -23.40 -14.60 6.86
N TRP B 77 -23.44 -14.68 5.52
CA TRP B 77 -22.27 -14.39 4.67
C TRP B 77 -21.77 -12.93 4.78
N ARG B 78 -22.69 -11.98 4.99
CA ARG B 78 -22.31 -10.56 5.17
C ARG B 78 -21.81 -10.21 6.60
N THR B 79 -22.43 -10.80 7.62
CA THR B 79 -22.18 -10.46 9.02
C THR B 79 -20.98 -11.22 9.60
N MET B 80 -20.64 -12.30 8.93
CA MET B 80 -19.51 -13.14 9.29
C MET B 80 -18.25 -12.26 9.26
N ASP B 81 -17.34 -12.48 10.21
CA ASP B 81 -16.04 -11.81 10.19
C ASP B 81 -15.26 -12.19 8.95
N ALA B 82 -14.33 -11.33 8.55
CA ALA B 82 -13.54 -11.58 7.34
C ALA B 82 -12.56 -12.73 7.56
N SER B 83 -12.03 -12.85 8.78
CA SER B 83 -11.18 -13.99 9.09
C SER B 83 -11.95 -15.30 8.98
N GLU B 84 -13.25 -15.27 9.23
CA GLU B 84 -14.12 -16.42 9.08
C GLU B 84 -14.39 -16.82 7.61
N ARG B 85 -14.58 -15.85 6.72
CA ARG B 85 -14.63 -16.14 5.28
C ARG B 85 -13.36 -16.86 4.86
N GLY B 86 -12.22 -16.29 5.22
CA GLY B 86 -10.92 -16.90 5.04
C GLY B 86 -10.85 -18.35 5.51
N GLN B 87 -11.34 -18.61 6.72
CA GLN B 87 -11.37 -19.96 7.29
C GLN B 87 -12.12 -20.97 6.39
N LEU B 88 -13.32 -20.57 5.94
CA LEU B 88 -14.14 -21.45 5.10
C LEU B 88 -13.47 -21.83 3.78
N ILE B 89 -12.75 -20.87 3.19
CA ILE B 89 -12.10 -21.05 1.90
C ILE B 89 -10.90 -21.92 2.07
N TYR B 90 -10.16 -21.73 3.16
CA TYR B 90 -9.05 -22.61 3.51
C TYR B 90 -9.54 -24.05 3.80
N LYS B 91 -10.77 -24.19 4.30
CA LYS B 91 -11.36 -25.51 4.52
C LYS B 91 -11.71 -26.15 3.16
N LEU B 92 -12.12 -25.36 2.19
CA LEU B 92 -12.43 -25.89 0.86
C LEU B 92 -11.14 -26.40 0.20
N ALA B 93 -10.04 -25.66 0.40
CA ALA B 93 -8.75 -26.12 -0.08
C ALA B 93 -8.34 -27.46 0.59
N ASP B 94 -8.62 -27.62 1.86
CA ASP B 94 -8.33 -28.89 2.58
C ASP B 94 -9.12 -30.12 2.07
N LEU B 95 -10.37 -29.91 1.69
CA LEU B 95 -11.22 -30.99 1.22
C LEU B 95 -10.80 -31.36 -0.18
N ILE B 96 -10.45 -30.36 -0.98
CA ILE B 96 -9.89 -30.57 -2.30
C ILE B 96 -8.57 -31.35 -2.22
N GLU B 97 -7.74 -31.01 -1.24
CA GLU B 97 -6.50 -31.76 -1.01
C GLU B 97 -6.84 -33.20 -0.61
N ARG B 98 -7.85 -33.36 0.23
CA ARG B 98 -8.30 -34.69 0.68
C ARG B 98 -8.77 -35.54 -0.50
N ASP B 99 -9.52 -34.93 -1.43
CA ASP B 99 -10.05 -35.63 -2.59
C ASP B 99 -9.16 -35.48 -3.84
N ARG B 100 -7.87 -35.25 -3.64
CA ARG B 100 -6.95 -34.90 -4.72
C ARG B 100 -6.91 -35.99 -5.83
N LEU B 101 -6.77 -37.24 -5.43
CA LEU B 101 -6.70 -38.35 -6.36
C LEU B 101 -7.99 -38.51 -7.16
N LEU B 102 -9.12 -38.32 -6.49
CA LEU B 102 -10.41 -38.45 -7.14
C LEU B 102 -10.53 -37.38 -8.23
N LEU B 103 -10.30 -36.12 -7.85
CA LEU B 103 -10.46 -34.99 -8.77
C LEU B 103 -9.46 -34.98 -9.94
N ALA B 104 -8.26 -35.51 -9.71
CA ALA B 104 -7.27 -35.65 -10.78
C ALA B 104 -7.64 -36.74 -11.78
N THR B 105 -8.13 -37.88 -11.32
CA THR B 105 -8.57 -38.93 -12.24
C THR B 105 -9.67 -38.39 -13.18
N LEU B 106 -10.63 -37.69 -12.57
CA LEU B 106 -11.81 -37.16 -13.24
C LEU B 106 -11.49 -36.01 -14.20
N GLU B 107 -10.48 -35.22 -13.84
CA GLU B 107 -9.96 -34.14 -14.66
C GLU B 107 -9.30 -34.71 -15.89
N SER B 108 -8.48 -35.73 -15.68
CA SER B 108 -7.87 -36.51 -16.75
C SER B 108 -8.91 -37.04 -17.74
N ILE B 109 -9.88 -37.77 -17.24
CA ILE B 109 -10.91 -38.41 -18.06
C ILE B 109 -11.70 -37.39 -18.90
N ASN B 110 -12.16 -36.32 -18.26
CA ASN B 110 -13.02 -35.32 -18.90
C ASN B 110 -12.25 -34.42 -19.86
N ALA B 111 -11.09 -33.91 -19.44
CA ALA B 111 -10.35 -32.92 -20.24
C ALA B 111 -9.19 -33.49 -21.11
N GLY B 112 -8.90 -34.78 -20.98
CA GLY B 112 -7.83 -35.43 -21.73
C GLY B 112 -6.41 -35.14 -21.24
N LYS B 113 -6.30 -34.60 -20.03
CA LYS B 113 -5.00 -34.29 -19.45
C LYS B 113 -4.23 -35.54 -19.04
N VAL B 114 -2.93 -35.61 -19.34
CA VAL B 114 -2.09 -36.68 -18.80
C VAL B 114 -2.29 -36.71 -17.27
N PHE B 115 -2.44 -37.89 -16.68
CA PHE B 115 -2.84 -37.97 -15.26
C PHE B 115 -1.84 -37.38 -14.30
N ALA B 116 -0.56 -37.60 -14.55
CA ALA B 116 0.50 -37.04 -13.72
C ALA B 116 0.58 -35.51 -13.79
N SER B 117 0.22 -34.90 -14.93
CA SER B 117 0.11 -33.44 -14.96
C SER B 117 -1.07 -32.96 -14.12
N ALA B 118 -2.20 -33.65 -14.21
CA ALA B 118 -3.42 -33.24 -13.53
C ALA B 118 -3.24 -33.30 -12.02
N TYR B 119 -2.67 -34.40 -11.54
CA TYR B 119 -2.37 -34.56 -10.13
C TYR B 119 -1.33 -33.55 -9.61
N LEU B 120 -0.19 -33.46 -10.29
CA LEU B 120 1.00 -32.77 -9.74
C LEU B 120 1.03 -31.27 -9.96
N MET B 121 0.51 -30.82 -11.10
CA MET B 121 0.47 -29.41 -11.47
C MET B 121 -0.92 -28.79 -11.25
N ASP B 122 -1.97 -29.35 -11.87
CA ASP B 122 -3.27 -28.68 -11.86
C ASP B 122 -3.93 -28.69 -10.48
N LEU B 123 -3.93 -29.84 -9.82
CA LEU B 123 -4.56 -29.92 -8.50
C LEU B 123 -3.75 -29.12 -7.48
N ASP B 124 -2.43 -29.25 -7.52
CA ASP B 124 -1.52 -28.47 -6.65
C ASP B 124 -1.74 -26.94 -6.78
N TYR B 125 -1.89 -26.44 -8.01
CA TYR B 125 -2.02 -25.00 -8.26
C TYR B 125 -3.39 -24.52 -7.80
N CYS B 126 -4.36 -25.40 -7.94
CA CYS B 126 -5.72 -25.17 -7.47
C CYS B 126 -5.78 -25.02 -5.93
N ILE B 127 -5.07 -25.89 -5.22
CA ILE B 127 -5.06 -25.85 -3.75
C ILE B 127 -4.29 -24.61 -3.29
N LYS B 128 -3.22 -24.28 -4.00
CA LYS B 128 -2.36 -23.18 -3.56
C LYS B 128 -3.04 -21.84 -3.79
N ALA B 129 -3.83 -21.73 -4.85
CA ALA B 129 -4.51 -20.47 -5.18
C ALA B 129 -5.59 -20.15 -4.14
N LEU B 130 -6.40 -21.14 -3.79
CA LEU B 130 -7.41 -20.95 -2.74
C LEU B 130 -6.75 -20.52 -1.43
N ARG B 131 -5.68 -21.19 -1.00
CA ARG B 131 -5.00 -20.85 0.26
C ARG B 131 -4.42 -19.44 0.28
N TYR B 132 -3.88 -19.00 -0.86
CA TYR B 132 -3.39 -17.62 -1.01
C TYR B 132 -4.51 -16.60 -0.77
N CYS B 133 -5.62 -16.81 -1.48
CA CYS B 133 -6.81 -15.96 -1.43
C CYS B 133 -7.47 -15.91 -0.07
N ALA B 134 -7.56 -17.08 0.58
CA ALA B 134 -8.07 -17.19 1.92
C ALA B 134 -7.35 -16.22 2.83
N GLY B 135 -6.03 -16.08 2.62
CA GLY B 135 -5.18 -15.22 3.43
C GLY B 135 -5.45 -13.73 3.26
N TRP B 136 -5.99 -13.33 2.10
CA TRP B 136 -6.31 -11.94 1.84
C TRP B 136 -7.60 -11.48 2.50
N ALA B 137 -8.44 -12.39 3.00
CA ALA B 137 -9.81 -12.05 3.38
C ALA B 137 -9.89 -10.93 4.44
N ASP B 138 -9.00 -10.98 5.42
CA ASP B 138 -8.98 -10.01 6.51
C ASP B 138 -7.83 -9.00 6.40
N LYS B 139 -7.20 -8.95 5.23
CA LYS B 139 -6.15 -7.98 4.94
C LYS B 139 -6.52 -7.06 3.76
N ILE B 140 -7.75 -7.15 3.28
CA ILE B 140 -8.30 -6.14 2.37
C ILE B 140 -8.69 -4.89 3.15
N GLN B 141 -8.00 -3.79 2.84
CA GLN B 141 -8.06 -2.56 3.61
C GLN B 141 -8.29 -1.32 2.72
N GLY B 142 -9.16 -0.41 3.18
CA GLY B 142 -9.30 0.91 2.59
C GLY B 142 -8.30 1.90 3.16
N ARG B 143 -8.61 3.20 3.09
CA ARG B 143 -7.71 4.25 3.55
C ARG B 143 -8.40 5.24 4.46
N THR B 144 -7.61 6.00 5.22
CA THR B 144 -8.05 7.22 5.88
C THR B 144 -7.24 8.32 5.24
N ILE B 145 -7.92 9.39 4.82
CA ILE B 145 -7.34 10.31 3.86
C ILE B 145 -7.40 11.71 4.39
N PRO B 146 -6.27 12.42 4.45
CA PRO B 146 -6.23 13.79 4.98
C PRO B 146 -6.71 14.83 3.95
N VAL B 147 -8.00 14.81 3.67
CA VAL B 147 -8.58 15.75 2.70
C VAL B 147 -8.51 17.18 3.21
N ASP B 148 -8.57 18.14 2.27
CA ASP B 148 -8.83 19.56 2.60
C ASP B 148 -10.17 19.71 3.28
N GLY B 149 -10.23 20.69 4.18
CA GLY B 149 -11.43 20.99 4.94
C GLY B 149 -11.49 20.33 6.31
N GLU B 150 -12.43 20.80 7.13
CA GLU B 150 -12.72 20.19 8.43
C GLU B 150 -13.57 18.91 8.25
N PHE B 151 -12.91 17.83 7.84
CA PHE B 151 -13.54 16.54 7.52
C PHE B 151 -12.66 15.37 7.98
N PHE B 152 -13.32 14.30 8.37
CA PHE B 152 -12.72 12.97 8.46
C PHE B 152 -13.20 12.18 7.24
N SER B 153 -12.27 11.68 6.42
CA SER B 153 -12.58 10.99 5.18
C SER B 153 -11.88 9.65 5.12
N TYR B 154 -12.61 8.64 4.66
CA TYR B 154 -12.08 7.28 4.56
C TYR B 154 -12.69 6.51 3.38
N THR B 155 -12.03 5.44 2.97
CA THR B 155 -12.60 4.53 1.97
C THR B 155 -12.84 3.13 2.55
N ARG B 156 -13.78 2.42 1.93
CA ARG B 156 -14.10 1.03 2.24
C ARG B 156 -14.03 0.26 0.94
N HIS B 157 -13.34 -0.88 0.96
CA HIS B 157 -13.33 -1.80 -0.17
C HIS B 157 -14.39 -2.86 0.06
N GLU B 158 -15.59 -2.55 -0.40
CA GLU B 158 -16.78 -3.39 -0.22
C GLU B 158 -16.77 -4.46 -1.30
N PRO B 159 -17.46 -5.58 -1.05
CA PRO B 159 -17.70 -6.56 -2.12
C PRO B 159 -18.62 -5.97 -3.17
N ILE B 160 -18.49 -6.38 -4.43
CA ILE B 160 -19.37 -5.88 -5.48
C ILE B 160 -20.82 -6.38 -5.32
N GLY B 161 -21.00 -7.69 -5.29
CA GLY B 161 -22.30 -8.30 -5.12
C GLY B 161 -22.36 -9.68 -5.76
N VAL B 162 -23.36 -9.91 -6.62
CA VAL B 162 -23.49 -11.15 -7.39
C VAL B 162 -22.60 -11.15 -8.64
N CYS B 163 -21.69 -12.11 -8.70
CA CYS B 163 -20.68 -12.20 -9.76
C CYS B 163 -20.87 -13.43 -10.66
N GLY B 164 -21.03 -13.22 -11.96
CA GLY B 164 -21.09 -14.32 -12.90
C GLY B 164 -19.68 -14.73 -13.30
N LEU B 165 -19.40 -16.02 -13.28
CA LEU B 165 -18.07 -16.54 -13.54
C LEU B 165 -18.16 -17.60 -14.64
N ILE B 166 -17.61 -17.27 -15.80
CA ILE B 166 -17.77 -18.02 -17.05
C ILE B 166 -16.36 -18.32 -17.58
N PHE B 167 -16.07 -19.59 -17.88
CA PHE B 167 -14.71 -19.99 -18.31
C PHE B 167 -14.63 -21.22 -19.26
N PRO B 168 -13.47 -21.46 -19.84
CA PRO B 168 -13.27 -22.58 -20.78
C PRO B 168 -13.02 -23.99 -20.14
N TRP B 169 -12.55 -24.87 -21.02
CA TRP B 169 -12.46 -26.30 -20.78
C TRP B 169 -11.01 -26.82 -20.62
N ASN B 170 -10.01 -25.97 -20.82
CA ASN B 170 -8.62 -26.45 -20.90
C ASN B 170 -7.93 -26.75 -19.58
N ALA B 171 -8.33 -26.07 -18.51
CA ALA B 171 -7.84 -26.38 -17.16
C ALA B 171 -8.93 -26.14 -16.13
N PRO B 172 -9.93 -27.03 -16.11
CA PRO B 172 -11.16 -26.83 -15.32
C PRO B 172 -10.97 -26.46 -13.84
N MET B 173 -10.04 -27.13 -13.15
CA MET B 173 -9.84 -26.91 -11.71
C MET B 173 -9.07 -25.63 -11.41
N ILE B 174 -8.11 -25.27 -12.27
CA ILE B 174 -7.36 -24.03 -12.09
C ILE B 174 -8.20 -22.81 -12.36
N LEU B 175 -8.97 -22.85 -13.45
CA LEU B 175 -9.89 -21.76 -13.80
C LEU B 175 -10.92 -21.50 -12.68
N LEU B 176 -11.40 -22.57 -12.06
CA LEU B 176 -12.43 -22.48 -11.04
C LEU B 176 -11.84 -21.82 -9.78
N ALA B 177 -10.68 -22.29 -9.34
CA ALA B 177 -10.04 -21.73 -8.15
C ALA B 177 -9.79 -20.25 -8.33
N CYS B 178 -9.28 -19.90 -9.50
CA CYS B 178 -8.78 -18.56 -9.75
C CYS B 178 -9.90 -17.53 -9.96
N LYS B 179 -11.14 -18.01 -10.12
CA LYS B 179 -12.33 -17.17 -10.15
C LYS B 179 -12.99 -17.09 -8.77
N ILE B 180 -13.46 -18.22 -8.24
CA ILE B 180 -14.14 -18.22 -6.94
C ILE B 180 -13.24 -17.83 -5.75
N GLY B 181 -11.96 -18.16 -5.79
CA GLY B 181 -11.04 -17.78 -4.72
C GLY B 181 -11.04 -16.27 -4.46
N PRO B 182 -10.63 -15.47 -5.44
CA PRO B 182 -10.65 -14.02 -5.27
C PRO B 182 -12.02 -13.42 -4.97
N ALA B 183 -13.06 -13.97 -5.58
CA ALA B 183 -14.40 -13.44 -5.46
C ALA B 183 -14.94 -13.68 -4.05
N LEU B 184 -14.80 -14.92 -3.57
CA LEU B 184 -15.26 -15.29 -2.23
C LEU B 184 -14.48 -14.55 -1.16
N CYS B 185 -13.17 -14.39 -1.33
CA CYS B 185 -12.35 -13.83 -0.27
C CYS B 185 -12.75 -12.35 -0.04
N CYS B 186 -13.28 -11.73 -1.09
CA CYS B 186 -13.74 -10.35 -1.04
C CYS B 186 -15.14 -10.20 -0.41
N GLY B 187 -15.90 -11.30 -0.37
CA GLY B 187 -17.23 -11.32 0.20
C GLY B 187 -18.37 -11.24 -0.82
N ASN B 188 -18.08 -11.57 -2.07
CA ASN B 188 -19.11 -11.71 -3.12
C ASN B 188 -19.83 -13.05 -3.02
N THR B 189 -21.00 -13.14 -3.63
CA THR B 189 -21.63 -14.42 -3.94
C THR B 189 -21.56 -14.63 -5.47
N VAL B 190 -21.69 -15.87 -5.92
CA VAL B 190 -21.31 -16.22 -7.28
C VAL B 190 -22.22 -17.22 -7.97
N ILE B 191 -22.27 -17.10 -9.32
CA ILE B 191 -22.87 -18.04 -10.26
C ILE B 191 -21.76 -18.52 -11.18
N VAL B 192 -21.55 -19.82 -11.24
CA VAL B 192 -20.41 -20.42 -11.93
C VAL B 192 -20.96 -21.16 -13.12
N LYS B 193 -20.53 -20.76 -14.33
CA LYS B 193 -20.91 -21.43 -15.56
C LYS B 193 -19.66 -22.05 -16.20
N PRO B 194 -19.38 -23.31 -15.84
CA PRO B 194 -18.20 -24.02 -16.37
C PRO B 194 -18.43 -24.39 -17.84
N ALA B 195 -17.38 -24.84 -18.51
CA ALA B 195 -17.47 -25.11 -19.94
C ALA B 195 -18.28 -26.39 -20.18
N GLU B 196 -19.12 -26.37 -21.22
CA GLU B 196 -19.98 -27.51 -21.56
C GLU B 196 -19.18 -28.80 -21.83
N GLN B 197 -17.94 -28.63 -22.26
CA GLN B 197 -17.03 -29.75 -22.52
C GLN B 197 -16.60 -30.43 -21.24
N THR B 198 -16.46 -29.65 -20.16
CA THR B 198 -15.87 -30.14 -18.90
C THR B 198 -16.57 -29.64 -17.62
N PRO B 199 -17.82 -30.01 -17.38
CA PRO B 199 -18.53 -29.54 -16.19
C PRO B 199 -18.29 -30.40 -14.92
N LEU B 200 -17.62 -31.55 -15.05
CA LEU B 200 -17.66 -32.60 -14.01
C LEU B 200 -16.89 -32.35 -12.68
N THR B 201 -15.65 -31.85 -12.75
CA THR B 201 -14.89 -31.54 -11.53
C THR B 201 -15.45 -30.32 -10.82
N ALA B 202 -16.01 -29.38 -11.56
CA ALA B 202 -16.74 -28.27 -10.92
C ALA B 202 -17.90 -28.79 -10.07
N LEU B 203 -18.66 -29.74 -10.59
CA LEU B 203 -19.80 -30.28 -9.85
C LEU B 203 -19.34 -31.03 -8.59
N HIS B 204 -18.17 -31.63 -8.64
CA HIS B 204 -17.66 -32.32 -7.46
C HIS B 204 -17.22 -31.31 -6.42
N VAL B 205 -16.63 -30.21 -6.87
CA VAL B 205 -16.22 -29.18 -5.94
C VAL B 205 -17.48 -28.64 -5.24
N ALA B 206 -18.59 -28.58 -5.97
CA ALA B 206 -19.82 -28.07 -5.41
C ALA B 206 -20.25 -28.96 -4.23
N SER B 207 -20.05 -30.26 -4.34
CA SER B 207 -20.31 -31.15 -3.22
C SER B 207 -19.44 -30.82 -1.98
N LEU B 208 -18.23 -30.32 -2.18
CA LEU B 208 -17.33 -29.91 -1.07
C LEU B 208 -17.63 -28.54 -0.45
N ILE B 209 -18.32 -27.67 -1.17
CA ILE B 209 -18.74 -26.35 -0.69
C ILE B 209 -19.76 -26.51 0.44
N LYS B 210 -20.72 -27.40 0.23
CA LYS B 210 -21.67 -27.78 1.27
C LYS B 210 -20.96 -28.38 2.49
N GLU B 211 -20.18 -29.44 2.28
CA GLU B 211 -19.44 -30.05 3.40
C GLU B 211 -18.57 -29.03 4.18
N ALA B 212 -18.06 -28.00 3.50
CA ALA B 212 -17.19 -27.00 4.11
C ALA B 212 -17.93 -26.02 4.99
N GLY B 213 -19.20 -25.77 4.70
CA GLY B 213 -20.05 -24.94 5.54
C GLY B 213 -20.29 -23.51 5.08
N PHE B 214 -20.14 -23.26 3.78
CA PHE B 214 -20.56 -21.98 3.20
C PHE B 214 -22.09 -21.88 3.31
N PRO B 215 -22.59 -20.72 3.73
CA PRO B 215 -24.03 -20.47 3.75
C PRO B 215 -24.68 -20.75 2.39
N PRO B 216 -25.93 -21.22 2.38
CA PRO B 216 -26.62 -21.45 1.11
C PRO B 216 -26.71 -20.21 0.21
N GLY B 217 -26.34 -20.40 -1.06
CA GLY B 217 -26.49 -19.39 -2.07
C GLY B 217 -25.21 -18.59 -2.31
N VAL B 218 -24.18 -18.86 -1.51
CA VAL B 218 -22.90 -18.18 -1.65
C VAL B 218 -22.20 -18.64 -2.94
N VAL B 219 -22.33 -19.92 -3.25
CA VAL B 219 -21.77 -20.49 -4.49
C VAL B 219 -22.79 -21.36 -5.20
N ASN B 220 -23.16 -20.97 -6.42
CA ASN B 220 -24.12 -21.70 -7.23
C ASN B 220 -23.44 -22.13 -8.54
N ILE B 221 -23.63 -23.39 -8.95
CA ILE B 221 -22.98 -23.89 -10.18
C ILE B 221 -24.01 -24.38 -11.18
N VAL B 222 -24.03 -23.78 -12.36
CA VAL B 222 -25.03 -24.10 -13.37
C VAL B 222 -24.40 -24.48 -14.72
N PRO B 223 -24.09 -25.77 -14.92
CA PRO B 223 -23.54 -26.23 -16.20
C PRO B 223 -24.53 -26.03 -17.37
N GLY B 224 -23.99 -25.91 -18.57
CA GLY B 224 -24.78 -25.57 -19.74
C GLY B 224 -23.97 -24.99 -20.88
N TYR B 225 -24.67 -24.55 -21.92
CA TYR B 225 -24.02 -24.08 -23.15
C TYR B 225 -23.81 -22.57 -23.12
N GLY B 226 -23.23 -22.03 -24.19
CA GLY B 226 -22.87 -20.63 -24.23
C GLY B 226 -24.04 -19.69 -24.48
N PRO B 227 -24.71 -19.83 -25.61
CA PRO B 227 -25.81 -18.93 -26.00
C PRO B 227 -27.05 -19.02 -25.12
N THR B 228 -27.16 -20.09 -24.34
CA THR B 228 -28.24 -20.25 -23.38
C THR B 228 -27.79 -19.84 -21.97
N ALA B 229 -27.09 -20.71 -21.26
CA ALA B 229 -26.70 -20.42 -19.88
C ALA B 229 -25.75 -19.23 -19.75
N GLY B 230 -24.73 -19.17 -20.58
CA GLY B 230 -23.79 -18.04 -20.55
C GLY B 230 -24.38 -16.69 -20.90
N ALA B 231 -25.15 -16.61 -21.99
CA ALA B 231 -25.74 -15.33 -22.43
C ALA B 231 -26.83 -14.83 -21.49
N ALA B 232 -27.51 -15.73 -20.80
CA ALA B 232 -28.49 -15.33 -19.78
C ALA B 232 -27.84 -14.67 -18.55
N ILE B 233 -26.58 -15.02 -18.26
CA ILE B 233 -25.86 -14.45 -17.12
C ILE B 233 -25.36 -13.07 -17.47
N SER B 234 -24.64 -12.98 -18.59
CA SER B 234 -24.05 -11.74 -19.06
C SER B 234 -25.11 -10.66 -19.33
N SER B 235 -26.32 -11.08 -19.71
CA SER B 235 -27.41 -10.14 -19.97
C SER B 235 -28.40 -9.95 -18.80
N HIS B 236 -28.07 -10.47 -17.62
CA HIS B 236 -28.99 -10.42 -16.46
C HIS B 236 -28.98 -9.04 -15.76
N MET B 237 -30.17 -8.56 -15.40
CA MET B 237 -30.33 -7.27 -14.75
C MET B 237 -29.96 -7.21 -13.24
N ASP B 238 -29.77 -8.37 -12.59
CA ASP B 238 -29.39 -8.44 -11.16
C ASP B 238 -28.06 -9.16 -10.92
N VAL B 239 -27.22 -9.24 -11.95
CA VAL B 239 -25.85 -9.72 -11.83
C VAL B 239 -24.91 -8.50 -11.91
N ASP B 240 -24.08 -8.27 -10.90
CA ASP B 240 -23.30 -7.02 -10.81
C ASP B 240 -21.96 -7.00 -11.54
N LYS B 241 -21.43 -8.19 -11.81
CA LYS B 241 -20.14 -8.36 -12.48
C LYS B 241 -20.10 -9.70 -13.18
N VAL B 242 -19.46 -9.73 -14.33
CA VAL B 242 -19.12 -10.96 -15.00
C VAL B 242 -17.60 -10.95 -15.25
N ALA B 243 -16.94 -12.00 -14.79
CA ALA B 243 -15.58 -12.32 -15.12
C ALA B 243 -15.61 -13.45 -16.18
N PHE B 244 -15.13 -13.12 -17.39
CA PHE B 244 -15.11 -14.04 -18.51
C PHE B 244 -13.69 -14.42 -18.95
N THR B 245 -13.50 -15.71 -19.23
CA THR B 245 -12.28 -16.21 -19.86
C THR B 245 -12.68 -17.06 -21.05
N GLY B 246 -12.02 -16.87 -22.19
CA GLY B 246 -12.42 -17.57 -23.40
C GLY B 246 -12.03 -16.86 -24.69
N SER B 247 -12.70 -17.19 -25.79
CA SER B 247 -12.35 -16.63 -27.11
C SER B 247 -12.62 -15.13 -27.17
N THR B 248 -11.77 -14.44 -27.91
CA THR B 248 -11.94 -13.01 -28.17
C THR B 248 -13.34 -12.68 -28.74
N GLU B 249 -13.84 -13.54 -29.64
CA GLU B 249 -15.10 -13.28 -30.32
C GLU B 249 -16.26 -13.27 -29.30
N VAL B 250 -16.24 -14.20 -28.35
CA VAL B 250 -17.28 -14.27 -27.32
C VAL B 250 -17.15 -13.09 -26.33
N GLY B 251 -15.91 -12.79 -25.95
CA GLY B 251 -15.61 -11.62 -25.14
C GLY B 251 -16.18 -10.32 -25.69
N LYS B 252 -16.22 -10.16 -27.03
CA LYS B 252 -16.88 -9.03 -27.66
C LYS B 252 -18.39 -9.04 -27.35
N MET B 253 -19.01 -10.23 -27.42
CA MET B 253 -20.46 -10.37 -27.16
C MET B 253 -20.85 -10.14 -25.69
N ILE B 254 -19.94 -10.42 -24.76
CA ILE B 254 -20.17 -10.27 -23.31
C ILE B 254 -20.16 -8.79 -22.98
N GLN B 255 -19.18 -8.09 -23.52
CA GLN B 255 -19.00 -6.67 -23.28
C GLN B 255 -20.24 -5.93 -23.76
N GLU B 256 -20.73 -6.31 -24.93
CA GLU B 256 -21.95 -5.74 -25.52
C GLU B 256 -23.19 -6.06 -24.68
N ALA B 257 -23.34 -7.32 -24.28
CA ALA B 257 -24.51 -7.73 -23.51
C ALA B 257 -24.61 -6.96 -22.19
N ALA B 258 -23.46 -6.73 -21.57
CA ALA B 258 -23.32 -5.91 -20.36
C ALA B 258 -23.75 -4.47 -20.57
N ALA B 259 -23.36 -3.88 -21.70
CA ALA B 259 -23.80 -2.54 -22.07
C ALA B 259 -25.33 -2.43 -22.22
N LYS B 260 -25.95 -3.41 -22.90
CA LYS B 260 -27.39 -3.37 -23.22
C LYS B 260 -28.29 -3.93 -22.13
N SER B 261 -27.72 -4.39 -21.02
CA SER B 261 -28.51 -4.82 -19.84
C SER B 261 -28.40 -3.81 -18.67
N ASN B 262 -27.37 -3.91 -17.82
CA ASN B 262 -27.26 -3.05 -16.62
C ASN B 262 -25.87 -2.41 -16.35
N LEU B 263 -25.02 -2.35 -17.37
CA LEU B 263 -23.60 -1.97 -17.19
C LEU B 263 -22.93 -2.65 -15.99
N LYS B 264 -23.19 -3.94 -15.83
CA LYS B 264 -22.41 -4.75 -14.91
C LYS B 264 -20.95 -4.55 -15.27
N ARG B 265 -20.09 -4.69 -14.26
CA ARG B 265 -18.65 -4.56 -14.46
C ARG B 265 -18.19 -5.80 -15.19
N VAL B 266 -17.26 -5.63 -16.12
CA VAL B 266 -16.74 -6.73 -16.90
C VAL B 266 -15.21 -6.83 -16.79
N THR B 267 -14.77 -8.07 -16.69
CA THR B 267 -13.37 -8.46 -16.70
C THR B 267 -13.21 -9.54 -17.78
N LEU B 268 -12.19 -9.41 -18.63
CA LEU B 268 -12.03 -10.28 -19.80
C LEU B 268 -10.61 -10.82 -19.94
N GLU B 269 -10.51 -12.11 -20.21
CA GLU B 269 -9.23 -12.79 -20.32
C GLU B 269 -9.34 -13.69 -21.55
N LEU B 270 -8.81 -13.24 -22.67
CA LEU B 270 -9.19 -13.77 -23.97
C LEU B 270 -8.05 -14.49 -24.74
N GLY B 271 -8.14 -14.55 -26.07
CA GLY B 271 -7.19 -15.27 -26.90
C GLY B 271 -5.76 -14.81 -26.81
N ALA B 272 -4.85 -15.69 -27.22
CA ALA B 272 -3.41 -15.40 -27.16
C ALA B 272 -2.60 -15.97 -28.32
N LYS B 273 -1.52 -15.28 -28.63
CA LYS B 273 -0.48 -15.80 -29.51
C LYS B 273 0.87 -15.32 -28.95
N ASN B 274 1.45 -16.13 -28.07
CA ASN B 274 2.55 -15.69 -27.21
C ASN B 274 3.93 -15.84 -27.84
N PRO B 275 4.63 -14.72 -28.05
CA PRO B 275 6.00 -14.74 -28.59
C PRO B 275 7.02 -15.11 -27.54
N CYS B 276 8.15 -15.61 -28.02
CA CYS B 276 9.19 -16.16 -27.19
C CYS B 276 10.53 -15.91 -27.87
N ILE B 277 11.37 -15.05 -27.28
CA ILE B 277 12.61 -14.57 -27.90
C ILE B 277 13.84 -15.22 -27.26
N VAL B 278 14.67 -15.85 -28.09
CA VAL B 278 15.89 -16.51 -27.64
C VAL B 278 17.08 -15.85 -28.30
N PHE B 279 17.87 -15.10 -27.52
CA PHE B 279 19.07 -14.45 -28.03
C PHE B 279 20.25 -15.41 -28.00
N ALA B 280 21.26 -15.13 -28.81
CA ALA B 280 22.40 -16.04 -28.99
C ALA B 280 23.19 -16.25 -27.69
N ASP B 281 23.09 -15.30 -26.77
CA ASP B 281 23.84 -15.38 -25.52
C ASP B 281 23.01 -15.97 -24.40
N ALA B 282 22.20 -17.00 -24.69
CA ALA B 282 21.37 -17.66 -23.69
C ALA B 282 21.88 -19.05 -23.38
N ASP B 283 21.47 -19.58 -22.24
CA ASP B 283 21.62 -21.01 -21.98
C ASP B 283 20.69 -21.72 -23.00
N LEU B 284 21.30 -22.25 -24.05
CA LEU B 284 20.58 -22.88 -25.15
C LEU B 284 19.84 -24.16 -24.72
N ASP B 285 20.56 -25.07 -24.06
CA ASP B 285 19.99 -26.32 -23.55
C ASP B 285 18.64 -26.07 -22.86
N SER B 286 18.64 -25.07 -21.97
CA SER B 286 17.51 -24.80 -21.11
C SER B 286 16.39 -24.03 -21.83
N ALA B 287 16.75 -23.18 -22.78
CA ALA B 287 15.77 -22.46 -23.61
C ALA B 287 14.95 -23.41 -24.52
N VAL B 288 15.61 -24.39 -25.12
CA VAL B 288 14.93 -25.41 -25.94
C VAL B 288 13.89 -26.18 -25.12
N GLU B 289 14.28 -26.61 -23.92
CA GLU B 289 13.42 -27.40 -23.06
C GLU B 289 12.23 -26.60 -22.50
N PHE B 290 12.49 -25.39 -21.99
CA PHE B 290 11.43 -24.48 -21.58
C PHE B 290 10.46 -24.13 -22.72
N ALA B 291 11.01 -23.84 -23.88
CA ALA B 291 10.17 -23.49 -25.02
C ALA B 291 9.36 -24.69 -25.49
N HIS B 292 9.95 -25.89 -25.39
CA HIS B 292 9.26 -27.12 -25.73
C HIS B 292 8.09 -27.32 -24.77
N GLN B 293 8.32 -27.23 -23.47
CA GLN B 293 7.24 -27.42 -22.50
C GLN B 293 6.18 -26.34 -22.68
N GLY B 294 6.61 -25.15 -23.07
CA GLY B 294 5.68 -24.05 -23.27
C GLY B 294 4.68 -24.32 -24.37
N VAL B 295 5.15 -24.89 -25.47
CA VAL B 295 4.31 -25.19 -26.62
C VAL B 295 3.40 -26.36 -26.31
N PHE B 296 4.00 -27.45 -25.81
CA PHE B 296 3.41 -28.79 -25.93
C PHE B 296 2.69 -29.28 -24.65
N THR B 297 2.78 -28.52 -23.57
CA THR B 297 2.10 -28.90 -22.34
C THR B 297 0.58 -28.79 -22.57
N ASN B 298 -0.17 -29.75 -22.01
CA ASN B 298 -1.59 -29.93 -22.31
C ASN B 298 -1.94 -30.00 -23.82
N GLN B 299 -1.06 -30.66 -24.58
CA GLN B 299 -1.17 -30.74 -26.03
C GLN B 299 -1.40 -29.37 -26.70
N GLY B 300 -0.71 -28.33 -26.23
CA GLY B 300 -0.88 -26.99 -26.76
C GLY B 300 -2.19 -26.27 -26.42
N GLN B 301 -3.05 -26.91 -25.62
CA GLN B 301 -4.36 -26.37 -25.25
C GLN B 301 -4.24 -25.56 -23.96
N SER B 302 -3.64 -24.38 -24.11
CA SER B 302 -3.41 -23.48 -23.01
C SER B 302 -3.19 -22.10 -23.59
N CYS B 303 -3.85 -21.11 -22.99
CA CYS B 303 -3.69 -19.71 -23.42
C CYS B 303 -2.29 -19.12 -23.17
N ILE B 304 -1.53 -19.68 -22.24
CA ILE B 304 -0.18 -19.16 -21.94
C ILE B 304 0.96 -19.89 -22.69
N ALA B 305 0.61 -20.71 -23.68
CA ALA B 305 1.57 -21.53 -24.41
C ALA B 305 2.41 -20.72 -25.37
N ALA B 306 3.67 -21.10 -25.52
CA ALA B 306 4.54 -20.50 -26.51
C ALA B 306 4.09 -20.95 -27.90
N SER B 307 3.72 -20.00 -28.75
CA SER B 307 3.38 -20.28 -30.14
C SER B 307 4.59 -19.88 -31.00
N LYS B 308 4.70 -18.59 -31.25
CA LYS B 308 5.80 -18.03 -32.03
C LYS B 308 7.10 -18.13 -31.24
N LEU B 309 8.13 -18.68 -31.86
CA LEU B 309 9.45 -18.78 -31.25
C LEU B 309 10.51 -18.08 -32.10
N PHE B 310 10.75 -16.80 -31.80
CA PHE B 310 11.81 -16.02 -32.45
C PHE B 310 13.18 -16.46 -31.95
N VAL B 311 14.07 -16.85 -32.86
CA VAL B 311 15.38 -17.37 -32.50
C VAL B 311 16.48 -16.71 -33.32
N GLU B 312 17.51 -16.23 -32.64
CA GLU B 312 18.56 -15.42 -33.27
C GLU B 312 19.33 -16.21 -34.32
N GLU B 313 19.64 -15.55 -35.41
CA GLU B 313 20.20 -16.17 -36.61
C GLU B 313 21.37 -17.11 -36.29
N ALA B 314 22.36 -16.63 -35.53
CA ALA B 314 23.56 -17.41 -35.26
C ALA B 314 23.33 -18.80 -34.60
N ILE B 315 22.23 -18.97 -33.87
CA ILE B 315 21.90 -20.23 -33.19
C ILE B 315 20.64 -20.91 -33.72
N TYR B 316 20.08 -20.38 -34.80
CA TYR B 316 18.81 -20.86 -35.35
C TYR B 316 18.84 -22.33 -35.75
N ASP B 317 19.87 -22.71 -36.52
CA ASP B 317 19.96 -24.05 -37.08
C ASP B 317 20.07 -25.06 -35.96
N GLU B 318 20.89 -24.77 -34.96
CA GLU B 318 21.06 -25.68 -33.82
C GLU B 318 19.79 -25.79 -32.96
N PHE B 319 19.16 -24.65 -32.68
CA PHE B 319 17.92 -24.62 -31.90
C PHE B 319 16.88 -25.56 -32.53
N VAL B 320 16.71 -25.44 -33.84
CA VAL B 320 15.75 -26.26 -34.61
C VAL B 320 16.09 -27.75 -34.55
N GLN B 321 17.38 -28.09 -34.69
CA GLN B 321 17.82 -29.47 -34.62
C GLN B 321 17.40 -30.04 -33.28
N ARG B 322 17.61 -29.28 -32.21
CA ARG B 322 17.35 -29.74 -30.84
C ARG B 322 15.86 -29.85 -30.55
N SER B 323 15.06 -28.98 -31.17
CA SER B 323 13.62 -28.94 -30.93
C SER B 323 12.92 -30.13 -31.58
N VAL B 324 13.35 -30.47 -32.79
CA VAL B 324 12.78 -31.58 -33.56
C VAL B 324 13.09 -32.89 -32.85
N GLU B 325 14.36 -33.07 -32.52
CA GLU B 325 14.84 -34.21 -31.74
C GLU B 325 14.05 -34.38 -30.42
N ARG B 326 13.79 -33.26 -29.73
CA ARG B 326 13.03 -33.25 -28.48
C ARG B 326 11.53 -33.56 -28.68
N ALA B 327 10.98 -33.27 -29.85
CA ALA B 327 9.55 -33.53 -30.12
C ALA B 327 9.24 -35.00 -30.46
N LYS B 328 10.27 -35.79 -30.73
CA LYS B 328 10.11 -37.19 -31.13
C LYS B 328 9.85 -38.18 -29.96
N LYS B 329 9.94 -37.72 -28.71
CA LYS B 329 9.84 -38.61 -27.56
C LYS B 329 8.47 -38.54 -26.88
N TYR B 330 7.45 -38.99 -27.60
CA TYR B 330 6.10 -39.01 -27.05
C TYR B 330 5.40 -40.32 -27.34
N VAL B 331 4.53 -40.70 -26.42
CA VAL B 331 3.75 -41.92 -26.52
C VAL B 331 2.31 -41.48 -26.32
N PHE B 332 1.51 -41.51 -27.38
CA PHE B 332 0.11 -41.13 -27.30
C PHE B 332 -0.73 -42.29 -26.79
N GLY B 333 -1.90 -42.01 -26.22
CA GLY B 333 -2.82 -43.04 -25.79
C GLY B 333 -3.77 -42.56 -24.71
N ASN B 334 -4.34 -43.50 -23.97
CA ASN B 334 -5.20 -43.16 -22.84
C ASN B 334 -4.43 -42.40 -21.74
N PRO B 335 -4.89 -41.20 -21.35
CA PRO B 335 -4.20 -40.39 -20.33
C PRO B 335 -4.09 -41.01 -18.92
N LEU B 336 -4.82 -42.08 -18.64
CA LEU B 336 -4.70 -42.82 -17.38
C LEU B 336 -3.65 -43.93 -17.44
N THR B 337 -3.24 -44.31 -18.65
CA THR B 337 -2.33 -45.44 -18.82
C THR B 337 -0.90 -45.02 -18.47
N PRO B 338 -0.18 -45.83 -17.71
CA PRO B 338 1.22 -45.53 -17.37
C PRO B 338 2.11 -45.45 -18.60
N GLY B 339 3.06 -44.53 -18.60
CA GLY B 339 3.97 -44.34 -19.72
C GLY B 339 3.40 -43.47 -20.84
N VAL B 340 2.12 -43.11 -20.77
CA VAL B 340 1.53 -42.16 -21.73
C VAL B 340 1.83 -40.73 -21.30
N ASN B 341 2.38 -39.94 -22.21
CA ASN B 341 2.60 -38.51 -21.98
C ASN B 341 2.06 -37.61 -23.12
N HIS B 342 1.07 -38.09 -23.84
CA HIS B 342 0.40 -37.26 -24.84
C HIS B 342 -1.09 -37.60 -24.98
N GLY B 343 -1.95 -36.76 -24.42
CA GLY B 343 -3.38 -36.98 -24.51
C GLY B 343 -3.92 -36.49 -25.84
N PRO B 344 -5.23 -36.56 -26.01
CA PRO B 344 -5.91 -36.02 -27.18
C PRO B 344 -6.33 -34.55 -27.02
N GLN B 345 -6.73 -33.97 -28.12
CA GLN B 345 -7.40 -32.69 -28.13
C GLN B 345 -8.82 -32.95 -27.62
N ILE B 346 -9.54 -31.89 -27.26
CA ILE B 346 -10.78 -32.01 -26.49
C ILE B 346 -11.98 -32.57 -27.26
N ASN B 347 -12.12 -32.20 -28.53
CA ASN B 347 -13.24 -32.67 -29.40
C ASN B 347 -12.97 -32.51 -30.91
N LYS B 348 -13.88 -33.01 -31.74
CA LYS B 348 -13.71 -32.97 -33.19
C LYS B 348 -13.56 -31.51 -33.73
N ALA B 349 -14.35 -30.57 -33.20
CA ALA B 349 -14.30 -29.16 -33.66
C ALA B 349 -12.91 -28.53 -33.52
N GLN B 350 -12.21 -28.88 -32.43
CA GLN B 350 -10.88 -28.37 -32.17
C GLN B 350 -9.84 -29.10 -32.98
N HIS B 351 -9.98 -30.41 -33.08
CA HIS B 351 -9.07 -31.26 -33.85
C HIS B 351 -8.98 -30.70 -35.27
N ASN B 352 -10.14 -30.38 -35.84
CA ASN B 352 -10.26 -29.87 -37.20
C ASN B 352 -9.77 -28.44 -37.38
N LYS B 353 -10.02 -27.58 -36.40
CA LYS B 353 -9.44 -26.24 -36.35
C LYS B 353 -7.92 -26.32 -36.49
N ILE B 354 -7.31 -27.21 -35.72
CA ILE B 354 -5.87 -27.39 -35.70
C ILE B 354 -5.35 -28.01 -36.99
N MET B 355 -6.11 -28.91 -37.61
CA MET B 355 -5.65 -29.58 -38.84
C MET B 355 -5.73 -28.61 -40.02
N GLU B 356 -6.72 -27.72 -40.03
CA GLU B 356 -6.80 -26.71 -41.08
C GLU B 356 -5.56 -25.82 -41.03
N LEU B 357 -5.19 -25.39 -39.82
CA LEU B 357 -4.02 -24.52 -39.63
C LEU B 357 -2.69 -25.24 -39.92
N ILE B 358 -2.58 -26.51 -39.61
CA ILE B 358 -1.37 -27.27 -39.97
C ILE B 358 -1.21 -27.35 -41.49
N GLU B 359 -2.30 -27.67 -42.18
CA GLU B 359 -2.32 -27.75 -43.65
C GLU B 359 -2.02 -26.40 -44.29
N SER B 360 -2.44 -25.32 -43.62
CA SER B 360 -2.20 -23.98 -44.11
C SER B 360 -0.70 -23.66 -44.09
N GLY B 361 0.00 -24.14 -43.05
CA GLY B 361 1.45 -24.04 -42.97
C GLY B 361 2.18 -24.77 -44.10
N LYS B 362 1.70 -25.96 -44.47
CA LYS B 362 2.29 -26.70 -45.58
C LYS B 362 2.07 -25.95 -46.88
N LYS B 363 0.85 -25.43 -47.07
CA LYS B 363 0.47 -24.72 -48.30
C LYS B 363 1.27 -23.43 -48.47
N GLU B 364 1.44 -22.67 -47.39
CA GLU B 364 2.11 -21.36 -47.45
C GLU B 364 3.63 -21.44 -47.51
N GLY B 365 4.21 -22.62 -47.34
CA GLY B 365 5.63 -22.81 -47.63
C GLY B 365 6.56 -22.99 -46.44
N ALA B 366 6.04 -23.04 -45.22
CA ALA B 366 6.89 -23.42 -44.08
C ALA B 366 7.40 -24.82 -44.28
N LYS B 367 8.58 -25.10 -43.72
CA LYS B 367 9.14 -26.44 -43.79
C LYS B 367 8.62 -27.32 -42.64
N LEU B 368 7.99 -28.44 -43.00
CA LEU B 368 7.57 -29.44 -42.02
C LEU B 368 8.76 -30.26 -41.57
N GLU B 369 9.08 -30.16 -40.29
CA GLU B 369 10.23 -30.84 -39.71
C GLU B 369 9.81 -32.20 -39.17
N CYS B 370 8.73 -32.23 -38.39
CA CYS B 370 8.15 -33.52 -37.95
C CYS B 370 6.65 -33.42 -37.74
N GLY B 371 6.00 -34.58 -37.60
CA GLY B 371 4.57 -34.68 -37.44
C GLY B 371 3.78 -34.12 -38.61
N GLY B 372 2.62 -33.53 -38.32
CA GLY B 372 1.80 -32.89 -39.34
C GLY B 372 0.55 -33.65 -39.76
N GLY B 373 0.22 -34.72 -39.04
CA GLY B 373 -0.99 -35.47 -39.27
C GLY B 373 -1.65 -35.98 -37.98
N PRO B 374 -2.78 -36.66 -38.11
CA PRO B 374 -3.47 -37.23 -36.95
C PRO B 374 -2.76 -38.48 -36.44
N TRP B 375 -3.07 -38.88 -35.21
CA TRP B 375 -2.62 -40.16 -34.64
C TRP B 375 -3.84 -41.05 -34.39
N GLY B 376 -3.71 -42.33 -34.71
CA GLY B 376 -4.75 -43.31 -34.42
C GLY B 376 -6.02 -43.16 -35.25
N ASN B 377 -7.01 -44.00 -34.97
CA ASN B 377 -8.34 -43.83 -35.59
C ASN B 377 -9.53 -43.82 -34.64
N LYS B 378 -9.26 -43.80 -33.31
CA LYS B 378 -10.25 -43.39 -32.32
C LYS B 378 -9.60 -42.40 -31.35
N GLY B 379 -10.36 -41.39 -30.96
CA GLY B 379 -9.85 -40.28 -30.17
C GLY B 379 -9.28 -39.18 -31.05
N TYR B 380 -9.19 -37.97 -30.49
CA TYR B 380 -8.81 -36.79 -31.24
C TYR B 380 -7.31 -36.48 -31.07
N PHE B 381 -6.45 -37.42 -31.45
CA PHE B 381 -5.00 -37.26 -31.28
C PHE B 381 -4.35 -36.60 -32.49
N ILE B 382 -3.36 -35.75 -32.25
CA ILE B 382 -2.58 -35.09 -33.29
C ILE B 382 -1.10 -35.23 -32.99
N GLN B 383 -0.29 -35.58 -33.99
CA GLN B 383 1.15 -35.73 -33.79
C GLN B 383 1.75 -34.38 -33.40
N PRO B 384 2.66 -34.36 -32.43
CA PRO B 384 3.46 -33.15 -32.19
C PRO B 384 4.18 -32.69 -33.47
N THR B 385 4.02 -31.42 -33.79
CA THR B 385 4.33 -30.89 -35.10
C THR B 385 5.22 -29.68 -34.96
N VAL B 386 6.25 -29.59 -35.81
CA VAL B 386 7.22 -28.48 -35.78
C VAL B 386 7.43 -27.92 -37.19
N PHE B 387 7.24 -26.61 -37.31
CA PHE B 387 7.49 -25.86 -38.52
C PHE B 387 8.72 -24.94 -38.36
N SER B 388 9.58 -24.92 -39.37
CA SER B 388 10.71 -24.00 -39.45
C SER B 388 10.58 -23.14 -40.71
N ASN B 389 11.48 -22.18 -40.88
CA ASN B 389 11.32 -21.10 -41.88
C ASN B 389 9.94 -20.40 -41.90
N VAL B 390 9.35 -20.18 -40.73
CA VAL B 390 8.06 -19.49 -40.65
C VAL B 390 8.24 -17.96 -40.76
N THR B 391 7.38 -17.30 -41.54
CA THR B 391 7.42 -15.84 -41.69
C THR B 391 6.17 -15.20 -41.15
N ASP B 392 6.21 -13.89 -40.98
CA ASP B 392 5.19 -13.14 -40.28
C ASP B 392 3.84 -13.12 -40.97
N ASP B 393 3.82 -13.31 -42.28
CA ASP B 393 2.57 -13.25 -43.05
C ASP B 393 1.76 -14.56 -43.04
N MET B 394 2.36 -15.67 -42.63
CA MET B 394 1.68 -16.97 -42.70
C MET B 394 0.64 -17.06 -41.60
N ARG B 395 -0.39 -17.88 -41.83
CA ARG B 395 -1.49 -18.02 -40.88
C ARG B 395 -1.03 -18.65 -39.56
N ILE B 396 -0.06 -19.56 -39.61
CA ILE B 396 0.44 -20.17 -38.37
C ILE B 396 1.16 -19.17 -37.44
N ALA B 397 1.67 -18.09 -38.01
CA ALA B 397 2.33 -17.05 -37.22
C ALA B 397 1.35 -16.03 -36.62
N LYS B 398 0.13 -15.99 -37.16
CA LYS B 398 -0.87 -15.00 -36.76
C LYS B 398 -1.97 -15.58 -35.85
N GLU B 399 -2.58 -16.68 -36.27
CA GLU B 399 -3.74 -17.24 -35.57
C GLU B 399 -3.33 -18.18 -34.43
N GLU B 400 -4.16 -18.17 -33.38
CA GLU B 400 -3.98 -19.06 -32.24
C GLU B 400 -4.41 -20.45 -32.69
N ILE B 401 -3.54 -21.44 -32.47
CA ILE B 401 -3.79 -22.82 -32.90
C ILE B 401 -4.34 -23.72 -31.76
N PHE B 402 -3.88 -23.51 -30.53
CA PHE B 402 -4.40 -24.25 -29.39
C PHE B 402 -4.23 -25.77 -29.55
N GLY B 403 -3.06 -26.13 -30.08
CA GLY B 403 -2.73 -27.51 -30.44
C GLY B 403 -1.23 -27.72 -30.41
N PRO B 404 -0.79 -28.97 -30.57
CA PRO B 404 0.62 -29.30 -30.44
C PRO B 404 1.40 -28.93 -31.70
N VAL B 405 1.58 -27.63 -31.92
CA VAL B 405 2.23 -27.09 -33.10
C VAL B 405 3.14 -25.91 -32.71
N GLN B 406 4.43 -26.06 -33.01
CA GLN B 406 5.49 -25.10 -32.69
C GLN B 406 5.99 -24.41 -33.95
N GLN B 407 6.03 -23.08 -33.92
CA GLN B 407 6.56 -22.27 -35.02
C GLN B 407 7.94 -21.72 -34.66
N ILE B 408 8.90 -21.87 -35.56
CA ILE B 408 10.27 -21.40 -35.33
C ILE B 408 10.69 -20.44 -36.43
N MET B 409 10.91 -19.19 -36.04
CA MET B 409 11.24 -18.09 -36.94
C MET B 409 12.63 -17.55 -36.71
N LYS B 410 13.22 -16.97 -37.76
CA LYS B 410 14.55 -16.38 -37.68
C LYS B 410 14.41 -14.90 -37.35
N PHE B 411 15.32 -14.34 -36.56
CA PHE B 411 15.48 -12.89 -36.49
C PHE B 411 16.95 -12.51 -36.50
N LYS B 412 17.23 -11.23 -36.76
CA LYS B 412 18.61 -10.73 -36.94
C LYS B 412 18.99 -9.61 -36.00
N SER B 413 18.07 -8.69 -35.73
CA SER B 413 18.36 -7.57 -34.83
C SER B 413 17.33 -7.41 -33.69
N LEU B 414 17.85 -6.96 -32.56
CA LEU B 414 17.08 -6.70 -31.35
C LEU B 414 15.90 -5.74 -31.56
N ASP B 415 16.18 -4.58 -32.15
CA ASP B 415 15.13 -3.59 -32.44
C ASP B 415 14.01 -4.12 -33.39
N GLU B 416 14.39 -5.01 -34.34
CA GLU B 416 13.47 -5.67 -35.27
C GLU B 416 12.54 -6.70 -34.59
N VAL B 417 13.13 -7.67 -33.86
CA VAL B 417 12.37 -8.72 -33.18
C VAL B 417 11.34 -8.14 -32.17
N ILE B 418 11.67 -7.00 -31.57
CA ILE B 418 10.75 -6.33 -30.62
C ILE B 418 9.51 -5.81 -31.34
N LYS B 419 9.73 -5.06 -32.43
CA LYS B 419 8.64 -4.58 -33.30
C LYS B 419 7.75 -5.72 -33.74
N ARG B 420 8.38 -6.80 -34.21
CA ARG B 420 7.71 -7.99 -34.75
C ARG B 420 6.86 -8.74 -33.72
N ALA B 421 7.36 -8.93 -32.50
CA ALA B 421 6.60 -9.55 -31.42
C ALA B 421 5.47 -8.68 -30.85
N ASN B 422 5.63 -7.35 -30.90
CA ASN B 422 4.58 -6.41 -30.51
C ASN B 422 3.58 -6.06 -31.64
N ASN B 423 3.77 -6.61 -32.84
CA ASN B 423 2.88 -6.30 -33.98
C ASN B 423 1.80 -7.39 -34.08
N THR B 424 0.74 -7.18 -33.31
CA THR B 424 -0.25 -8.20 -33.01
C THR B 424 -1.27 -7.57 -32.08
N TYR B 425 -2.55 -7.92 -32.26
CA TYR B 425 -3.59 -7.39 -31.38
C TYR B 425 -3.63 -8.14 -30.05
N TYR B 426 -2.91 -9.26 -29.97
CA TYR B 426 -2.85 -10.08 -28.76
C TYR B 426 -1.76 -9.53 -27.82
N GLY B 427 -1.76 -9.97 -26.57
CA GLY B 427 -0.75 -9.53 -25.63
C GLY B 427 -0.85 -10.10 -24.23
N LEU B 428 -0.95 -11.41 -24.10
CA LEU B 428 -1.14 -12.03 -22.79
C LEU B 428 0.19 -12.39 -22.10
N VAL B 429 1.08 -13.04 -22.84
CA VAL B 429 2.34 -13.54 -22.27
C VAL B 429 3.46 -13.43 -23.29
N ALA B 430 4.68 -13.26 -22.79
CA ALA B 430 5.88 -13.31 -23.61
C ALA B 430 7.04 -13.97 -22.85
N GLY B 431 8.04 -14.43 -23.59
CA GLY B 431 9.23 -15.04 -23.03
C GLY B 431 10.50 -14.40 -23.61
N VAL B 432 11.54 -14.35 -22.79
CA VAL B 432 12.82 -13.78 -23.16
C VAL B 432 13.94 -14.59 -22.53
N PHE B 433 14.90 -15.01 -23.34
CA PHE B 433 16.00 -15.84 -22.93
C PHE B 433 17.31 -15.15 -23.31
N THR B 434 18.01 -14.66 -22.29
CA THR B 434 19.36 -14.12 -22.42
C THR B 434 20.05 -14.20 -21.06
N LYS B 435 21.39 -14.16 -21.07
CA LYS B 435 22.17 -14.13 -19.85
C LYS B 435 22.53 -12.70 -19.40
N ASP B 436 22.39 -11.73 -20.30
CA ASP B 436 22.72 -10.32 -20.06
C ASP B 436 21.67 -9.57 -19.21
N LEU B 437 22.09 -8.93 -18.12
CA LEU B 437 21.19 -8.13 -17.29
C LEU B 437 20.45 -7.07 -18.11
N ASP B 438 21.20 -6.23 -18.83
CA ASP B 438 20.58 -5.13 -19.58
C ASP B 438 19.54 -5.57 -20.63
N LYS B 439 19.82 -6.64 -21.37
CA LYS B 439 18.84 -7.14 -22.34
C LYS B 439 17.61 -7.58 -21.61
N ALA B 440 17.80 -8.36 -20.55
CA ALA B 440 16.68 -8.90 -19.78
C ALA B 440 15.75 -7.78 -19.38
N VAL B 441 16.27 -6.73 -18.78
CA VAL B 441 15.40 -5.68 -18.24
C VAL B 441 14.75 -4.83 -19.33
N THR B 442 15.50 -4.42 -20.35
CA THR B 442 14.96 -3.46 -21.34
C THR B 442 13.97 -4.12 -22.30
N VAL B 443 14.27 -5.34 -22.73
CA VAL B 443 13.38 -6.06 -23.62
C VAL B 443 12.07 -6.42 -22.91
N SER B 444 12.15 -6.74 -21.63
CA SER B 444 10.98 -7.12 -20.85
C SER B 444 10.09 -5.91 -20.54
N SER B 445 10.71 -4.76 -20.34
CA SER B 445 9.97 -3.50 -20.26
C SER B 445 9.30 -3.17 -21.58
N ALA B 446 9.99 -3.45 -22.68
CA ALA B 446 9.51 -3.11 -24.04
C ALA B 446 8.40 -4.01 -24.61
N LEU B 447 8.28 -5.24 -24.14
CA LEU B 447 7.28 -6.17 -24.69
C LEU B 447 5.89 -5.81 -24.19
N GLN B 448 4.90 -5.80 -25.08
CA GLN B 448 3.52 -5.43 -24.73
C GLN B 448 2.67 -6.66 -24.36
N ALA B 449 2.96 -7.20 -23.19
CA ALA B 449 2.24 -8.36 -22.68
C ALA B 449 2.08 -8.22 -21.16
N GLY B 450 1.06 -8.89 -20.61
CA GLY B 450 0.77 -8.81 -19.20
C GLY B 450 1.73 -9.52 -18.28
N THR B 451 2.38 -10.55 -18.81
CA THR B 451 3.37 -11.31 -18.05
C THR B 451 4.54 -11.52 -18.97
N VAL B 452 5.75 -11.44 -18.45
CA VAL B 452 6.96 -11.65 -19.24
C VAL B 452 7.90 -12.50 -18.44
N TRP B 453 8.25 -13.67 -18.99
CA TRP B 453 9.06 -14.65 -18.30
C TRP B 453 10.47 -14.59 -18.86
N VAL B 454 11.45 -14.47 -17.97
CA VAL B 454 12.85 -14.31 -18.36
C VAL B 454 13.62 -15.54 -17.91
N ASN B 455 14.20 -16.26 -18.87
CA ASN B 455 14.96 -17.52 -18.63
C ASN B 455 14.14 -18.69 -18.07
N CYS B 456 12.83 -18.61 -18.27
CA CYS B 456 11.91 -19.67 -17.91
C CYS B 456 10.64 -19.54 -18.73
N TYR B 457 9.69 -20.43 -18.47
CA TYR B 457 8.35 -20.37 -19.04
C TYR B 457 7.44 -21.26 -18.20
N LEU B 458 6.13 -21.01 -18.23
CA LEU B 458 5.16 -21.68 -17.34
C LEU B 458 5.51 -21.46 -15.87
N ALA B 459 5.74 -20.22 -15.49
CA ALA B 459 6.20 -19.91 -14.14
C ALA B 459 5.23 -19.00 -13.45
N ALA B 460 3.94 -19.31 -13.60
CA ALA B 460 2.89 -18.55 -12.94
C ALA B 460 2.85 -18.97 -11.49
N SER B 461 2.51 -18.02 -10.62
CA SER B 461 2.29 -18.31 -9.22
C SER B 461 1.07 -17.57 -8.68
N ALA B 462 0.50 -18.09 -7.61
CA ALA B 462 -0.67 -17.47 -6.95
C ALA B 462 -0.46 -16.03 -6.51
N GLN B 463 0.78 -15.62 -6.24
CA GLN B 463 1.02 -14.27 -5.71
C GLN B 463 1.31 -13.20 -6.78
N SER B 464 1.36 -13.62 -8.06
CA SER B 464 1.58 -12.73 -9.20
C SER B 464 0.28 -12.49 -9.96
N PRO B 465 -0.02 -11.23 -10.29
CA PRO B 465 -1.15 -10.95 -11.17
C PRO B 465 -0.89 -11.45 -12.61
N ALA B 466 -1.97 -11.72 -13.34
CA ALA B 466 -1.92 -12.23 -14.71
C ALA B 466 -3.12 -11.72 -15.51
N GLY B 467 -2.88 -11.40 -16.77
CA GLY B 467 -3.91 -10.84 -17.61
C GLY B 467 -3.34 -10.22 -18.87
N GLY B 468 -4.23 -9.75 -19.74
CA GLY B 468 -3.84 -9.35 -21.09
C GLY B 468 -3.67 -7.86 -21.33
N PHE B 469 -2.75 -7.55 -22.25
CA PHE B 469 -2.67 -6.25 -22.94
C PHE B 469 -3.55 -6.29 -24.21
N LYS B 470 -3.92 -5.12 -24.73
CA LYS B 470 -4.65 -5.01 -25.99
C LYS B 470 -5.86 -5.97 -26.04
N MET B 471 -5.97 -6.82 -27.06
CA MET B 471 -7.17 -7.63 -27.27
C MET B 471 -7.10 -9.02 -26.61
N SER B 472 -6.07 -9.25 -25.82
CA SER B 472 -6.00 -10.41 -24.93
C SER B 472 -6.81 -10.23 -23.64
N GLY B 473 -7.48 -9.08 -23.51
CA GLY B 473 -8.37 -8.84 -22.39
C GLY B 473 -8.06 -7.58 -21.59
N HIS B 474 -8.75 -7.40 -20.48
CA HIS B 474 -8.37 -6.40 -19.48
C HIS B 474 -8.78 -6.81 -18.08
N GLY B 475 -8.03 -6.34 -17.10
CA GLY B 475 -8.18 -6.78 -15.72
C GLY B 475 -7.07 -7.76 -15.43
N ARG B 476 -6.82 -8.02 -14.15
CA ARG B 476 -5.82 -9.00 -13.78
C ARG B 476 -6.47 -10.01 -12.86
N GLU B 477 -5.82 -11.15 -12.71
CA GLU B 477 -6.25 -12.17 -11.77
C GLU B 477 -5.09 -12.60 -10.88
N MET B 478 -5.40 -12.85 -9.61
CA MET B 478 -4.42 -13.29 -8.61
C MET B 478 -3.47 -12.16 -8.13
N GLY B 479 -2.54 -12.49 -7.23
CA GLY B 479 -1.76 -11.51 -6.51
C GLY B 479 -2.63 -10.55 -5.71
N GLU B 480 -2.02 -9.52 -5.13
CA GLU B 480 -2.80 -8.48 -4.46
C GLU B 480 -3.78 -7.82 -5.46
N TYR B 481 -3.23 -7.40 -6.59
CA TYR B 481 -3.93 -6.57 -7.55
C TYR B 481 -5.18 -7.24 -8.12
N GLY B 482 -5.02 -8.47 -8.59
CA GLY B 482 -6.15 -9.22 -9.12
C GLY B 482 -7.24 -9.45 -8.10
N ILE B 483 -6.86 -9.76 -6.86
CA ILE B 483 -7.87 -9.95 -5.81
C ILE B 483 -8.71 -8.67 -5.62
N HIS B 484 -8.08 -7.51 -5.72
CA HIS B 484 -8.81 -6.27 -5.47
C HIS B 484 -9.76 -5.86 -6.57
N GLU B 485 -9.78 -6.58 -7.69
CA GLU B 485 -10.77 -6.36 -8.77
C GLU B 485 -12.17 -6.85 -8.43
N TYR B 486 -12.31 -7.57 -7.32
CA TYR B 486 -13.62 -8.06 -6.87
C TYR B 486 -14.20 -7.23 -5.72
N THR B 487 -13.74 -5.99 -5.61
CA THR B 487 -14.27 -5.03 -4.66
C THR B 487 -14.77 -3.78 -5.40
N GLU B 488 -15.67 -3.06 -4.76
CA GLU B 488 -16.16 -1.76 -5.22
C GLU B 488 -15.80 -0.72 -4.15
N VAL B 489 -15.22 0.42 -4.55
CA VAL B 489 -14.74 1.43 -3.61
C VAL B 489 -15.76 2.52 -3.25
N LYS B 490 -15.98 2.70 -1.94
CA LYS B 490 -16.83 3.77 -1.40
C LYS B 490 -16.02 4.77 -0.54
N THR B 491 -16.16 6.06 -0.84
CA THR B 491 -15.61 7.13 -0.01
C THR B 491 -16.67 7.63 0.96
N VAL B 492 -16.34 7.70 2.25
CA VAL B 492 -17.19 8.38 3.22
C VAL B 492 -16.50 9.63 3.75
N THR B 493 -17.18 10.77 3.68
CA THR B 493 -16.62 12.02 4.16
C THR B 493 -17.57 12.66 5.18
N MET B 494 -17.09 12.80 6.43
CA MET B 494 -17.86 13.35 7.55
C MET B 494 -17.38 14.73 8.02
N LYS B 495 -18.30 15.65 8.21
CA LYS B 495 -17.99 16.98 8.75
C LYS B 495 -17.58 16.86 10.21
N ILE B 496 -16.47 17.49 10.60
CA ILE B 496 -16.05 17.57 12.00
C ILE B 496 -15.87 19.01 12.46
N SER B 497 -16.02 19.22 13.77
CA SER B 497 -16.04 20.58 14.36
C SER B 497 -14.62 21.15 14.44
N GLU B 498 -13.64 20.29 14.63
CA GLU B 498 -12.23 20.72 14.53
C GLU B 498 -11.39 19.63 13.88
N LYS B 499 -10.34 20.05 13.16
CA LYS B 499 -9.36 19.13 12.60
C LYS B 499 -7.96 19.48 13.10
N ASN B 500 -7.26 18.48 13.64
CA ASN B 500 -5.83 18.58 13.88
C ASN B 500 -5.10 17.44 13.16
N SER B 501 -3.91 17.74 12.61
CA SER B 501 -3.16 16.76 11.79
C SER B 501 -2.92 15.44 12.51
N ASP C 8 25.09 25.29 -19.19
CA ASP C 8 26.34 25.99 -18.79
C ASP C 8 26.33 26.29 -17.28
N LEU C 9 27.53 26.31 -16.70
CA LEU C 9 27.74 26.53 -15.26
C LEU C 9 28.19 27.98 -14.96
N PRO C 10 27.43 28.71 -14.15
CA PRO C 10 27.87 30.02 -13.65
C PRO C 10 29.11 29.99 -12.74
N ALA C 11 29.79 31.14 -12.70
CA ALA C 11 30.90 31.34 -11.76
C ALA C 11 30.33 31.59 -10.35
N PRO C 12 31.10 31.29 -9.30
CA PRO C 12 30.66 31.59 -7.93
C PRO C 12 30.58 33.08 -7.64
N LEU C 13 29.76 33.46 -6.67
CA LEU C 13 29.70 34.83 -6.20
C LEU C 13 31.08 35.26 -5.67
N THR C 14 31.45 36.51 -5.97
CA THR C 14 32.83 36.97 -5.81
C THR C 14 33.18 37.43 -4.38
N ASN C 15 32.34 38.25 -3.74
CA ASN C 15 32.64 38.66 -2.35
C ASN C 15 31.41 38.66 -1.44
N ILE C 16 30.91 37.45 -1.23
CA ILE C 16 29.81 37.19 -0.32
C ILE C 16 30.08 37.71 1.10
N LYS C 17 29.05 38.31 1.69
CA LYS C 17 29.08 38.75 3.09
C LYS C 17 28.13 37.86 3.86
N ILE C 18 28.58 37.39 5.02
CA ILE C 18 27.75 36.57 5.89
C ILE C 18 26.68 37.45 6.55
N GLN C 19 25.42 37.06 6.40
CA GLN C 19 24.28 37.83 6.88
C GLN C 19 23.67 37.30 8.19
N HIS C 20 23.66 35.98 8.36
CA HIS C 20 22.96 35.35 9.49
C HIS C 20 23.90 34.50 10.33
N THR C 21 23.98 34.86 11.62
CA THR C 21 24.92 34.27 12.55
C THR C 21 24.31 33.96 13.91
N LYS C 22 23.01 34.13 14.03
CA LYS C 22 22.34 34.04 15.31
C LYS C 22 21.41 32.85 15.35
N LEU C 23 21.01 32.44 16.55
CA LEU C 23 20.04 31.35 16.71
C LEU C 23 18.68 31.78 16.18
N PHE C 24 17.91 30.82 15.68
CA PHE C 24 16.57 31.05 15.11
C PHE C 24 15.57 30.35 15.98
N ILE C 25 14.79 31.11 16.73
CA ILE C 25 13.73 30.60 17.59
C ILE C 25 12.47 31.46 17.44
N ASN C 26 11.34 30.83 17.18
CA ASN C 26 10.03 31.48 16.94
C ASN C 26 10.03 32.49 15.78
N ASN C 27 10.72 32.15 14.69
CA ASN C 27 10.91 33.03 13.53
C ASN C 27 11.57 34.38 13.88
N GLU C 28 12.32 34.41 14.97
CA GLU C 28 13.04 35.59 15.42
C GLU C 28 14.50 35.22 15.68
N TRP C 29 15.37 36.22 15.65
CA TRP C 29 16.81 36.00 15.80
C TRP C 29 17.22 36.34 17.21
N HIS C 30 17.93 35.42 17.86
CA HIS C 30 18.28 35.55 19.27
C HIS C 30 19.78 35.51 19.50
N GLU C 31 20.23 36.31 20.46
CA GLU C 31 21.58 36.20 20.98
C GLU C 31 21.54 35.02 21.97
N SER C 32 22.63 34.29 22.07
CA SER C 32 22.77 33.22 23.07
C SER C 32 22.54 33.74 24.49
N VAL C 33 22.14 32.86 25.41
CA VAL C 33 21.74 33.30 26.75
C VAL C 33 22.97 33.71 27.55
N SER C 34 24.08 33.01 27.34
CA SER C 34 25.34 33.38 27.96
C SER C 34 25.97 34.55 27.25
N GLY C 35 25.67 34.74 25.98
CA GLY C 35 26.33 35.78 25.16
C GLY C 35 27.63 35.34 24.48
N LYS C 36 28.03 34.08 24.65
CA LYS C 36 29.20 33.51 23.99
C LYS C 36 28.90 33.25 22.53
N THR C 37 29.92 33.37 21.68
CA THR C 37 29.86 32.90 20.28
C THR C 37 31.00 31.94 20.03
N PHE C 38 30.96 31.23 18.90
CA PHE C 38 32.01 30.32 18.51
C PHE C 38 32.48 30.56 17.07
N PRO C 39 33.78 30.42 16.82
CA PRO C 39 34.32 30.78 15.50
C PRO C 39 34.01 29.74 14.42
N VAL C 40 34.02 30.19 13.17
CA VAL C 40 33.75 29.36 12.01
C VAL C 40 34.80 29.64 10.95
N PHE C 41 35.40 28.59 10.41
CA PHE C 41 36.61 28.69 9.59
C PHE C 41 36.44 28.19 8.15
N ASN C 42 37.13 28.86 7.23
CA ASN C 42 37.22 28.43 5.84
C ASN C 42 38.40 27.46 5.76
N PRO C 43 38.17 26.19 5.44
CA PRO C 43 39.22 25.17 5.50
C PRO C 43 40.34 25.30 4.46
N ALA C 44 40.08 25.95 3.34
CA ALA C 44 41.10 26.17 2.30
C ALA C 44 42.11 27.30 2.61
N THR C 45 41.75 28.23 3.49
CA THR C 45 42.64 29.36 3.84
C THR C 45 43.07 29.40 5.30
N GLU C 46 42.44 28.58 6.15
CA GLU C 46 42.61 28.65 7.60
C GLU C 46 42.06 29.92 8.27
N GLU C 47 41.52 30.85 7.48
CA GLU C 47 41.11 32.17 7.98
C GLU C 47 39.67 32.13 8.55
N LYS C 48 39.38 33.04 9.47
CA LYS C 48 38.07 33.10 10.12
C LYS C 48 37.00 33.70 9.19
N ILE C 49 35.82 33.10 9.20
CA ILE C 49 34.69 33.59 8.38
C ILE C 49 33.80 34.52 9.21
N CYS C 50 33.44 34.07 10.42
CA CYS C 50 32.59 34.81 11.33
C CYS C 50 32.48 34.11 12.66
N GLU C 51 31.90 34.78 13.64
CA GLU C 51 31.52 34.13 14.90
C GLU C 51 30.01 33.87 14.83
N VAL C 52 29.54 32.86 15.54
CA VAL C 52 28.13 32.45 15.50
C VAL C 52 27.67 32.27 16.93
N GLU C 53 26.47 32.76 17.27
CA GLU C 53 25.95 32.56 18.63
C GLU C 53 26.07 31.09 19.05
N GLU C 54 26.55 30.83 20.26
CA GLU C 54 26.75 29.46 20.73
C GLU C 54 25.64 29.03 21.68
N ALA C 55 24.68 28.26 21.14
CA ALA C 55 23.62 27.63 21.93
C ALA C 55 24.18 26.63 22.93
N ASP C 56 23.67 26.70 24.16
CA ASP C 56 23.89 25.72 25.22
C ASP C 56 22.51 25.20 25.68
N LYS C 57 22.48 24.48 26.81
CA LYS C 57 21.25 23.92 27.36
C LYS C 57 20.11 24.94 27.52
N GLU C 58 20.42 26.14 27.97
CA GLU C 58 19.36 27.11 28.24
C GLU C 58 18.73 27.62 26.95
N ASP C 59 19.48 27.56 25.86
CA ASP C 59 18.94 27.93 24.55
C ASP C 59 18.13 26.82 23.93
N VAL C 60 18.49 25.57 24.20
CA VAL C 60 17.71 24.45 23.68
C VAL C 60 16.34 24.48 24.36
N ASP C 61 16.33 24.66 25.67
CA ASP C 61 15.08 24.75 26.42
C ASP C 61 14.13 25.82 25.84
N LYS C 62 14.64 26.96 25.34
CA LYS C 62 13.78 27.96 24.66
C LYS C 62 13.22 27.50 23.30
N ALA C 63 14.03 26.80 22.50
CA ALA C 63 13.60 26.32 21.18
C ALA C 63 12.56 25.21 21.28
N VAL C 64 12.81 24.27 22.21
CA VAL C 64 11.88 23.19 22.52
C VAL C 64 10.54 23.75 22.97
N LYS C 65 10.58 24.76 23.83
CA LYS C 65 9.36 25.41 24.29
C LYS C 65 8.54 25.98 23.13
N ALA C 66 9.22 26.52 22.13
CA ALA C 66 8.54 27.14 21.01
C ALA C 66 7.95 26.07 20.06
N ALA C 67 8.70 25.00 19.83
CA ALA C 67 8.21 23.84 19.06
C ALA C 67 6.96 23.24 19.68
N ARG C 68 6.97 23.09 21.00
CA ARG C 68 5.82 22.51 21.72
C ARG C 68 4.58 23.38 21.58
N GLU C 69 4.78 24.69 21.67
CA GLU C 69 3.71 25.65 21.56
C GLU C 69 3.14 25.60 20.14
N ALA C 70 4.02 25.43 19.15
CA ALA C 70 3.62 25.42 17.75
C ALA C 70 2.98 24.10 17.36
N PHE C 71 3.10 23.09 18.21
CA PHE C 71 2.49 21.80 17.97
C PHE C 71 1.17 21.60 18.71
N GLN C 72 0.79 22.56 19.57
CA GLN C 72 -0.45 22.42 20.35
C GLN C 72 -1.65 22.35 19.43
N MET C 73 -2.55 21.43 19.72
CA MET C 73 -3.84 21.34 19.02
C MET C 73 -4.55 22.69 19.01
N GLY C 74 -5.08 23.09 17.86
CA GLY C 74 -5.68 24.41 17.70
C GLY C 74 -4.77 25.44 17.03
N SER C 75 -3.47 25.16 16.93
CA SER C 75 -2.51 26.10 16.33
C SER C 75 -2.56 26.08 14.79
N PRO C 76 -2.09 27.15 14.15
CA PRO C 76 -2.02 27.21 12.68
C PRO C 76 -1.34 26.02 11.95
N TRP C 77 -0.25 25.47 12.51
CA TRP C 77 0.47 24.35 11.89
C TRP C 77 -0.25 23.00 12.07
N ARG C 78 -1.10 22.89 13.09
CA ARG C 78 -1.87 21.67 13.27
C ARG C 78 -3.15 21.66 12.44
N THR C 79 -3.79 22.82 12.28
CA THR C 79 -5.13 22.89 11.67
C THR C 79 -5.12 23.18 10.17
N MET C 80 -3.97 23.60 9.64
CA MET C 80 -3.87 23.85 8.20
C MET C 80 -3.97 22.52 7.51
N ASP C 81 -4.57 22.53 6.33
CA ASP C 81 -4.67 21.33 5.51
C ASP C 81 -3.28 20.76 5.23
N ALA C 82 -3.24 19.43 5.08
CA ALA C 82 -2.04 18.74 4.68
C ALA C 82 -1.53 19.26 3.34
N SER C 83 -2.44 19.57 2.41
CA SER C 83 -2.03 20.13 1.12
C SER C 83 -1.33 21.46 1.29
N GLU C 84 -1.66 22.20 2.35
CA GLU C 84 -1.03 23.49 2.63
C GLU C 84 0.35 23.38 3.26
N ARG C 85 0.60 22.32 4.04
CA ARG C 85 1.96 22.01 4.50
C ARG C 85 2.80 21.71 3.28
N GLY C 86 2.23 21.05 2.29
CA GLY C 86 2.91 20.75 1.06
C GLY C 86 3.33 21.97 0.27
N GLN C 87 2.44 22.97 0.20
CA GLN C 87 2.72 24.22 -0.52
C GLN C 87 3.80 25.05 0.17
N LEU C 88 3.91 24.94 1.49
CA LEU C 88 4.91 25.70 2.22
C LEU C 88 6.28 25.10 1.97
N ILE C 89 6.34 23.77 1.96
CA ILE C 89 7.58 23.03 1.67
C ILE C 89 8.03 23.24 0.24
N TYR C 90 7.08 23.36 -0.67
CA TYR C 90 7.40 23.59 -2.06
C TYR C 90 7.91 25.02 -2.26
N LYS C 91 7.32 26.00 -1.56
CA LYS C 91 7.80 27.39 -1.58
C LYS C 91 9.25 27.51 -1.05
N LEU C 92 9.57 26.82 0.04
CA LEU C 92 10.94 26.79 0.55
C LEU C 92 11.90 26.32 -0.55
N ALA C 93 11.50 25.31 -1.31
CA ALA C 93 12.30 24.81 -2.41
C ALA C 93 12.43 25.78 -3.59
N ASP C 94 11.35 26.45 -3.98
CA ASP C 94 11.41 27.50 -5.01
C ASP C 94 12.42 28.57 -4.61
N LEU C 95 12.44 28.91 -3.31
CA LEU C 95 13.27 29.98 -2.78
C LEU C 95 14.74 29.58 -2.68
N ILE C 96 15.03 28.33 -2.35
CA ILE C 96 16.39 27.81 -2.37
C ILE C 96 16.92 27.75 -3.82
N GLU C 97 16.05 27.39 -4.77
CA GLU C 97 16.38 27.42 -6.20
C GLU C 97 16.76 28.83 -6.65
N ARG C 98 16.04 29.82 -6.13
CA ARG C 98 16.27 31.23 -6.44
C ARG C 98 17.62 31.70 -5.87
N ASP C 99 17.92 31.26 -4.65
CA ASP C 99 19.17 31.57 -3.94
C ASP C 99 20.26 30.52 -4.20
N ARG C 100 20.15 29.81 -5.30
CA ARG C 100 21.01 28.65 -5.58
C ARG C 100 22.47 29.05 -5.64
N LEU C 101 22.74 30.15 -6.33
CA LEU C 101 24.11 30.65 -6.52
C LEU C 101 24.76 31.07 -5.22
N LEU C 102 24.03 31.85 -4.43
CA LEU C 102 24.47 32.26 -3.08
C LEU C 102 24.68 31.07 -2.15
N LEU C 103 23.73 30.15 -2.11
CA LEU C 103 23.80 28.98 -1.21
C LEU C 103 24.89 28.00 -1.61
N ALA C 104 25.12 27.82 -2.92
CA ALA C 104 26.21 26.95 -3.38
C ALA C 104 27.55 27.53 -2.99
N THR C 105 27.73 28.82 -3.24
CA THR C 105 28.98 29.53 -2.96
C THR C 105 29.34 29.42 -1.48
N LEU C 106 28.39 29.74 -0.62
CA LEU C 106 28.57 29.68 0.83
C LEU C 106 28.89 28.25 1.29
N GLU C 107 28.25 27.25 0.69
CA GLU C 107 28.51 25.85 1.02
C GLU C 107 29.96 25.47 0.66
N SER C 108 30.42 25.98 -0.48
CA SER C 108 31.80 25.79 -0.87
C SER C 108 32.76 26.41 0.15
N ILE C 109 32.49 27.65 0.59
CA ILE C 109 33.39 28.36 1.51
C ILE C 109 33.50 27.66 2.87
N ASN C 110 32.37 27.32 3.45
CA ASN C 110 32.33 26.72 4.79
C ASN C 110 32.74 25.24 4.81
N ALA C 111 32.30 24.49 3.80
CA ALA C 111 32.51 23.03 3.76
C ALA C 111 33.63 22.56 2.80
N GLY C 112 34.38 23.48 2.21
CA GLY C 112 35.52 23.12 1.36
C GLY C 112 35.15 22.29 0.14
N LYS C 113 33.90 22.43 -0.31
CA LYS C 113 33.36 21.63 -1.41
C LYS C 113 33.66 22.31 -2.72
N VAL C 114 34.12 21.54 -3.70
CA VAL C 114 34.33 22.03 -5.06
C VAL C 114 33.06 22.76 -5.48
N PHE C 115 33.18 23.90 -6.16
CA PHE C 115 32.01 24.75 -6.44
C PHE C 115 31.04 24.14 -7.44
N ALA C 116 31.58 23.54 -8.51
CA ALA C 116 30.77 22.89 -9.53
C ALA C 116 29.90 21.82 -8.87
N SER C 117 30.50 21.09 -7.94
CA SER C 117 29.82 20.05 -7.18
C SER C 117 28.68 20.62 -6.34
N ALA C 118 28.98 21.66 -5.57
CA ALA C 118 28.01 22.24 -4.63
C ALA C 118 26.80 22.81 -5.35
N TYR C 119 27.03 23.34 -6.55
CA TYR C 119 26.00 23.98 -7.35
C TYR C 119 25.19 22.97 -8.19
N LEU C 120 25.88 22.02 -8.83
CA LEU C 120 25.25 21.09 -9.78
C LEU C 120 24.65 19.84 -9.13
N MET C 121 25.29 19.32 -8.09
CA MET C 121 24.84 18.11 -7.39
C MET C 121 24.07 18.44 -6.11
N ASP C 122 24.76 19.05 -5.14
CA ASP C 122 24.22 19.28 -3.79
C ASP C 122 22.99 20.18 -3.73
N LEU C 123 23.03 21.33 -4.39
CA LEU C 123 21.88 22.24 -4.40
C LEU C 123 20.72 21.65 -5.21
N ASP C 124 21.05 21.02 -6.34
CA ASP C 124 20.05 20.34 -7.16
C ASP C 124 19.32 19.23 -6.39
N TYR C 125 20.09 18.44 -5.63
CA TYR C 125 19.55 17.33 -4.84
C TYR C 125 18.62 17.77 -3.68
N CYS C 126 18.95 18.92 -3.10
CA CYS C 126 18.30 19.45 -1.90
C CYS C 126 16.94 20.08 -2.26
N ILE C 127 16.88 20.70 -3.43
CA ILE C 127 15.65 21.22 -4.01
C ILE C 127 14.71 20.09 -4.42
N LYS C 128 15.26 19.05 -5.06
CA LYS C 128 14.44 17.90 -5.46
C LYS C 128 13.89 17.13 -4.26
N ALA C 129 14.68 17.02 -3.19
CA ALA C 129 14.28 16.26 -1.99
C ALA C 129 13.11 16.97 -1.30
N LEU C 130 13.18 18.29 -1.23
CA LEU C 130 12.10 19.10 -0.67
C LEU C 130 10.83 19.04 -1.53
N ARG C 131 10.97 19.02 -2.85
CA ARG C 131 9.80 18.97 -3.73
C ARG C 131 9.14 17.58 -3.69
N TYR C 132 9.92 16.55 -3.37
CA TYR C 132 9.41 15.19 -3.27
C TYR C 132 8.59 15.04 -2.00
N CYS C 133 9.14 15.48 -0.89
CA CYS C 133 8.45 15.42 0.40
C CYS C 133 7.18 16.27 0.41
N ALA C 134 7.23 17.41 -0.29
CA ALA C 134 6.05 18.25 -0.51
C ALA C 134 4.90 17.42 -1.08
N GLY C 135 5.22 16.62 -2.09
CA GLY C 135 4.23 15.76 -2.72
C GLY C 135 3.59 14.74 -1.78
N TRP C 136 4.34 14.27 -0.76
CA TRP C 136 3.84 13.26 0.20
C TRP C 136 2.84 13.76 1.24
N ALA C 137 2.82 15.07 1.53
CA ALA C 137 2.03 15.63 2.65
C ALA C 137 0.56 15.20 2.71
N ASP C 138 -0.18 15.41 1.62
CA ASP C 138 -1.59 15.07 1.57
C ASP C 138 -1.86 13.69 0.98
N LYS C 139 -0.81 12.85 0.92
CA LYS C 139 -0.89 11.46 0.46
C LYS C 139 -0.42 10.43 1.51
N ILE C 140 -0.18 10.88 2.74
CA ILE C 140 0.08 10.01 3.90
C ILE C 140 -1.27 9.51 4.41
N GLN C 141 -1.49 8.20 4.33
CA GLN C 141 -2.85 7.63 4.43
C GLN C 141 -2.90 6.41 5.36
N GLY C 142 -3.82 6.42 6.33
CA GLY C 142 -3.99 5.28 7.21
C GLY C 142 -4.80 4.18 6.55
N ARG C 143 -5.47 3.37 7.36
CA ARG C 143 -6.22 2.22 6.90
C ARG C 143 -7.60 2.10 7.55
N THR C 144 -8.52 1.49 6.82
CA THR C 144 -9.75 0.96 7.41
C THR C 144 -9.61 -0.56 7.38
N ILE C 145 -10.00 -1.20 8.48
CA ILE C 145 -9.58 -2.56 8.79
C ILE C 145 -10.76 -3.44 9.15
N PRO C 146 -10.92 -4.56 8.46
CA PRO C 146 -12.03 -5.46 8.74
C PRO C 146 -11.74 -6.40 9.92
N VAL C 147 -11.67 -5.82 11.12
CA VAL C 147 -11.38 -6.59 12.34
C VAL C 147 -12.52 -7.55 12.72
N ASP C 148 -12.20 -8.53 13.57
CA ASP C 148 -13.22 -9.43 14.13
C ASP C 148 -14.16 -8.63 15.02
N GLY C 149 -15.42 -9.06 15.11
CA GLY C 149 -16.40 -8.42 15.97
C GLY C 149 -17.19 -7.35 15.26
N GLU C 150 -18.12 -6.74 16.01
CA GLU C 150 -18.99 -5.69 15.51
C GLU C 150 -18.41 -4.33 15.79
N PHE C 151 -17.44 -3.94 14.96
CA PHE C 151 -16.67 -2.71 15.14
C PHE C 151 -16.33 -2.03 13.79
N PHE C 152 -16.22 -0.71 13.80
CA PHE C 152 -15.57 0.02 12.72
C PHE C 152 -14.18 0.38 13.23
N SER C 153 -13.13 -0.05 12.53
CA SER C 153 -11.77 0.17 12.98
C SER C 153 -10.89 0.81 11.91
N TYR C 154 -10.20 1.89 12.28
CA TYR C 154 -9.31 2.58 11.38
C TYR C 154 -8.06 3.09 12.06
N THR C 155 -7.03 3.38 11.27
CA THR C 155 -5.81 3.98 11.78
C THR C 155 -5.57 5.36 11.23
N ARG C 156 -4.83 6.13 12.02
CA ARG C 156 -4.39 7.46 11.69
C ARG C 156 -2.86 7.43 11.78
N HIS C 157 -2.18 8.03 10.81
CA HIS C 157 -0.74 8.22 10.87
C HIS C 157 -0.51 9.67 11.27
N GLU C 158 -0.41 9.92 12.57
CA GLU C 158 -0.32 11.28 13.10
C GLU C 158 1.12 11.75 13.06
N PRO C 159 1.38 13.05 13.25
CA PRO C 159 2.73 13.50 13.52
C PRO C 159 3.17 13.04 14.91
N ILE C 160 4.46 12.83 15.12
CA ILE C 160 4.97 12.42 16.44
C ILE C 160 4.95 13.58 17.44
N GLY C 161 5.54 14.71 17.06
CA GLY C 161 5.56 15.92 17.88
C GLY C 161 6.84 16.73 17.70
N VAL C 162 7.53 16.98 18.81
CA VAL C 162 8.79 17.73 18.75
C VAL C 162 9.95 16.81 18.42
N CYS C 163 10.63 17.10 17.31
CA CYS C 163 11.72 16.27 16.79
C CYS C 163 13.06 17.00 16.80
N GLY C 164 14.03 16.47 17.54
CA GLY C 164 15.40 16.96 17.46
C GLY C 164 16.08 16.33 16.26
N LEU C 165 16.79 17.15 15.47
CA LEU C 165 17.50 16.73 14.27
C LEU C 165 18.96 17.15 14.38
N ILE C 166 19.85 16.18 14.54
CA ILE C 166 21.27 16.44 14.74
C ILE C 166 22.05 15.80 13.60
N PHE C 167 22.97 16.54 12.98
CA PHE C 167 23.73 15.98 11.86
C PHE C 167 25.15 16.58 11.63
N PRO C 168 25.94 15.97 10.74
CA PRO C 168 27.32 16.38 10.53
C PRO C 168 27.55 17.46 9.45
N TRP C 169 28.81 17.58 9.03
CA TRP C 169 29.30 18.71 8.28
C TRP C 169 29.63 18.41 6.81
N ASN C 170 29.45 17.16 6.38
CA ASN C 170 29.92 16.76 5.05
C ASN C 170 29.05 17.16 3.87
N ALA C 171 27.77 17.44 4.12
CA ALA C 171 26.86 17.92 3.08
C ALA C 171 25.68 18.65 3.73
N PRO C 172 25.96 19.84 4.30
CA PRO C 172 24.98 20.57 5.11
C PRO C 172 23.58 20.75 4.51
N MET C 173 23.48 21.21 3.27
CA MET C 173 22.18 21.40 2.60
C MET C 173 21.41 20.09 2.34
N ILE C 174 22.14 19.05 1.93
CA ILE C 174 21.53 17.75 1.62
C ILE C 174 20.95 17.14 2.87
N LEU C 175 21.76 17.04 3.92
CA LEU C 175 21.32 16.49 5.20
C LEU C 175 20.18 17.28 5.85
N LEU C 176 20.22 18.61 5.72
CA LEU C 176 19.16 19.46 6.27
C LEU C 176 17.86 19.21 5.55
N ALA C 177 17.91 19.10 4.22
CA ALA C 177 16.73 18.87 3.39
C ALA C 177 16.11 17.48 3.60
N CYS C 178 16.97 16.48 3.76
CA CYS C 178 16.53 15.11 3.91
C CYS C 178 15.95 14.83 5.30
N LYS C 179 16.12 15.77 6.23
CA LYS C 179 15.54 15.64 7.58
C LYS C 179 14.38 16.61 7.84
N ILE C 180 14.51 17.87 7.48
CA ILE C 180 13.37 18.79 7.69
C ILE C 180 12.22 18.48 6.73
N GLY C 181 12.53 17.93 5.56
CA GLY C 181 11.53 17.59 4.57
C GLY C 181 10.59 16.49 5.03
N PRO C 182 11.09 15.30 5.34
CA PRO C 182 10.23 14.24 5.88
C PRO C 182 9.50 14.65 7.17
N ALA C 183 10.17 15.42 8.01
CA ALA C 183 9.65 15.81 9.32
C ALA C 183 8.52 16.81 9.21
N LEU C 184 8.71 17.81 8.36
CA LEU C 184 7.74 18.87 8.19
C LEU C 184 6.55 18.37 7.41
N CYS C 185 6.78 17.45 6.47
CA CYS C 185 5.69 16.98 5.60
C CYS C 185 4.72 16.04 6.35
N CYS C 186 5.18 15.43 7.43
CA CYS C 186 4.29 14.66 8.30
C CYS C 186 3.63 15.52 9.37
N GLY C 187 4.06 16.77 9.51
CA GLY C 187 3.40 17.72 10.38
C GLY C 187 4.02 17.85 11.76
N ASN C 188 5.25 17.37 11.92
CA ASN C 188 6.02 17.61 13.14
C ASN C 188 6.57 19.05 13.20
N THR C 189 7.00 19.48 14.38
CA THR C 189 7.86 20.66 14.56
C THR C 189 9.23 20.16 14.98
N VAL C 190 10.26 20.99 14.83
CA VAL C 190 11.65 20.52 14.89
C VAL C 190 12.64 21.49 15.54
N ILE C 191 13.66 20.93 16.19
CA ILE C 191 14.85 21.65 16.65
C ILE C 191 16.02 21.10 15.85
N VAL C 192 16.64 21.96 15.04
CA VAL C 192 17.73 21.59 14.14
C VAL C 192 19.08 21.92 14.79
N LYS C 193 20.00 20.98 14.79
CA LYS C 193 21.30 21.21 15.42
C LYS C 193 22.44 20.90 14.44
N PRO C 194 22.80 21.91 13.64
CA PRO C 194 23.83 21.73 12.61
C PRO C 194 25.16 21.45 13.25
N ALA C 195 26.06 20.79 12.53
CA ALA C 195 27.42 20.57 13.03
C ALA C 195 28.09 21.92 13.29
N GLU C 196 28.85 22.00 14.38
CA GLU C 196 29.60 23.19 14.77
C GLU C 196 30.52 23.73 13.68
N GLN C 197 30.91 22.88 12.73
CA GLN C 197 31.86 23.26 11.70
C GLN C 197 31.21 23.93 10.46
N THR C 198 29.92 23.65 10.22
CA THR C 198 29.20 24.12 9.05
C THR C 198 27.74 24.55 9.34
N PRO C 199 27.55 25.61 10.12
CA PRO C 199 26.20 26.09 10.46
C PRO C 199 25.62 27.16 9.51
N LEU C 200 26.45 27.76 8.66
CA LEU C 200 26.08 28.99 7.96
C LEU C 200 24.97 28.82 6.93
N THR C 201 24.96 27.71 6.20
CA THR C 201 23.88 27.44 5.25
C THR C 201 22.55 27.16 5.98
N ALA C 202 22.61 26.43 7.08
CA ALA C 202 21.42 26.19 7.90
C ALA C 202 20.75 27.50 8.23
N LEU C 203 21.55 28.49 8.62
CA LEU C 203 21.04 29.79 9.05
C LEU C 203 20.44 30.59 7.89
N HIS C 204 21.04 30.49 6.71
CA HIS C 204 20.46 31.17 5.56
C HIS C 204 19.13 30.51 5.18
N VAL C 205 19.04 29.18 5.34
CA VAL C 205 17.80 28.46 5.09
C VAL C 205 16.73 28.88 6.13
N ALA C 206 17.16 29.21 7.34
CA ALA C 206 16.24 29.72 8.36
C ALA C 206 15.61 31.04 7.92
N SER C 207 16.37 31.92 7.26
CA SER C 207 15.79 33.17 6.73
C SER C 207 14.75 32.89 5.65
N LEU C 208 14.99 31.89 4.81
CA LEU C 208 14.04 31.53 3.73
C LEU C 208 12.77 30.86 4.25
N ILE C 209 12.88 30.13 5.37
CA ILE C 209 11.75 29.49 6.04
C ILE C 209 10.76 30.57 6.48
N LYS C 210 11.29 31.59 7.15
CA LYS C 210 10.52 32.77 7.55
C LYS C 210 9.80 33.44 6.35
N GLU C 211 10.49 33.57 5.22
CA GLU C 211 9.93 34.20 4.03
C GLU C 211 8.83 33.38 3.33
N ALA C 212 8.91 32.07 3.48
CA ALA C 212 7.94 31.15 2.89
C ALA C 212 6.61 31.14 3.64
N GLY C 213 6.60 31.62 4.88
CA GLY C 213 5.39 31.79 5.67
C GLY C 213 5.07 30.64 6.63
N PHE C 214 6.08 29.83 7.00
CA PHE C 214 5.87 28.83 8.04
C PHE C 214 5.45 29.52 9.33
N PRO C 215 4.50 28.93 10.06
CA PRO C 215 4.18 29.45 11.39
C PRO C 215 5.43 29.52 12.28
N PRO C 216 5.50 30.51 13.15
CA PRO C 216 6.64 30.62 14.06
C PRO C 216 6.68 29.43 15.04
N GLY C 217 7.90 28.98 15.36
CA GLY C 217 8.12 27.85 16.24
C GLY C 217 8.21 26.52 15.53
N VAL C 218 7.77 26.45 14.28
CA VAL C 218 7.73 25.17 13.56
C VAL C 218 9.14 24.66 13.25
N VAL C 219 10.04 25.57 12.86
CA VAL C 219 11.45 25.23 12.62
C VAL C 219 12.35 26.13 13.45
N ASN C 220 13.16 25.53 14.33
CA ASN C 220 14.10 26.26 15.16
C ASN C 220 15.50 25.74 14.94
N ILE C 221 16.47 26.65 14.80
CA ILE C 221 17.84 26.27 14.49
C ILE C 221 18.80 26.86 15.51
N VAL C 222 19.43 25.99 16.29
CA VAL C 222 20.29 26.35 17.41
C VAL C 222 21.72 25.80 17.22
N PRO C 223 22.56 26.53 16.49
CA PRO C 223 23.92 26.06 16.22
C PRO C 223 24.75 26.02 17.51
N GLY C 224 25.67 25.09 17.63
CA GLY C 224 26.39 24.88 18.87
C GLY C 224 27.20 23.60 18.87
N TYR C 225 27.86 23.31 19.99
CA TYR C 225 28.72 22.15 20.09
C TYR C 225 27.90 20.92 20.45
N GLY C 226 28.54 19.75 20.36
CA GLY C 226 27.86 18.48 20.57
C GLY C 226 27.57 18.09 22.02
N PRO C 227 28.60 18.04 22.88
CA PRO C 227 28.36 17.73 24.31
C PRO C 227 27.40 18.69 25.06
N THR C 228 27.11 19.87 24.51
CA THR C 228 26.31 20.90 25.18
C THR C 228 24.90 20.98 24.61
N ALA C 229 24.79 21.49 23.38
CA ALA C 229 23.49 21.71 22.73
C ALA C 229 22.88 20.41 22.20
N GLY C 230 23.72 19.57 21.60
CA GLY C 230 23.28 18.27 21.12
C GLY C 230 22.76 17.38 22.23
N ALA C 231 23.48 17.33 23.35
CA ALA C 231 23.14 16.43 24.45
C ALA C 231 21.94 16.94 25.26
N ALA C 232 21.71 18.25 25.20
CA ALA C 232 20.51 18.82 25.81
C ALA C 232 19.27 18.40 25.03
N ILE C 233 19.38 18.36 23.70
CA ILE C 233 18.29 17.89 22.83
C ILE C 233 17.95 16.42 23.10
N SER C 234 18.97 15.55 23.13
CA SER C 234 18.75 14.12 23.29
C SER C 234 18.28 13.69 24.69
N SER C 235 18.62 14.49 25.71
CA SER C 235 18.21 14.25 27.10
C SER C 235 16.92 14.99 27.54
N HIS C 236 16.33 15.78 26.64
CA HIS C 236 15.17 16.63 26.98
C HIS C 236 13.91 15.79 27.27
N MET C 237 13.19 16.15 28.34
CA MET C 237 11.99 15.43 28.75
C MET C 237 10.75 15.78 27.89
N ASP C 238 10.86 16.82 27.08
CA ASP C 238 9.76 17.29 26.23
C ASP C 238 10.05 17.18 24.72
N VAL C 239 11.09 16.43 24.35
CA VAL C 239 11.41 16.15 22.95
C VAL C 239 10.99 14.71 22.61
N ASP C 240 10.03 14.56 21.70
CA ASP C 240 9.45 13.26 21.39
C ASP C 240 10.33 12.31 20.57
N LYS C 241 11.27 12.86 19.80
CA LYS C 241 12.02 12.07 18.82
C LYS C 241 13.35 12.73 18.46
N VAL C 242 14.40 11.91 18.34
CA VAL C 242 15.70 12.42 17.90
C VAL C 242 16.23 11.62 16.69
N ALA C 243 16.32 12.31 15.55
CA ALA C 243 16.94 11.79 14.35
C ALA C 243 18.42 12.25 14.26
N PHE C 244 19.35 11.32 14.49
CA PHE C 244 20.79 11.60 14.53
C PHE C 244 21.53 11.04 13.31
N THR C 245 22.42 11.84 12.73
CA THR C 245 23.39 11.38 11.73
C THR C 245 24.76 11.84 12.18
N GLY C 246 25.69 10.89 12.24
CA GLY C 246 27.05 11.15 12.73
C GLY C 246 27.85 9.89 12.97
N SER C 247 28.84 9.98 13.84
CA SER C 247 29.76 8.87 14.10
C SER C 247 29.05 7.77 14.87
N THR C 248 29.58 6.56 14.79
CA THR C 248 29.04 5.46 15.58
C THR C 248 29.12 5.71 17.09
N GLU C 249 30.27 6.16 17.55
CA GLU C 249 30.55 6.44 18.96
C GLU C 249 29.49 7.32 19.62
N VAL C 250 29.17 8.44 18.97
CA VAL C 250 28.22 9.42 19.49
C VAL C 250 26.78 8.92 19.36
N GLY C 251 26.52 8.09 18.35
CA GLY C 251 25.21 7.47 18.18
C GLY C 251 24.77 6.62 19.35
N LYS C 252 25.73 5.97 20.01
CA LYS C 252 25.45 5.17 21.21
C LYS C 252 25.09 6.02 22.42
N MET C 253 25.70 7.21 22.54
CA MET C 253 25.42 8.13 23.64
C MET C 253 24.01 8.70 23.52
N ILE C 254 23.57 8.94 22.29
CA ILE C 254 22.21 9.41 22.01
C ILE C 254 21.17 8.36 22.44
N GLN C 255 21.47 7.11 22.10
CA GLN C 255 20.56 6.00 22.41
C GLN C 255 20.43 5.89 23.93
N GLU C 256 21.58 6.01 24.60
CA GLU C 256 21.66 5.95 26.04
C GLU C 256 20.98 7.16 26.72
N ALA C 257 21.22 8.36 26.21
CA ALA C 257 20.63 9.57 26.78
C ALA C 257 19.10 9.60 26.61
N ALA C 258 18.63 9.02 25.51
CA ALA C 258 17.19 8.85 25.26
C ALA C 258 16.54 7.88 26.25
N ALA C 259 17.27 6.82 26.63
CA ALA C 259 16.77 5.83 27.57
C ALA C 259 16.59 6.40 28.99
N LYS C 260 17.59 7.14 29.48
CA LYS C 260 17.56 7.67 30.84
C LYS C 260 16.68 8.92 31.01
N SER C 261 16.17 9.48 29.91
CA SER C 261 15.28 10.62 29.98
C SER C 261 13.81 10.19 29.78
N ASN C 262 13.27 10.29 28.56
CA ASN C 262 11.82 10.05 28.35
C ASN C 262 11.49 8.95 27.34
N LEU C 263 12.46 8.07 27.08
CA LEU C 263 12.36 7.01 26.06
C LEU C 263 11.81 7.49 24.71
N LYS C 264 12.23 8.69 24.32
CA LYS C 264 11.98 9.24 22.99
C LYS C 264 12.36 8.26 21.86
N ARG C 265 11.63 8.36 20.74
CA ARG C 265 11.93 7.64 19.51
C ARG C 265 13.29 8.07 18.93
N VAL C 266 14.12 7.09 18.54
CA VAL C 266 15.46 7.38 18.04
C VAL C 266 15.73 6.77 16.67
N THR C 267 16.22 7.61 15.78
CA THR C 267 16.66 7.21 14.44
C THR C 267 18.16 7.46 14.34
N LEU C 268 18.84 6.55 13.67
CA LEU C 268 20.30 6.48 13.69
C LEU C 268 20.88 6.14 12.30
N GLU C 269 21.75 7.01 11.81
CA GLU C 269 22.49 6.82 10.56
C GLU C 269 23.96 7.09 10.93
N LEU C 270 24.80 6.05 10.90
CA LEU C 270 26.12 6.11 11.54
C LEU C 270 27.33 5.89 10.60
N GLY C 271 28.43 5.38 11.14
CA GLY C 271 29.64 5.15 10.37
C GLY C 271 29.49 4.10 9.29
N ALA C 272 30.46 4.05 8.40
CA ALA C 272 30.40 3.21 7.22
C ALA C 272 31.77 2.78 6.73
N LYS C 273 31.83 1.60 6.13
CA LYS C 273 33.00 1.14 5.39
C LYS C 273 32.48 0.32 4.22
N ASN C 274 32.14 1.02 3.15
CA ASN C 274 31.30 0.49 2.08
C ASN C 274 32.07 -0.36 1.07
N PRO C 275 31.73 -1.64 0.91
CA PRO C 275 32.40 -2.49 -0.09
C PRO C 275 31.87 -2.30 -1.50
N CYS C 276 32.68 -2.70 -2.45
CA CYS C 276 32.35 -2.55 -3.85
C CYS C 276 33.06 -3.67 -4.61
N ILE C 277 32.30 -4.58 -5.20
CA ILE C 277 32.86 -5.79 -5.81
C ILE C 277 32.75 -5.67 -7.31
N VAL C 278 33.87 -5.86 -8.03
CA VAL C 278 33.94 -5.69 -9.49
C VAL C 278 34.32 -7.01 -10.17
N PHE C 279 33.38 -7.64 -10.86
CA PHE C 279 33.60 -8.97 -11.46
C PHE C 279 34.34 -8.92 -12.81
N ALA C 280 34.84 -10.08 -13.24
CA ALA C 280 35.72 -10.14 -14.41
C ALA C 280 34.98 -9.73 -15.67
N ASP C 281 33.66 -9.96 -15.70
CA ASP C 281 32.84 -9.72 -16.89
C ASP C 281 32.14 -8.36 -16.86
N ALA C 282 32.69 -7.42 -16.09
CA ALA C 282 32.15 -6.08 -15.99
C ALA C 282 32.70 -5.15 -17.08
N ASP C 283 31.88 -4.20 -17.50
CA ASP C 283 32.36 -3.06 -18.28
C ASP C 283 33.44 -2.40 -17.43
N LEU C 284 34.69 -2.57 -17.82
CA LEU C 284 35.81 -2.17 -16.96
C LEU C 284 36.01 -0.67 -16.93
N ASP C 285 35.74 -0.03 -18.07
CA ASP C 285 35.92 1.41 -18.23
C ASP C 285 34.93 2.18 -17.35
N SER C 286 33.66 1.80 -17.43
CA SER C 286 32.58 2.34 -16.60
C SER C 286 32.83 2.12 -15.11
N ALA C 287 33.34 0.94 -14.77
CA ALA C 287 33.53 0.53 -13.39
C ALA C 287 34.66 1.26 -12.68
N VAL C 288 35.72 1.59 -13.41
CA VAL C 288 36.85 2.36 -12.84
C VAL C 288 36.39 3.78 -12.55
N GLU C 289 35.57 4.32 -13.45
CA GLU C 289 35.05 5.68 -13.34
C GLU C 289 34.14 5.86 -12.11
N PHE C 290 33.04 5.12 -12.06
CA PHE C 290 32.14 5.07 -10.90
C PHE C 290 32.84 4.77 -9.58
N ALA C 291 33.81 3.85 -9.60
CA ALA C 291 34.56 3.45 -8.39
C ALA C 291 35.44 4.59 -7.87
N HIS C 292 36.11 5.26 -8.81
CA HIS C 292 36.94 6.43 -8.51
C HIS C 292 36.07 7.57 -7.95
N GLN C 293 35.06 7.98 -8.73
CA GLN C 293 34.06 8.95 -8.27
C GLN C 293 33.48 8.58 -6.91
N GLY C 294 33.24 7.28 -6.69
CA GLY C 294 32.66 6.79 -5.45
C GLY C 294 33.49 7.19 -4.25
N VAL C 295 34.81 7.07 -4.37
CA VAL C 295 35.75 7.38 -3.27
C VAL C 295 36.10 8.87 -3.21
N PHE C 296 36.56 9.40 -4.34
CA PHE C 296 37.21 10.70 -4.39
C PHE C 296 36.26 11.91 -4.48
N THR C 297 34.96 11.68 -4.57
CA THR C 297 34.00 12.78 -4.52
C THR C 297 34.02 13.32 -3.10
N ASN C 298 33.89 14.65 -2.96
CA ASN C 298 33.99 15.32 -1.66
C ASN C 298 35.33 15.10 -0.94
N GLN C 299 36.39 14.82 -1.71
CA GLN C 299 37.69 14.46 -1.15
C GLN C 299 37.58 13.41 -0.03
N GLY C 300 36.84 12.34 -0.30
CA GLY C 300 36.62 11.25 0.64
C GLY C 300 35.59 11.45 1.74
N GLN C 301 35.03 12.65 1.84
CA GLN C 301 34.17 13.01 2.96
C GLN C 301 32.70 12.80 2.59
N SER C 302 32.34 11.52 2.46
CA SER C 302 30.95 11.08 2.31
C SER C 302 30.85 9.73 3.01
N CYS C 303 29.79 9.56 3.80
CA CYS C 303 29.52 8.25 4.41
C CYS C 303 29.14 7.17 3.41
N ILE C 304 28.71 7.57 2.21
CA ILE C 304 28.31 6.61 1.16
C ILE C 304 29.43 6.32 0.17
N ALA C 305 30.62 6.81 0.49
CA ALA C 305 31.79 6.66 -0.38
C ALA C 305 32.21 5.20 -0.39
N ALA C 306 32.66 4.74 -1.56
CA ALA C 306 33.30 3.44 -1.67
C ALA C 306 34.65 3.52 -0.96
N SER C 307 34.93 2.54 -0.08
CA SER C 307 36.18 2.46 0.69
C SER C 307 36.95 1.16 0.44
N LYS C 308 36.24 0.04 0.32
CA LYS C 308 36.86 -1.24 -0.06
C LYS C 308 36.45 -1.68 -1.46
N LEU C 309 37.41 -1.78 -2.38
CA LEU C 309 37.18 -2.29 -3.72
C LEU C 309 37.69 -3.71 -3.80
N PHE C 310 36.78 -4.68 -3.93
CA PHE C 310 37.18 -6.05 -4.24
C PHE C 310 37.18 -6.26 -5.76
N VAL C 311 38.35 -6.52 -6.35
CA VAL C 311 38.51 -6.66 -7.80
C VAL C 311 38.98 -8.08 -8.20
N GLU C 312 38.25 -8.73 -9.11
CA GLU C 312 38.56 -10.14 -9.48
C GLU C 312 39.91 -10.28 -10.23
N GLU C 313 40.55 -11.45 -10.09
CA GLU C 313 41.97 -11.62 -10.47
C GLU C 313 42.25 -11.29 -11.93
N ALA C 314 41.36 -11.70 -12.82
CA ALA C 314 41.56 -11.55 -14.26
C ALA C 314 41.69 -10.09 -14.70
N ILE C 315 41.04 -9.19 -13.98
CA ILE C 315 41.07 -7.76 -14.32
C ILE C 315 41.74 -6.86 -13.26
N TYR C 316 42.39 -7.46 -12.26
CA TYR C 316 42.98 -6.73 -11.13
C TYR C 316 44.11 -5.74 -11.49
N ASP C 317 45.18 -6.25 -12.10
CA ASP C 317 46.32 -5.38 -12.49
C ASP C 317 45.89 -4.26 -13.44
N GLU C 318 45.01 -4.56 -14.38
CA GLU C 318 44.49 -3.55 -15.28
C GLU C 318 43.63 -2.52 -14.52
N PHE C 319 42.86 -2.96 -13.53
CA PHE C 319 42.02 -2.05 -12.74
C PHE C 319 42.91 -1.11 -11.93
N VAL C 320 44.00 -1.65 -11.40
CA VAL C 320 44.95 -0.89 -10.62
C VAL C 320 45.58 0.21 -11.47
N GLN C 321 46.21 -0.15 -12.58
CA GLN C 321 46.92 0.85 -13.40
C GLN C 321 45.97 1.88 -14.05
N ARG C 322 44.70 1.49 -14.24
CA ARG C 322 43.72 2.39 -14.82
C ARG C 322 43.24 3.42 -13.80
N SER C 323 43.20 3.01 -12.53
CA SER C 323 42.76 3.86 -11.43
C SER C 323 43.83 4.88 -11.05
N VAL C 324 45.09 4.50 -11.26
CA VAL C 324 46.24 5.35 -10.97
C VAL C 324 46.29 6.49 -11.99
N GLU C 325 46.11 6.17 -13.27
CA GLU C 325 45.98 7.18 -14.33
C GLU C 325 44.85 8.18 -14.05
N ARG C 326 43.74 7.66 -13.54
CA ARG C 326 42.56 8.47 -13.27
C ARG C 326 42.77 9.41 -12.08
N ALA C 327 43.61 8.98 -11.14
CA ALA C 327 43.87 9.74 -9.92
C ALA C 327 44.78 10.96 -10.14
N LYS C 328 45.44 11.04 -11.30
CA LYS C 328 46.35 12.15 -11.60
C LYS C 328 45.66 13.37 -12.23
N LYS C 329 44.38 13.23 -12.58
CA LYS C 329 43.60 14.33 -13.14
C LYS C 329 43.03 15.24 -12.05
N TYR C 330 43.90 15.87 -11.24
CA TYR C 330 43.47 16.71 -10.13
C TYR C 330 44.31 17.97 -9.86
N VAL C 331 43.59 19.08 -9.63
CA VAL C 331 44.14 20.41 -9.45
C VAL C 331 43.59 20.97 -8.14
N PHE C 332 44.44 21.09 -7.12
CA PHE C 332 43.97 21.47 -5.78
C PHE C 332 44.06 22.98 -5.52
N GLY C 333 43.21 23.46 -4.61
CA GLY C 333 43.19 24.85 -4.18
C GLY C 333 41.84 25.33 -3.67
N ASN C 334 41.72 26.64 -3.57
CA ASN C 334 40.46 27.27 -3.21
C ASN C 334 39.37 26.76 -4.17
N PRO C 335 38.32 26.10 -3.65
CA PRO C 335 37.26 25.60 -4.53
C PRO C 335 36.61 26.69 -5.40
N LEU C 336 36.85 27.96 -5.07
CA LEU C 336 36.26 29.08 -5.78
C LEU C 336 37.05 29.55 -7.01
N THR C 337 38.35 29.26 -7.07
CA THR C 337 39.14 29.63 -8.25
C THR C 337 38.88 28.64 -9.41
N PRO C 338 38.54 29.17 -10.59
CA PRO C 338 38.37 28.34 -11.80
C PRO C 338 39.53 27.36 -12.06
N GLY C 339 39.18 26.12 -12.41
CA GLY C 339 40.17 25.09 -12.68
C GLY C 339 40.24 24.08 -11.56
N VAL C 340 40.03 24.55 -10.33
CA VAL C 340 40.11 23.67 -9.16
C VAL C 340 38.99 22.64 -9.17
N ASN C 341 39.37 21.36 -9.07
CA ASN C 341 38.43 20.25 -8.90
C ASN C 341 38.84 19.33 -7.74
N HIS C 342 39.70 19.83 -6.86
CA HIS C 342 40.10 19.14 -5.64
C HIS C 342 40.16 20.17 -4.50
N GLY C 343 39.31 19.99 -3.49
CA GLY C 343 39.21 20.89 -2.34
C GLY C 343 39.89 20.35 -1.08
N PRO C 344 39.81 21.10 0.02
CA PRO C 344 40.40 20.68 1.30
C PRO C 344 39.54 19.73 2.14
N GLN C 345 40.17 19.09 3.12
CA GLN C 345 39.44 18.44 4.20
C GLN C 345 38.99 19.54 5.15
N ILE C 346 38.14 19.22 6.12
CA ILE C 346 37.38 20.24 6.83
C ILE C 346 38.16 21.04 7.90
N ASN C 347 39.01 20.37 8.68
CA ASN C 347 39.81 21.08 9.68
C ASN C 347 41.14 20.36 9.95
N LYS C 348 41.80 20.66 11.06
CA LYS C 348 43.09 20.05 11.38
C LYS C 348 42.93 18.65 11.95
N ALA C 349 41.96 18.45 12.83
CA ALA C 349 41.80 17.15 13.51
C ALA C 349 41.43 15.99 12.56
N GLN C 350 40.75 16.32 11.46
CA GLN C 350 40.37 15.36 10.43
C GLN C 350 41.60 15.09 9.59
N HIS C 351 42.21 16.16 9.09
CA HIS C 351 43.50 16.11 8.40
C HIS C 351 44.51 15.25 9.13
N ASN C 352 44.42 15.16 10.45
CA ASN C 352 45.37 14.35 11.23
C ASN C 352 44.97 12.90 11.22
N LYS C 353 43.70 12.58 11.48
CA LYS C 353 43.23 11.18 11.51
C LYS C 353 43.55 10.45 10.20
N ILE C 354 43.33 11.12 9.09
CA ILE C 354 43.51 10.59 7.74
C ILE C 354 44.97 10.22 7.50
N MET C 355 45.88 11.14 7.82
CA MET C 355 47.32 10.90 7.66
C MET C 355 47.85 9.85 8.63
N GLU C 356 47.25 9.75 9.82
CA GLU C 356 47.59 8.68 10.77
C GLU C 356 47.36 7.34 10.07
N LEU C 357 46.18 7.21 9.46
CA LEU C 357 45.75 5.98 8.83
C LEU C 357 46.49 5.69 7.53
N ILE C 358 46.85 6.73 6.78
CA ILE C 358 47.58 6.57 5.53
C ILE C 358 48.98 6.07 5.83
N GLU C 359 49.54 6.49 6.96
CA GLU C 359 50.89 6.07 7.35
C GLU C 359 50.86 4.67 7.98
N SER C 360 49.70 4.24 8.48
CA SER C 360 49.51 2.84 8.89
C SER C 360 49.39 1.94 7.65
N GLY C 361 48.95 2.51 6.53
CA GLY C 361 48.93 1.82 5.25
C GLY C 361 50.34 1.43 4.83
N LYS C 362 51.25 2.40 4.81
CA LYS C 362 52.66 2.16 4.50
C LYS C 362 53.26 1.08 5.40
N LYS C 363 53.06 1.21 6.71
CA LYS C 363 53.71 0.34 7.69
C LYS C 363 53.10 -1.06 7.84
N GLU C 364 51.89 -1.27 7.33
CA GLU C 364 51.21 -2.55 7.51
C GLU C 364 51.44 -3.51 6.34
N GLY C 365 51.82 -2.97 5.18
CA GLY C 365 52.22 -3.79 4.04
C GLY C 365 51.76 -3.27 2.68
N ALA C 366 50.70 -2.49 2.64
CA ALA C 366 50.06 -2.14 1.38
C ALA C 366 50.95 -1.32 0.45
N LYS C 367 50.84 -1.57 -0.84
CA LYS C 367 51.69 -0.94 -1.85
C LYS C 367 51.16 0.47 -2.19
N LEU C 368 51.99 1.48 -1.96
CA LEU C 368 51.61 2.84 -2.26
C LEU C 368 51.78 3.11 -3.77
N GLU C 369 50.67 3.19 -4.50
CA GLU C 369 50.71 3.42 -5.95
C GLU C 369 50.77 4.90 -6.31
N CYS C 370 50.05 5.76 -5.59
CA CYS C 370 50.23 7.21 -5.72
C CYS C 370 49.81 7.98 -4.45
N GLY C 371 50.25 9.24 -4.37
CA GLY C 371 49.95 10.10 -3.23
C GLY C 371 50.57 9.61 -1.92
N GLY C 372 49.89 9.83 -0.81
CA GLY C 372 50.31 9.35 0.51
C GLY C 372 50.86 10.42 1.44
N GLY C 373 50.75 11.69 1.03
CA GLY C 373 51.18 12.83 1.85
C GLY C 373 50.31 14.07 1.71
N PRO C 374 50.70 15.18 2.35
CA PRO C 374 49.87 16.38 2.37
C PRO C 374 50.09 17.19 1.10
N TRP C 375 49.34 18.27 0.91
CA TRP C 375 49.44 19.09 -0.30
C TRP C 375 49.35 20.56 0.04
N GLY C 376 50.24 21.36 -0.56
CA GLY C 376 50.20 22.81 -0.43
C GLY C 376 50.86 23.33 0.83
N ASN C 377 51.07 24.66 0.83
CA ASN C 377 51.62 25.38 1.98
C ASN C 377 50.54 25.62 3.06
N LYS C 378 49.35 25.99 2.61
CA LYS C 378 48.23 26.37 3.49
C LYS C 378 46.94 25.68 3.07
N GLY C 379 46.06 25.46 4.05
CA GLY C 379 44.84 24.72 3.82
C GLY C 379 45.00 23.30 4.33
N TYR C 380 43.93 22.52 4.29
CA TYR C 380 43.96 21.17 4.83
C TYR C 380 43.87 20.14 3.70
N PHE C 381 44.73 20.31 2.69
CA PHE C 381 44.68 19.47 1.49
C PHE C 381 45.46 18.16 1.66
N ILE C 382 45.00 17.11 0.97
CA ILE C 382 45.75 15.84 0.81
C ILE C 382 45.74 15.37 -0.64
N GLN C 383 46.86 14.78 -1.06
CA GLN C 383 46.99 14.13 -2.36
C GLN C 383 46.02 12.95 -2.49
N PRO C 384 45.31 12.84 -3.61
CA PRO C 384 44.60 11.61 -3.94
C PRO C 384 45.51 10.39 -3.77
N THR C 385 45.07 9.45 -2.95
CA THR C 385 45.90 8.34 -2.50
C THR C 385 45.26 7.01 -2.88
N VAL C 386 45.98 6.20 -3.66
CA VAL C 386 45.56 4.84 -4.02
C VAL C 386 46.52 3.77 -3.42
N PHE C 387 45.95 2.71 -2.87
CA PHE C 387 46.71 1.59 -2.31
C PHE C 387 46.30 0.29 -3.02
N SER C 388 47.29 -0.52 -3.40
CA SER C 388 47.05 -1.88 -3.90
C SER C 388 47.52 -2.93 -2.88
N ASN C 389 47.28 -4.20 -3.20
CA ASN C 389 47.65 -5.36 -2.36
C ASN C 389 47.16 -5.28 -0.90
N VAL C 390 46.00 -4.65 -0.71
CA VAL C 390 45.45 -4.45 0.62
C VAL C 390 44.82 -5.76 1.11
N THR C 391 45.03 -6.09 2.37
CA THR C 391 44.50 -7.32 2.97
C THR C 391 43.51 -7.00 4.09
N ASP C 392 42.74 -8.01 4.50
CA ASP C 392 41.58 -7.84 5.40
C ASP C 392 41.93 -7.34 6.79
N ASP C 393 43.11 -7.70 7.28
CA ASP C 393 43.46 -7.39 8.67
C ASP C 393 44.09 -6.00 8.86
N MET C 394 44.31 -5.29 7.75
CA MET C 394 44.85 -3.93 7.77
C MET C 394 43.83 -2.92 8.32
N ARG C 395 44.31 -2.00 9.14
CA ARG C 395 43.52 -0.90 9.66
C ARG C 395 42.83 -0.10 8.56
N ILE C 396 43.51 0.08 7.42
CA ILE C 396 42.92 0.83 6.30
C ILE C 396 41.77 0.10 5.59
N ALA C 397 41.57 -1.19 5.92
CA ALA C 397 40.46 -1.99 5.40
C ALA C 397 39.37 -2.28 6.44
N LYS C 398 39.51 -1.69 7.63
CA LYS C 398 38.54 -1.89 8.72
C LYS C 398 37.93 -0.60 9.30
N GLU C 399 38.70 0.48 9.35
CA GLU C 399 38.26 1.72 9.97
C GLU C 399 37.92 2.76 8.91
N GLU C 400 36.92 3.60 9.19
CA GLU C 400 36.51 4.66 8.27
C GLU C 400 37.58 5.76 8.17
N ILE C 401 37.98 6.07 6.93
CA ILE C 401 39.04 7.05 6.70
C ILE C 401 38.48 8.46 6.42
N PHE C 402 37.31 8.52 5.80
CA PHE C 402 36.66 9.80 5.53
C PHE C 402 37.62 10.80 4.83
N GLY C 403 38.47 10.27 3.95
CA GLY C 403 39.48 11.03 3.22
C GLY C 403 39.79 10.39 1.87
N PRO C 404 40.64 11.03 1.05
CA PRO C 404 40.77 10.65 -0.35
C PRO C 404 41.63 9.39 -0.58
N VAL C 405 41.21 8.27 -0.03
CA VAL C 405 42.05 7.08 0.11
C VAL C 405 41.30 5.87 -0.42
N GLN C 406 41.84 5.27 -1.49
CA GLN C 406 41.23 4.13 -2.17
C GLN C 406 41.96 2.83 -1.80
N GLN C 407 41.20 1.80 -1.46
CA GLN C 407 41.77 0.48 -1.12
C GLN C 407 41.36 -0.56 -2.16
N ILE C 408 42.35 -1.16 -2.83
CA ILE C 408 42.10 -2.12 -3.91
C ILE C 408 42.61 -3.50 -3.51
N MET C 409 41.65 -4.40 -3.28
CA MET C 409 41.91 -5.76 -2.77
C MET C 409 41.54 -6.78 -3.84
N LYS C 410 42.18 -7.95 -3.80
CA LYS C 410 41.98 -9.00 -4.81
C LYS C 410 41.08 -10.16 -4.29
N PHE C 411 40.17 -10.65 -5.14
CA PHE C 411 39.41 -11.89 -4.85
C PHE C 411 39.36 -12.81 -6.06
N LYS C 412 38.93 -14.05 -5.83
CA LYS C 412 38.90 -15.10 -6.86
C LYS C 412 37.58 -15.90 -6.94
N SER C 413 36.87 -15.98 -5.83
CA SER C 413 35.64 -16.76 -5.73
C SER C 413 34.46 -15.86 -5.34
N LEU C 414 33.34 -16.06 -6.02
CA LEU C 414 32.10 -15.35 -5.71
C LEU C 414 31.65 -15.60 -4.27
N ASP C 415 31.77 -16.84 -3.81
CA ASP C 415 31.33 -17.21 -2.45
C ASP C 415 32.22 -16.61 -1.35
N GLU C 416 33.52 -16.43 -1.63
CA GLU C 416 34.46 -15.92 -0.64
C GLU C 416 34.34 -14.41 -0.53
N VAL C 417 34.12 -13.75 -1.66
CA VAL C 417 34.04 -12.30 -1.69
C VAL C 417 32.80 -11.81 -0.96
N ILE C 418 31.71 -12.60 -0.99
CA ILE C 418 30.47 -12.23 -0.29
C ILE C 418 30.66 -12.33 1.23
N LYS C 419 31.22 -13.45 1.68
CA LYS C 419 31.58 -13.61 3.09
C LYS C 419 32.47 -12.44 3.53
N ARG C 420 33.46 -12.10 2.71
CA ARG C 420 34.43 -11.05 3.08
C ARG C 420 33.78 -9.65 3.13
N ALA C 421 33.02 -9.31 2.10
CA ALA C 421 32.25 -8.06 2.04
C ALA C 421 31.27 -7.88 3.22
N ASN C 422 30.68 -8.97 3.69
CA ASN C 422 29.71 -8.97 4.81
C ASN C 422 30.31 -9.16 6.21
N ASN C 423 31.62 -9.36 6.30
CA ASN C 423 32.30 -9.65 7.58
C ASN C 423 32.74 -8.38 8.32
N THR C 424 31.75 -7.59 8.73
CA THR C 424 31.98 -6.24 9.24
C THR C 424 30.76 -5.80 10.08
N TYR C 425 30.98 -4.88 11.01
CA TYR C 425 29.88 -4.41 11.84
C TYR C 425 29.18 -3.23 11.17
N TYR C 426 29.73 -2.77 10.06
CA TYR C 426 29.16 -1.71 9.24
C TYR C 426 28.22 -2.28 8.15
N GLY C 427 27.51 -1.41 7.44
CA GLY C 427 26.53 -1.86 6.46
C GLY C 427 25.62 -0.79 5.85
N LEU C 428 26.20 0.31 5.37
CA LEU C 428 25.41 1.41 4.83
C LEU C 428 25.12 1.24 3.34
N VAL C 429 26.18 1.11 2.53
CA VAL C 429 26.08 0.94 1.09
C VAL C 429 27.06 -0.12 0.56
N ALA C 430 26.76 -0.71 -0.60
CA ALA C 430 27.66 -1.60 -1.33
C ALA C 430 27.50 -1.48 -2.85
N GLY C 431 28.54 -1.90 -3.58
CA GLY C 431 28.57 -1.82 -5.04
C GLY C 431 28.84 -3.17 -5.70
N VAL C 432 28.22 -3.39 -6.87
CA VAL C 432 28.44 -4.61 -7.67
C VAL C 432 28.51 -4.26 -9.15
N PHE C 433 29.59 -4.68 -9.81
CA PHE C 433 29.78 -4.45 -11.23
C PHE C 433 29.88 -5.76 -12.01
N THR C 434 28.85 -6.04 -12.80
CA THR C 434 28.77 -7.24 -13.64
C THR C 434 27.70 -7.12 -14.72
N LYS C 435 27.91 -7.82 -15.84
CA LYS C 435 26.97 -7.83 -16.98
C LYS C 435 26.00 -9.01 -16.91
N ASP C 436 26.29 -9.96 -16.04
CA ASP C 436 25.46 -11.15 -15.85
C ASP C 436 24.18 -10.80 -15.08
N LEU C 437 23.05 -11.33 -15.55
CA LEU C 437 21.76 -11.18 -14.90
C LEU C 437 21.73 -11.90 -13.56
N ASP C 438 22.22 -13.12 -13.54
CA ASP C 438 22.13 -13.95 -12.34
C ASP C 438 23.03 -13.48 -11.19
N LYS C 439 24.29 -13.15 -11.48
CA LYS C 439 25.19 -12.63 -10.46
C LYS C 439 24.70 -11.28 -9.91
N ALA C 440 24.09 -10.46 -10.76
CA ALA C 440 23.65 -9.12 -10.35
C ALA C 440 22.54 -9.17 -9.32
N VAL C 441 21.55 -10.04 -9.53
CA VAL C 441 20.42 -10.19 -8.61
C VAL C 441 20.79 -10.95 -7.36
N THR C 442 21.47 -12.10 -7.49
CA THR C 442 21.85 -12.90 -6.32
C THR C 442 22.91 -12.27 -5.39
N VAL C 443 23.86 -11.53 -5.94
CA VAL C 443 24.89 -10.91 -5.11
C VAL C 443 24.30 -9.70 -4.38
N SER C 444 23.53 -8.88 -5.09
CA SER C 444 22.86 -7.75 -4.46
C SER C 444 21.86 -8.20 -3.38
N SER C 445 21.21 -9.34 -3.59
CA SER C 445 20.35 -9.93 -2.56
C SER C 445 21.12 -10.40 -1.33
N ALA C 446 22.36 -10.89 -1.52
CA ALA C 446 23.16 -11.42 -0.42
C ALA C 446 23.94 -10.36 0.38
N LEU C 447 24.21 -9.22 -0.21
CA LEU C 447 24.98 -8.21 0.52
C LEU C 447 24.14 -7.63 1.66
N GLN C 448 24.75 -7.53 2.83
CA GLN C 448 24.09 -7.01 4.03
C GLN C 448 24.38 -5.51 4.14
N ALA C 449 23.64 -4.74 3.34
CA ALA C 449 23.72 -3.29 3.35
C ALA C 449 22.35 -2.74 2.97
N GLY C 450 22.11 -1.48 3.31
CA GLY C 450 20.81 -0.89 3.05
C GLY C 450 20.56 -0.46 1.63
N THR C 451 21.62 -0.10 0.93
CA THR C 451 21.57 0.18 -0.50
C THR C 451 22.65 -0.63 -1.22
N VAL C 452 22.29 -1.18 -2.38
CA VAL C 452 23.23 -1.80 -3.30
C VAL C 452 23.04 -1.20 -4.70
N TRP C 453 24.14 -0.70 -5.24
CA TRP C 453 24.17 -0.10 -6.57
C TRP C 453 24.81 -1.10 -7.52
N VAL C 454 24.17 -1.35 -8.66
CA VAL C 454 24.65 -2.33 -9.63
C VAL C 454 25.08 -1.59 -10.92
N ASN C 455 26.37 -1.69 -11.25
CA ASN C 455 26.95 -1.03 -12.42
C ASN C 455 26.82 0.50 -12.37
N CYS C 456 26.73 1.03 -11.15
CA CYS C 456 26.87 2.46 -10.89
C CYS C 456 27.28 2.72 -9.45
N TYR C 457 27.46 3.98 -9.12
CA TYR C 457 27.75 4.39 -7.74
C TYR C 457 27.35 5.85 -7.58
N LEU C 458 27.08 6.27 -6.35
CA LEU C 458 26.58 7.62 -6.06
C LEU C 458 25.26 7.95 -6.77
N ALA C 459 24.41 6.95 -6.93
CA ALA C 459 23.12 7.08 -7.60
C ALA C 459 21.96 7.20 -6.60
N ALA C 460 22.16 7.99 -5.55
CA ALA C 460 21.10 8.26 -4.59
C ALA C 460 20.00 9.11 -5.24
N SER C 461 18.77 8.84 -4.84
CA SER C 461 17.62 9.59 -5.31
C SER C 461 16.59 9.75 -4.23
N ALA C 462 15.83 10.83 -4.30
CA ALA C 462 14.84 11.17 -3.28
C ALA C 462 13.70 10.13 -3.17
N GLN C 463 13.37 9.44 -4.25
CA GLN C 463 12.24 8.52 -4.17
C GLN C 463 12.56 7.15 -3.57
N SER C 464 13.81 6.88 -3.25
CA SER C 464 14.17 5.62 -2.62
C SER C 464 14.74 5.79 -1.20
N PRO C 465 14.42 4.86 -0.30
CA PRO C 465 14.92 4.89 1.08
C PRO C 465 16.40 4.45 1.22
N ALA C 466 17.10 5.03 2.18
CA ALA C 466 18.53 4.82 2.41
C ALA C 466 18.79 4.81 3.93
N GLY C 467 19.67 3.93 4.38
CA GLY C 467 19.92 3.76 5.81
C GLY C 467 20.73 2.51 6.10
N GLY C 468 21.10 2.33 7.36
CA GLY C 468 22.04 1.29 7.76
C GLY C 468 21.48 -0.07 8.11
N PHE C 469 22.20 -1.13 7.72
CA PHE C 469 22.14 -2.45 8.37
C PHE C 469 23.15 -2.42 9.54
N LYS C 470 22.90 -3.22 10.58
CA LYS C 470 23.88 -3.47 11.66
C LYS C 470 24.26 -2.18 12.42
N MET C 471 25.55 -1.93 12.64
CA MET C 471 26.03 -0.73 13.35
C MET C 471 26.21 0.54 12.47
N SER C 472 25.72 0.52 11.24
CA SER C 472 25.60 1.74 10.45
C SER C 472 24.24 2.43 10.75
N GLY C 473 23.51 1.89 11.72
CA GLY C 473 22.31 2.54 12.21
C GLY C 473 21.04 1.74 11.99
N HIS C 474 19.93 2.34 12.35
CA HIS C 474 18.61 1.80 12.00
C HIS C 474 17.68 2.94 11.59
N GLY C 475 16.52 2.58 11.05
CA GLY C 475 15.66 3.55 10.39
C GLY C 475 16.16 3.84 8.98
N ARG C 476 15.25 4.28 8.11
CA ARG C 476 15.57 4.71 6.76
C ARG C 476 15.12 6.17 6.58
N GLU C 477 15.70 6.82 5.58
CA GLU C 477 15.37 8.21 5.24
C GLU C 477 14.96 8.28 3.77
N MET C 478 14.06 9.20 3.46
CA MET C 478 13.59 9.41 2.08
C MET C 478 12.78 8.23 1.51
N GLY C 479 12.21 8.44 0.33
CA GLY C 479 11.27 7.50 -0.26
C GLY C 479 9.98 7.44 0.54
N GLU C 480 9.09 6.51 0.21
CA GLU C 480 7.82 6.34 0.92
C GLU C 480 8.07 5.91 2.35
N TYR C 481 8.99 4.96 2.53
CA TYR C 481 9.19 4.32 3.84
C TYR C 481 9.86 5.29 4.81
N GLY C 482 10.79 6.09 4.30
CA GLY C 482 11.45 7.11 5.09
C GLY C 482 10.52 8.23 5.57
N ILE C 483 9.67 8.71 4.68
CA ILE C 483 8.72 9.76 5.04
C ILE C 483 7.84 9.26 6.18
N HIS C 484 7.41 8.00 6.09
CA HIS C 484 6.52 7.42 7.11
C HIS C 484 7.17 7.16 8.49
N GLU C 485 8.49 7.26 8.60
CA GLU C 485 9.17 7.15 9.92
C GLU C 485 8.96 8.38 10.84
N TYR C 486 8.41 9.47 10.32
CA TYR C 486 8.11 10.63 11.14
C TYR C 486 6.63 10.67 11.50
N THR C 487 5.99 9.50 11.53
CA THR C 487 4.62 9.38 12.05
C THR C 487 4.53 8.38 13.18
N GLU C 488 3.43 8.50 13.92
CA GLU C 488 3.06 7.56 14.97
C GLU C 488 1.63 7.04 14.70
N VAL C 489 1.47 5.72 14.75
CA VAL C 489 0.20 5.10 14.43
C VAL C 489 -0.76 5.13 15.61
N LYS C 490 -1.97 5.64 15.42
CA LYS C 490 -3.04 5.43 16.36
C LYS C 490 -4.17 4.64 15.73
N THR C 491 -4.58 3.57 16.42
CA THR C 491 -5.76 2.78 16.05
C THR C 491 -7.02 3.27 16.80
N VAL C 492 -8.13 3.45 16.08
CA VAL C 492 -9.42 3.81 16.68
C VAL C 492 -10.46 2.75 16.33
N THR C 493 -11.00 2.09 17.34
CA THR C 493 -11.93 1.00 17.14
C THR C 493 -13.23 1.39 17.85
N MET C 494 -14.30 1.55 17.08
CA MET C 494 -15.61 1.96 17.53
C MET C 494 -16.61 0.79 17.48
N LYS C 495 -17.53 0.75 18.44
CA LYS C 495 -18.55 -0.27 18.46
C LYS C 495 -19.66 0.20 17.55
N ILE C 496 -20.13 -0.70 16.67
CA ILE C 496 -21.33 -0.47 15.85
C ILE C 496 -22.40 -1.54 16.13
N SER C 497 -23.66 -1.20 15.84
CA SER C 497 -24.82 -2.05 16.16
C SER C 497 -25.02 -3.20 15.15
N GLU C 498 -24.54 -3.04 13.92
CA GLU C 498 -24.48 -4.11 12.93
C GLU C 498 -23.28 -3.88 12.02
N LYS C 499 -22.68 -4.98 11.56
CA LYS C 499 -21.55 -4.94 10.61
C LYS C 499 -21.85 -5.82 9.40
N ASN C 500 -21.69 -5.26 8.22
CA ASN C 500 -21.72 -6.01 6.97
C ASN C 500 -20.45 -5.75 6.17
N SER C 501 -19.96 -6.79 5.48
CA SER C 501 -18.75 -6.65 4.64
C SER C 501 -18.81 -5.49 3.64
N ASP D 8 -18.78 -23.40 23.37
CA ASP D 8 -18.99 -24.40 24.45
C ASP D 8 -17.69 -24.65 25.20
N LEU D 9 -17.81 -25.06 26.47
CA LEU D 9 -16.69 -25.11 27.41
C LEU D 9 -16.54 -26.47 28.08
N PRO D 10 -15.54 -27.26 27.67
CA PRO D 10 -15.26 -28.53 28.35
C PRO D 10 -14.86 -28.37 29.82
N ALA D 11 -14.71 -29.51 30.49
CA ALA D 11 -14.19 -29.57 31.85
C ALA D 11 -12.66 -29.60 31.80
N PRO D 12 -11.99 -28.86 32.68
CA PRO D 12 -10.53 -28.92 32.81
C PRO D 12 -10.00 -30.32 33.04
N LEU D 13 -8.74 -30.55 32.69
CA LEU D 13 -8.09 -31.83 32.92
C LEU D 13 -7.79 -32.03 34.41
N THR D 14 -8.15 -33.20 34.92
CA THR D 14 -8.17 -33.45 36.36
C THR D 14 -6.79 -33.86 36.86
N ASN D 15 -6.10 -34.71 36.11
CA ASN D 15 -4.74 -35.14 36.46
C ASN D 15 -3.75 -34.83 35.32
N ILE D 16 -3.66 -33.55 34.97
CA ILE D 16 -2.63 -33.11 34.02
C ILE D 16 -1.28 -33.35 34.66
N LYS D 17 -0.29 -33.71 33.86
CA LYS D 17 1.07 -33.87 34.36
C LYS D 17 1.99 -32.94 33.58
N ILE D 18 3.02 -32.44 34.25
CA ILE D 18 4.01 -31.59 33.62
C ILE D 18 5.01 -32.52 32.95
N GLN D 19 5.23 -32.31 31.65
CA GLN D 19 6.10 -33.15 30.83
C GLN D 19 7.36 -32.40 30.35
N HIS D 20 7.20 -31.13 30.02
CA HIS D 20 8.21 -30.38 29.32
C HIS D 20 8.80 -29.32 30.25
N THR D 21 10.04 -29.56 30.68
CA THR D 21 10.73 -28.68 31.64
C THR D 21 12.12 -28.25 31.19
N LYS D 22 12.63 -28.83 30.11
CA LYS D 22 13.99 -28.57 29.66
C LYS D 22 14.03 -27.38 28.72
N LEU D 23 15.23 -26.83 28.53
CA LEU D 23 15.46 -25.79 27.51
C LEU D 23 15.25 -26.36 26.11
N PHE D 24 14.74 -25.53 25.19
CA PHE D 24 14.43 -25.99 23.83
C PHE D 24 15.34 -25.30 22.85
N ILE D 25 16.38 -26.00 22.41
CA ILE D 25 17.41 -25.42 21.54
C ILE D 25 17.71 -26.37 20.36
N ASN D 26 17.61 -25.87 19.14
CA ASN D 26 17.85 -26.65 17.91
C ASN D 26 16.96 -27.89 17.81
N ASN D 27 15.71 -27.75 18.27
CA ASN D 27 14.69 -28.80 18.27
C ASN D 27 14.95 -29.98 19.21
N GLU D 28 15.92 -29.82 20.11
CA GLU D 28 16.21 -30.82 21.12
C GLU D 28 16.05 -30.22 22.54
N TRP D 29 16.04 -31.09 23.55
CA TRP D 29 15.75 -30.69 24.91
C TRP D 29 17.03 -30.75 25.71
N HIS D 30 17.42 -29.62 26.30
CA HIS D 30 18.69 -29.50 27.02
C HIS D 30 18.53 -29.21 28.51
N GLU D 31 19.50 -29.68 29.29
CA GLU D 31 19.69 -29.26 30.67
C GLU D 31 20.50 -27.95 30.64
N SER D 32 20.28 -27.10 31.64
CA SER D 32 21.10 -25.90 31.83
C SER D 32 22.57 -26.26 31.89
N VAL D 33 23.44 -25.38 31.40
CA VAL D 33 24.88 -25.63 31.48
C VAL D 33 25.30 -25.83 32.94
N SER D 34 24.77 -25.00 33.85
CA SER D 34 25.12 -25.06 35.27
C SER D 34 24.51 -26.27 35.97
N GLY D 35 23.40 -26.78 35.43
CA GLY D 35 22.68 -27.87 36.06
C GLY D 35 21.62 -27.39 37.03
N LYS D 36 21.50 -26.07 37.18
CA LYS D 36 20.51 -25.47 38.08
C LYS D 36 19.11 -25.52 37.47
N THR D 37 18.12 -25.61 38.35
CA THR D 37 16.70 -25.47 38.02
C THR D 37 16.07 -24.36 38.88
N PHE D 38 14.85 -23.94 38.53
CA PHE D 38 14.12 -22.95 39.32
C PHE D 38 12.66 -23.33 39.46
N PRO D 39 12.05 -22.96 40.59
CA PRO D 39 10.70 -23.41 40.91
C PRO D 39 9.62 -22.54 40.31
N VAL D 40 8.47 -23.17 40.13
CA VAL D 40 7.27 -22.60 39.53
C VAL D 40 6.12 -22.91 40.47
N PHE D 41 5.40 -21.88 40.89
CA PHE D 41 4.38 -21.98 41.93
C PHE D 41 2.97 -21.76 41.37
N ASN D 42 2.00 -22.48 41.90
CA ASN D 42 0.58 -22.21 41.72
C ASN D 42 0.20 -21.05 42.63
N PRO D 43 -0.19 -19.89 42.09
CA PRO D 43 -0.52 -18.72 42.91
C PRO D 43 -1.81 -18.87 43.72
N ALA D 44 -2.64 -19.83 43.38
CA ALA D 44 -3.89 -20.04 44.09
C ALA D 44 -3.70 -20.92 45.35
N THR D 45 -2.64 -21.71 45.38
CA THR D 45 -2.35 -22.54 46.53
C THR D 45 -1.01 -22.28 47.23
N GLU D 46 -0.08 -21.58 46.57
CA GLU D 46 1.28 -21.30 47.07
C GLU D 46 2.24 -22.48 46.93
N GLU D 47 1.75 -23.62 46.45
CA GLU D 47 2.53 -24.85 46.38
C GLU D 47 3.37 -24.91 45.12
N LYS D 48 4.48 -25.63 45.18
CA LYS D 48 5.34 -25.86 44.01
C LYS D 48 4.72 -26.87 43.02
N ILE D 49 4.54 -26.42 41.78
CA ILE D 49 4.14 -27.25 40.64
C ILE D 49 5.31 -28.14 40.18
N CYS D 50 6.45 -27.52 39.90
CA CYS D 50 7.66 -28.24 39.46
C CYS D 50 8.88 -27.33 39.43
N GLU D 51 10.01 -27.90 39.01
CA GLU D 51 11.22 -27.14 38.75
C GLU D 51 11.52 -27.20 37.25
N VAL D 52 12.01 -26.10 36.69
CA VAL D 52 12.33 -26.00 35.27
C VAL D 52 13.83 -25.72 35.10
N GLU D 53 14.45 -26.22 34.04
CA GLU D 53 15.83 -25.87 33.72
C GLU D 53 16.01 -24.35 33.67
N GLU D 54 17.03 -23.84 34.36
CA GLU D 54 17.30 -22.40 34.43
C GLU D 54 18.38 -21.90 33.45
N ALA D 55 17.98 -21.13 32.44
CA ALA D 55 18.93 -20.59 31.47
C ALA D 55 19.70 -19.39 32.01
N ASP D 56 20.97 -19.33 31.65
CA ASP D 56 21.87 -18.23 31.94
C ASP D 56 22.58 -17.79 30.64
N LYS D 57 23.64 -17.01 30.76
CA LYS D 57 24.36 -16.47 29.61
C LYS D 57 24.89 -17.59 28.72
N GLU D 58 25.45 -18.63 29.33
CA GLU D 58 26.02 -19.73 28.54
C GLU D 58 24.96 -20.52 27.75
N ASP D 59 23.73 -20.61 28.26
CA ASP D 59 22.64 -21.24 27.50
C ASP D 59 22.15 -20.31 26.38
N VAL D 60 22.09 -19.02 26.67
CA VAL D 60 21.73 -18.03 25.67
C VAL D 60 22.68 -18.10 24.45
N ASP D 61 23.98 -18.23 24.71
CA ASP D 61 24.98 -18.38 23.65
C ASP D 61 24.67 -19.58 22.76
N LYS D 62 24.28 -20.70 23.36
CA LYS D 62 23.91 -21.88 22.60
C LYS D 62 22.69 -21.63 21.71
N ALA D 63 21.71 -20.91 22.22
CA ALA D 63 20.50 -20.63 21.47
C ALA D 63 20.76 -19.70 20.29
N VAL D 64 21.69 -18.77 20.49
CA VAL D 64 21.98 -17.77 19.49
C VAL D 64 22.77 -18.40 18.33
N LYS D 65 23.70 -19.30 18.65
CA LYS D 65 24.45 -20.04 17.61
C LYS D 65 23.49 -20.83 16.75
N ALA D 66 22.54 -21.49 17.38
CA ALA D 66 21.61 -22.35 16.65
C ALA D 66 20.67 -21.54 15.75
N ALA D 67 20.21 -20.37 16.23
CA ALA D 67 19.37 -19.45 15.47
C ALA D 67 20.09 -18.76 14.31
N ARG D 68 21.39 -18.52 14.47
CA ARG D 68 22.23 -17.94 13.43
C ARG D 68 22.46 -18.94 12.30
N GLU D 69 22.71 -20.19 12.68
CA GLU D 69 22.93 -21.28 11.71
C GLU D 69 21.66 -21.56 10.88
N ALA D 70 20.50 -21.51 11.53
CA ALA D 70 19.22 -21.69 10.87
C ALA D 70 18.92 -20.58 9.89
N PHE D 71 19.45 -19.39 10.19
CA PHE D 71 19.29 -18.22 9.33
C PHE D 71 20.32 -18.06 8.21
N GLN D 72 21.36 -18.87 8.17
CA GLN D 72 22.42 -18.73 7.15
C GLN D 72 21.91 -19.00 5.71
N MET D 73 22.45 -18.25 4.77
CA MET D 73 22.03 -18.35 3.36
C MET D 73 22.15 -19.78 2.87
N GLY D 74 21.09 -20.26 2.20
CA GLY D 74 21.03 -21.62 1.71
C GLY D 74 20.43 -22.63 2.70
N SER D 75 20.07 -22.20 3.89
CA SER D 75 19.45 -23.09 4.86
C SER D 75 17.99 -23.32 4.44
N PRO D 76 17.36 -24.40 4.94
CA PRO D 76 15.96 -24.70 4.58
C PRO D 76 14.93 -23.62 4.95
N TRP D 77 15.13 -22.89 6.04
CA TRP D 77 14.25 -21.78 6.44
C TRP D 77 14.38 -20.53 5.54
N ARG D 78 15.57 -20.29 4.99
CA ARG D 78 15.82 -19.17 4.06
C ARG D 78 15.39 -19.42 2.59
N THR D 79 15.49 -20.66 2.14
CA THR D 79 15.20 -21.03 0.76
C THR D 79 13.78 -21.53 0.55
N MET D 80 13.06 -21.88 1.61
CA MET D 80 11.71 -22.39 1.42
C MET D 80 10.81 -21.23 1.01
N ASP D 81 9.78 -21.53 0.22
CA ASP D 81 8.85 -20.52 -0.24
C ASP D 81 8.21 -19.75 0.91
N ALA D 82 7.98 -18.46 0.71
CA ALA D 82 7.30 -17.70 1.74
C ALA D 82 5.98 -18.40 2.09
N SER D 83 5.22 -18.84 1.10
CA SER D 83 3.99 -19.59 1.35
C SER D 83 4.19 -20.84 2.25
N GLU D 84 5.39 -21.41 2.24
CA GLU D 84 5.73 -22.59 3.06
C GLU D 84 5.98 -22.20 4.52
N ARG D 85 6.64 -21.06 4.74
CA ARG D 85 6.74 -20.46 6.08
C ARG D 85 5.33 -20.33 6.61
N GLY D 86 4.43 -19.84 5.76
CA GLY D 86 3.04 -19.69 6.09
C GLY D 86 2.35 -20.97 6.53
N GLN D 87 2.51 -22.05 5.77
CA GLN D 87 1.83 -23.32 6.06
C GLN D 87 2.26 -23.88 7.41
N LEU D 88 3.56 -23.74 7.70
CA LEU D 88 4.12 -24.20 8.96
C LEU D 88 3.54 -23.41 10.15
N ILE D 89 3.31 -22.10 9.99
CA ILE D 89 2.70 -21.33 11.08
C ILE D 89 1.24 -21.72 11.25
N TYR D 90 0.56 -21.95 10.12
CA TYR D 90 -0.83 -22.41 10.13
C TYR D 90 -0.98 -23.79 10.78
N LYS D 91 0.04 -24.63 10.65
CA LYS D 91 0.00 -25.98 11.23
C LYS D 91 0.21 -25.90 12.75
N LEU D 92 1.11 -25.02 13.18
CA LEU D 92 1.30 -24.76 14.61
C LEU D 92 -0.04 -24.34 15.25
N ALA D 93 -0.78 -23.48 14.56
CA ALA D 93 -2.12 -23.10 14.99
C ALA D 93 -3.04 -24.34 15.15
N ASP D 94 -3.02 -25.25 14.18
CA ASP D 94 -3.81 -26.50 14.19
C ASP D 94 -3.51 -27.39 15.41
N LEU D 95 -2.23 -27.54 15.77
CA LEU D 95 -1.80 -28.32 16.91
C LEU D 95 -2.14 -27.66 18.24
N ILE D 96 -2.12 -26.33 18.30
CA ILE D 96 -2.48 -25.61 19.52
C ILE D 96 -4.00 -25.72 19.73
N GLU D 97 -4.75 -25.68 18.63
CA GLU D 97 -6.20 -25.92 18.68
C GLU D 97 -6.51 -27.35 19.12
N ARG D 98 -5.73 -28.32 18.63
CA ARG D 98 -5.92 -29.73 18.98
C ARG D 98 -5.65 -29.95 20.46
N ASP D 99 -4.62 -29.28 21.00
CA ASP D 99 -4.26 -29.34 22.42
C ASP D 99 -4.82 -28.15 23.22
N ARG D 100 -5.99 -27.66 22.85
CA ARG D 100 -6.54 -26.44 23.46
C ARG D 100 -6.94 -26.65 24.93
N LEU D 101 -7.46 -27.84 25.25
CA LEU D 101 -7.86 -28.17 26.61
C LEU D 101 -6.66 -28.26 27.54
N LEU D 102 -5.59 -28.89 27.07
CA LEU D 102 -4.37 -29.05 27.87
C LEU D 102 -3.76 -27.71 28.17
N LEU D 103 -3.56 -26.92 27.12
CA LEU D 103 -2.86 -25.66 27.20
C LEU D 103 -3.61 -24.65 28.06
N ALA D 104 -4.93 -24.69 28.02
CA ALA D 104 -5.75 -23.79 28.83
C ALA D 104 -5.82 -24.24 30.30
N THR D 105 -5.76 -25.54 30.57
CA THR D 105 -5.69 -26.02 31.95
C THR D 105 -4.36 -25.54 32.60
N LEU D 106 -3.30 -25.60 31.81
CA LEU D 106 -1.96 -25.28 32.26
C LEU D 106 -1.75 -23.79 32.47
N GLU D 107 -2.36 -22.96 31.62
CA GLU D 107 -2.36 -21.49 31.79
C GLU D 107 -2.98 -21.13 33.13
N SER D 108 -4.05 -21.84 33.44
CA SER D 108 -4.83 -21.64 34.64
C SER D 108 -4.05 -21.97 35.92
N ILE D 109 -3.37 -23.10 35.90
CA ILE D 109 -2.62 -23.55 37.07
C ILE D 109 -1.45 -22.59 37.33
N ASN D 110 -0.71 -22.27 36.27
CA ASN D 110 0.53 -21.50 36.36
C ASN D 110 0.32 -20.02 36.62
N ALA D 111 -0.66 -19.42 35.95
CA ALA D 111 -0.87 -17.97 35.94
C ALA D 111 -2.13 -17.50 36.72
N GLY D 112 -2.86 -18.44 37.30
CA GLY D 112 -4.05 -18.11 38.11
C GLY D 112 -5.24 -17.58 37.34
N LYS D 113 -5.32 -17.87 36.03
CA LYS D 113 -6.41 -17.40 35.19
C LYS D 113 -7.64 -18.28 35.37
N VAL D 114 -8.81 -17.63 35.42
CA VAL D 114 -10.09 -18.33 35.48
C VAL D 114 -10.09 -19.27 34.27
N PHE D 115 -10.42 -20.53 34.49
CA PHE D 115 -10.30 -21.50 33.42
C PHE D 115 -11.11 -21.14 32.14
N ALA D 116 -12.37 -20.75 32.32
CA ALA D 116 -13.26 -20.41 31.20
C ALA D 116 -12.68 -19.25 30.38
N SER D 117 -12.13 -18.29 31.10
CA SER D 117 -11.44 -17.21 30.45
C SER D 117 -10.25 -17.72 29.62
N ALA D 118 -9.47 -18.66 30.14
CA ALA D 118 -8.26 -19.10 29.48
C ALA D 118 -8.57 -19.91 28.23
N TYR D 119 -9.65 -20.69 28.28
CA TYR D 119 -10.06 -21.54 27.16
C TYR D 119 -10.76 -20.72 26.08
N LEU D 120 -11.74 -19.93 26.47
CA LEU D 120 -12.59 -19.22 25.51
C LEU D 120 -11.96 -17.93 24.94
N MET D 121 -11.08 -17.27 25.69
CA MET D 121 -10.46 -16.01 25.27
C MET D 121 -8.99 -16.15 24.87
N ASP D 122 -8.14 -16.47 25.86
CA ASP D 122 -6.70 -16.49 25.65
C ASP D 122 -6.29 -17.45 24.53
N LEU D 123 -6.70 -18.70 24.67
CA LEU D 123 -6.34 -19.73 23.69
C LEU D 123 -6.92 -19.40 22.32
N ASP D 124 -8.17 -18.94 22.27
CA ASP D 124 -8.80 -18.53 21.01
C ASP D 124 -8.05 -17.37 20.30
N TYR D 125 -7.56 -16.41 21.07
CA TYR D 125 -6.90 -15.22 20.52
C TYR D 125 -5.51 -15.57 19.97
N CYS D 126 -4.92 -16.59 20.58
CA CYS D 126 -3.57 -17.04 20.29
C CYS D 126 -3.56 -17.84 18.99
N ILE D 127 -4.58 -18.69 18.84
CA ILE D 127 -4.79 -19.46 17.63
C ILE D 127 -5.13 -18.54 16.45
N LYS D 128 -5.92 -17.49 16.71
CA LYS D 128 -6.30 -16.52 15.68
C LYS D 128 -5.15 -15.61 15.28
N ALA D 129 -4.27 -15.30 16.22
CA ALA D 129 -3.16 -14.37 15.93
C ALA D 129 -2.16 -15.08 15.00
N LEU D 130 -1.96 -16.38 15.26
CA LEU D 130 -1.01 -17.15 14.49
C LEU D 130 -1.53 -17.34 13.06
N ARG D 131 -2.83 -17.60 12.90
CA ARG D 131 -3.46 -17.80 11.60
C ARG D 131 -3.43 -16.53 10.75
N TYR D 132 -3.74 -15.39 11.37
CA TYR D 132 -3.59 -14.08 10.74
C TYR D 132 -2.19 -13.96 10.15
N CYS D 133 -1.19 -14.15 11.02
CA CYS D 133 0.22 -13.95 10.68
C CYS D 133 0.66 -14.87 9.55
N ALA D 134 0.16 -16.11 9.59
CA ALA D 134 0.45 -17.13 8.58
C ALA D 134 0.09 -16.63 7.19
N GLY D 135 -1.04 -15.94 7.11
CA GLY D 135 -1.51 -15.41 5.86
C GLY D 135 -0.65 -14.28 5.31
N TRP D 136 0.06 -13.54 6.17
CA TRP D 136 0.90 -12.44 5.70
C TRP D 136 2.20 -12.88 5.02
N ALA D 137 2.60 -14.14 5.17
CA ALA D 137 3.97 -14.55 4.84
C ALA D 137 4.32 -14.39 3.35
N ASP D 138 3.42 -14.77 2.45
CA ASP D 138 3.64 -14.55 1.01
C ASP D 138 3.06 -13.25 0.44
N LYS D 139 2.59 -12.37 1.33
CA LYS D 139 2.02 -11.08 0.93
C LYS D 139 2.79 -9.87 1.49
N ILE D 140 3.92 -10.13 2.14
CA ILE D 140 4.90 -9.11 2.47
C ILE D 140 5.61 -8.74 1.17
N GLN D 141 5.45 -7.49 0.74
CA GLN D 141 5.93 -7.04 -0.57
C GLN D 141 6.69 -5.72 -0.50
N GLY D 142 7.70 -5.55 -1.36
CA GLY D 142 8.39 -4.28 -1.49
C GLY D 142 7.84 -3.49 -2.65
N ARG D 143 8.69 -2.66 -3.27
CA ARG D 143 8.28 -1.70 -4.30
C ARG D 143 9.19 -1.65 -5.53
N THR D 144 8.64 -1.26 -6.67
CA THR D 144 9.45 -0.79 -7.80
C THR D 144 9.23 0.70 -7.90
N ILE D 145 10.33 1.46 -8.01
CA ILE D 145 10.31 2.91 -7.79
C ILE D 145 10.78 3.62 -9.06
N PRO D 146 10.00 4.57 -9.56
CA PRO D 146 10.38 5.36 -10.73
C PRO D 146 11.38 6.47 -10.36
N VAL D 147 12.59 6.09 -10.00
CA VAL D 147 13.61 7.04 -9.58
C VAL D 147 14.08 7.91 -10.75
N ASP D 148 14.67 9.04 -10.41
CA ASP D 148 15.31 9.90 -11.38
C ASP D 148 16.49 9.16 -12.01
N GLY D 149 16.68 9.36 -13.31
CA GLY D 149 17.82 8.81 -14.00
C GLY D 149 17.57 7.48 -14.65
N GLU D 150 18.60 6.98 -15.33
CA GLU D 150 18.50 5.75 -16.14
C GLU D 150 18.80 4.54 -15.29
N PHE D 151 17.85 4.25 -14.40
CA PHE D 151 17.97 3.20 -13.39
C PHE D 151 16.66 2.42 -13.26
N PHE D 152 16.81 1.12 -13.01
CA PHE D 152 15.76 0.27 -12.48
C PHE D 152 16.00 0.16 -10.96
N SER D 153 15.07 0.66 -10.15
CA SER D 153 15.20 0.68 -8.69
C SER D 153 14.05 -0.02 -7.96
N TYR D 154 14.39 -0.83 -6.95
CA TYR D 154 13.39 -1.54 -6.17
C TYR D 154 13.77 -1.77 -4.71
N THR D 155 12.80 -2.20 -3.89
CA THR D 155 13.09 -2.54 -2.51
C THR D 155 12.69 -3.93 -2.16
N ARG D 156 13.42 -4.45 -1.17
CA ARG D 156 13.25 -5.78 -0.62
C ARG D 156 12.93 -5.63 0.86
N HIS D 157 11.87 -6.26 1.32
CA HIS D 157 11.58 -6.35 2.74
C HIS D 157 12.13 -7.69 3.22
N GLU D 158 13.40 -7.68 3.66
CA GLU D 158 14.11 -8.88 4.12
C GLU D 158 13.87 -9.15 5.60
N PRO D 159 14.02 -10.40 6.04
CA PRO D 159 14.05 -10.69 7.47
C PRO D 159 15.19 -9.90 8.17
N ILE D 160 15.03 -9.52 9.43
CA ILE D 160 16.11 -8.86 10.16
C ILE D 160 17.25 -9.85 10.43
N GLY D 161 16.90 -10.99 11.04
CA GLY D 161 17.85 -12.03 11.38
C GLY D 161 17.45 -12.78 12.64
N VAL D 162 18.37 -12.86 13.61
CA VAL D 162 18.10 -13.48 14.92
C VAL D 162 17.41 -12.47 15.87
N CYS D 163 16.19 -12.79 16.30
CA CYS D 163 15.40 -11.89 17.16
C CYS D 163 15.23 -12.45 18.57
N GLY D 164 15.48 -11.65 19.59
CA GLY D 164 15.22 -12.04 20.96
C GLY D 164 13.85 -11.56 21.36
N LEU D 165 13.04 -12.44 21.95
CA LEU D 165 11.67 -12.12 22.35
C LEU D 165 11.58 -12.24 23.87
N ILE D 166 11.42 -11.11 24.56
CA ILE D 166 11.34 -11.08 26.02
C ILE D 166 10.00 -10.48 26.48
N PHE D 167 9.31 -11.16 27.39
CA PHE D 167 7.96 -10.72 27.78
C PHE D 167 7.48 -11.18 29.18
N PRO D 168 6.38 -10.58 29.66
CA PRO D 168 5.90 -10.82 31.03
C PRO D 168 4.97 -12.04 31.24
N TRP D 169 4.35 -12.09 32.42
CA TRP D 169 3.68 -13.29 32.95
C TRP D 169 2.16 -13.26 32.80
N ASN D 170 1.58 -12.10 32.52
CA ASN D 170 0.12 -11.93 32.63
C ASN D 170 -0.73 -12.64 31.58
N ALA D 171 -0.16 -12.97 30.45
CA ALA D 171 -0.89 -13.65 29.39
C ALA D 171 0.07 -14.46 28.52
N PRO D 172 0.59 -15.54 29.07
CA PRO D 172 1.68 -16.28 28.41
C PRO D 172 1.39 -16.75 26.96
N MET D 173 0.21 -17.29 26.69
CA MET D 173 -0.10 -17.75 25.34
C MET D 173 -0.26 -16.57 24.35
N ILE D 174 -1.06 -15.56 24.72
CA ILE D 174 -1.27 -14.42 23.81
C ILE D 174 0.03 -13.66 23.52
N LEU D 175 0.81 -13.43 24.56
CA LEU D 175 2.09 -12.72 24.44
C LEU D 175 3.06 -13.47 23.51
N LEU D 176 3.11 -14.80 23.65
CA LEU D 176 4.01 -15.66 22.87
C LEU D 176 3.57 -15.68 21.41
N ALA D 177 2.28 -15.88 21.17
CA ALA D 177 1.72 -15.88 19.82
C ALA D 177 2.02 -14.60 19.07
N CYS D 178 1.82 -13.47 19.73
CA CYS D 178 1.96 -12.15 19.11
C CYS D 178 3.40 -11.65 18.96
N LYS D 179 4.37 -12.35 19.55
CA LYS D 179 5.78 -12.13 19.25
C LYS D 179 6.30 -13.10 18.15
N ILE D 180 6.04 -14.41 18.28
CA ILE D 180 6.61 -15.40 17.33
C ILE D 180 5.87 -15.41 15.99
N GLY D 181 4.60 -15.04 16.01
CA GLY D 181 3.77 -15.06 14.81
C GLY D 181 4.34 -14.10 13.78
N PRO D 182 4.38 -12.81 14.11
CA PRO D 182 4.99 -11.82 13.24
C PRO D 182 6.44 -12.09 12.93
N ALA D 183 7.22 -12.54 13.91
CA ALA D 183 8.64 -12.77 13.68
C ALA D 183 8.89 -13.83 12.61
N LEU D 184 8.15 -14.94 12.68
CA LEU D 184 8.41 -16.12 11.86
C LEU D 184 7.85 -15.96 10.43
N CYS D 185 6.70 -15.31 10.33
CA CYS D 185 6.13 -15.04 9.02
C CYS D 185 6.94 -14.07 8.17
N CYS D 186 7.78 -13.22 8.79
CA CYS D 186 8.77 -12.42 8.05
C CYS D 186 10.08 -13.15 7.75
N GLY D 187 10.27 -14.34 8.32
CA GLY D 187 11.41 -15.18 7.98
C GLY D 187 12.61 -15.13 8.93
N ASN D 188 12.39 -14.65 10.15
CA ASN D 188 13.46 -14.53 11.14
C ASN D 188 13.62 -15.84 11.90
N THR D 189 14.75 -15.98 12.61
CA THR D 189 14.87 -17.00 13.66
C THR D 189 14.84 -16.32 15.04
N VAL D 190 14.45 -17.06 16.07
CA VAL D 190 14.07 -16.45 17.33
C VAL D 190 14.64 -17.14 18.56
N ILE D 191 14.81 -16.36 19.63
CA ILE D 191 15.18 -16.82 20.95
C ILE D 191 14.09 -16.32 21.88
N VAL D 192 13.37 -17.22 22.52
CA VAL D 192 12.22 -16.85 23.33
C VAL D 192 12.58 -17.01 24.81
N LYS D 193 12.30 -15.96 25.57
CA LYS D 193 12.57 -15.91 27.01
C LYS D 193 11.25 -15.54 27.69
N PRO D 194 10.45 -16.53 28.03
CA PRO D 194 9.22 -16.26 28.77
C PRO D 194 9.50 -15.83 30.20
N ALA D 195 8.49 -15.27 30.85
CA ALA D 195 8.63 -14.77 32.21
C ALA D 195 8.91 -15.93 33.14
N GLU D 196 9.78 -15.69 34.10
CA GLU D 196 10.18 -16.71 35.07
C GLU D 196 8.99 -17.25 35.88
N GLN D 197 7.96 -16.43 36.01
CA GLN D 197 6.78 -16.81 36.79
C GLN D 197 5.94 -17.90 36.09
N THR D 198 5.91 -17.86 34.74
CA THR D 198 5.02 -18.69 33.92
C THR D 198 5.68 -19.25 32.64
N PRO D 199 6.62 -20.16 32.79
CA PRO D 199 7.28 -20.78 31.63
C PRO D 199 6.59 -21.99 31.03
N LEU D 200 5.62 -22.59 31.71
CA LEU D 200 5.14 -23.93 31.32
C LEU D 200 4.43 -24.08 29.93
N THR D 201 3.46 -23.22 29.62
CA THR D 201 2.80 -23.28 28.30
C THR D 201 3.74 -22.95 27.12
N ALA D 202 4.78 -22.17 27.39
CA ALA D 202 5.76 -21.85 26.37
C ALA D 202 6.51 -23.12 26.01
N LEU D 203 6.93 -23.87 27.02
CA LEU D 203 7.62 -25.15 26.79
C LEU D 203 6.73 -26.21 26.12
N HIS D 204 5.42 -26.22 26.39
CA HIS D 204 4.53 -27.13 25.68
C HIS D 204 4.43 -26.75 24.21
N VAL D 205 4.41 -25.47 23.89
CA VAL D 205 4.33 -25.02 22.51
C VAL D 205 5.59 -25.43 21.75
N ALA D 206 6.70 -25.51 22.46
CA ALA D 206 7.96 -25.95 21.85
C ALA D 206 7.87 -27.40 21.34
N SER D 207 7.24 -28.28 22.11
CA SER D 207 7.02 -29.66 21.67
C SER D 207 6.15 -29.73 20.42
N LEU D 208 5.32 -28.72 20.19
CA LEU D 208 4.47 -28.66 19.01
C LEU D 208 5.17 -28.07 17.80
N ILE D 209 6.23 -27.29 18.03
CA ILE D 209 7.02 -26.67 16.98
C ILE D 209 7.84 -27.73 16.27
N LYS D 210 8.42 -28.63 17.05
CA LYS D 210 9.10 -29.80 16.48
C LYS D 210 8.11 -30.66 15.66
N GLU D 211 6.97 -30.99 16.25
CA GLU D 211 5.92 -31.75 15.54
C GLU D 211 5.43 -31.11 14.23
N ALA D 212 5.41 -29.78 14.16
CA ALA D 212 4.90 -29.08 12.99
C ALA D 212 5.87 -29.11 11.83
N GLY D 213 7.14 -29.33 12.13
CA GLY D 213 8.19 -29.48 11.12
C GLY D 213 9.05 -28.24 10.86
N PHE D 214 9.10 -27.31 11.82
CA PHE D 214 10.00 -26.20 11.73
C PHE D 214 11.42 -26.77 11.68
N PRO D 215 12.27 -26.24 10.81
CA PRO D 215 13.70 -26.59 10.84
C PRO D 215 14.37 -26.34 12.20
N PRO D 216 15.34 -27.14 12.58
CA PRO D 216 16.04 -26.93 13.86
C PRO D 216 16.71 -25.54 13.93
N GLY D 217 16.60 -24.87 15.09
CA GLY D 217 17.19 -23.57 15.30
C GLY D 217 16.30 -22.37 14.97
N VAL D 218 15.17 -22.61 14.31
CA VAL D 218 14.25 -21.54 13.95
C VAL D 218 13.58 -20.96 15.20
N VAL D 219 13.16 -21.84 16.11
CA VAL D 219 12.57 -21.39 17.37
C VAL D 219 13.34 -21.99 18.54
N ASN D 220 13.81 -21.14 19.44
CA ASN D 220 14.47 -21.61 20.67
C ASN D 220 13.82 -20.95 21.88
N ILE D 221 13.62 -21.72 22.94
CA ILE D 221 12.87 -21.28 24.12
C ILE D 221 13.68 -21.57 25.36
N VAL D 222 14.17 -20.50 26.02
CA VAL D 222 15.07 -20.61 27.17
C VAL D 222 14.54 -19.92 28.45
N PRO D 223 13.69 -20.59 29.22
CA PRO D 223 13.22 -20.07 30.50
C PRO D 223 14.37 -19.71 31.44
N GLY D 224 14.17 -18.67 32.24
CA GLY D 224 15.20 -18.14 33.11
C GLY D 224 14.77 -16.80 33.66
N TYR D 225 15.62 -16.22 34.52
CA TYR D 225 15.33 -14.97 35.20
C TYR D 225 15.76 -13.80 34.32
N GLY D 226 15.54 -12.59 34.81
CA GLY D 226 15.76 -11.38 34.04
C GLY D 226 17.19 -10.91 33.98
N PRO D 227 17.82 -10.63 35.11
CA PRO D 227 19.22 -10.17 35.07
C PRO D 227 20.16 -11.23 34.46
N THR D 228 19.75 -12.49 34.49
CA THR D 228 20.57 -13.57 33.95
C THR D 228 20.30 -13.80 32.45
N ALA D 229 19.21 -14.50 32.11
CA ALA D 229 18.91 -14.83 30.70
C ALA D 229 18.47 -13.63 29.87
N GLY D 230 17.57 -12.81 30.42
CA GLY D 230 17.04 -11.66 29.73
C GLY D 230 18.15 -10.69 29.37
N ALA D 231 19.04 -10.44 30.31
CA ALA D 231 20.14 -9.50 30.08
C ALA D 231 21.25 -10.05 29.16
N ALA D 232 21.38 -11.37 29.05
CA ALA D 232 22.35 -11.93 28.10
C ALA D 232 21.88 -11.76 26.67
N ILE D 233 20.56 -11.73 26.46
CA ILE D 233 19.98 -11.53 25.14
C ILE D 233 20.10 -10.06 24.71
N SER D 234 19.70 -9.14 25.59
CA SER D 234 19.71 -7.72 25.27
C SER D 234 21.13 -7.17 24.97
N SER D 235 22.16 -7.76 25.58
CA SER D 235 23.53 -7.35 25.34
C SER D 235 24.33 -8.28 24.42
N HIS D 236 23.68 -9.27 23.80
CA HIS D 236 24.38 -10.21 22.90
C HIS D 236 24.77 -9.52 21.60
N MET D 237 26.00 -9.80 21.15
CA MET D 237 26.60 -9.14 19.99
C MET D 237 26.17 -9.74 18.64
N ASP D 238 25.47 -10.87 18.65
CA ASP D 238 24.99 -11.55 17.44
C ASP D 238 23.45 -11.78 17.43
N VAL D 239 22.72 -11.02 18.27
CA VAL D 239 21.27 -10.86 18.16
C VAL D 239 21.04 -9.56 17.41
N ASP D 240 20.21 -9.61 16.35
CA ASP D 240 19.98 -8.42 15.53
C ASP D 240 18.82 -7.55 16.04
N LYS D 241 17.93 -8.15 16.82
CA LYS D 241 16.75 -7.45 17.34
C LYS D 241 16.27 -8.06 18.67
N VAL D 242 15.72 -7.22 19.52
CA VAL D 242 15.00 -7.66 20.71
C VAL D 242 13.67 -6.93 20.72
N ALA D 243 12.58 -7.69 20.84
CA ALA D 243 11.25 -7.13 21.03
C ALA D 243 10.90 -7.33 22.50
N PHE D 244 10.67 -6.25 23.25
CA PHE D 244 10.47 -6.36 24.71
C PHE D 244 9.11 -5.84 25.12
N THR D 245 8.45 -6.63 25.97
CA THR D 245 7.24 -6.23 26.69
C THR D 245 7.55 -6.42 28.15
N GLY D 246 7.22 -5.44 28.99
CA GLY D 246 7.49 -5.55 30.41
C GLY D 246 7.34 -4.18 31.07
N SER D 247 8.04 -4.00 32.19
CA SER D 247 7.99 -2.74 32.94
C SER D 247 8.84 -1.67 32.30
N THR D 248 8.56 -0.43 32.65
CA THR D 248 9.18 0.73 32.06
C THR D 248 10.66 0.83 32.47
N GLU D 249 10.96 0.55 33.73
CA GLU D 249 12.33 0.66 34.21
C GLU D 249 13.23 -0.35 33.49
N VAL D 250 12.69 -1.55 33.19
CA VAL D 250 13.46 -2.57 32.48
C VAL D 250 13.64 -2.21 30.99
N GLY D 251 12.62 -1.63 30.38
CA GLY D 251 12.77 -1.13 29.02
C GLY D 251 13.90 -0.11 28.87
N LYS D 252 14.19 0.64 29.93
CA LYS D 252 15.31 1.57 29.92
C LYS D 252 16.60 0.80 29.91
N MET D 253 16.69 -0.24 30.74
CA MET D 253 17.87 -1.12 30.75
C MET D 253 18.11 -1.83 29.40
N ILE D 254 17.03 -2.13 28.66
CA ILE D 254 17.10 -2.85 27.39
C ILE D 254 17.66 -1.94 26.31
N GLN D 255 17.13 -0.72 26.21
CA GLN D 255 17.64 0.26 25.25
C GLN D 255 19.10 0.54 25.52
N GLU D 256 19.45 0.66 26.79
CA GLU D 256 20.84 0.92 27.19
C GLU D 256 21.72 -0.23 26.76
N ALA D 257 21.35 -1.44 27.14
CA ALA D 257 22.09 -2.65 26.78
C ALA D 257 22.35 -2.73 25.27
N ALA D 258 21.29 -2.50 24.48
CA ALA D 258 21.34 -2.54 23.02
C ALA D 258 22.38 -1.58 22.45
N ALA D 259 22.40 -0.37 22.99
CA ALA D 259 23.33 0.68 22.59
C ALA D 259 24.79 0.34 22.89
N LYS D 260 25.06 -0.27 24.05
CA LYS D 260 26.43 -0.53 24.50
C LYS D 260 26.98 -1.86 23.96
N SER D 261 26.15 -2.58 23.21
CA SER D 261 26.59 -3.80 22.56
C SER D 261 26.74 -3.61 21.05
N ASN D 262 25.67 -3.81 20.30
CA ASN D 262 25.73 -3.89 18.84
C ASN D 262 24.68 -3.06 18.12
N LEU D 263 23.98 -2.20 18.85
CA LEU D 263 22.91 -1.37 18.30
C LEU D 263 21.77 -2.19 17.65
N LYS D 264 21.51 -3.36 18.20
CA LYS D 264 20.40 -4.21 17.77
C LYS D 264 19.11 -3.41 17.77
N ARG D 265 18.22 -3.69 16.83
CA ARG D 265 16.95 -3.00 16.78
C ARG D 265 16.20 -3.31 18.07
N VAL D 266 15.44 -2.34 18.57
CA VAL D 266 14.68 -2.49 19.79
C VAL D 266 13.24 -2.08 19.56
N THR D 267 12.34 -2.89 20.11
CA THR D 267 10.92 -2.60 20.21
C THR D 267 10.56 -2.67 21.70
N LEU D 268 9.89 -1.64 22.21
CA LEU D 268 9.46 -1.60 23.63
C LEU D 268 7.93 -1.44 23.77
N GLU D 269 7.36 -2.30 24.61
CA GLU D 269 5.93 -2.26 24.99
C GLU D 269 5.83 -2.34 26.53
N LEU D 270 5.68 -1.18 27.18
CA LEU D 270 5.98 -0.98 28.60
C LEU D 270 4.75 -0.66 29.47
N GLY D 271 4.97 0.03 30.59
CA GLY D 271 3.92 0.34 31.55
C GLY D 271 2.73 1.15 31.03
N ALA D 272 1.65 1.14 31.80
CA ALA D 272 0.41 1.82 31.41
C ALA D 272 -0.40 2.33 32.59
N LYS D 273 -0.98 3.51 32.41
CA LYS D 273 -2.10 3.96 33.22
C LYS D 273 -3.16 4.50 32.28
N ASN D 274 -4.12 3.65 31.91
CA ASN D 274 -5.07 3.94 30.82
C ASN D 274 -6.34 4.67 31.27
N PRO D 275 -6.64 5.85 30.74
CA PRO D 275 -7.85 6.57 31.10
C PRO D 275 -9.05 6.11 30.27
N CYS D 276 -10.23 6.18 30.84
CA CYS D 276 -11.47 5.76 30.20
C CYS D 276 -12.49 6.82 30.57
N ILE D 277 -13.03 7.55 29.59
CA ILE D 277 -13.88 8.72 29.81
C ILE D 277 -15.35 8.46 29.47
N VAL D 278 -16.25 8.74 30.42
CA VAL D 278 -17.68 8.51 30.26
C VAL D 278 -18.47 9.81 30.38
N PHE D 279 -18.96 10.29 29.24
CA PHE D 279 -19.78 11.49 29.16
C PHE D 279 -21.23 11.25 29.54
N ALA D 280 -21.94 12.31 29.89
CA ALA D 280 -23.35 12.18 30.33
C ALA D 280 -24.29 11.63 29.25
N ASP D 281 -23.94 11.87 27.99
CA ASP D 281 -24.75 11.38 26.88
C ASP D 281 -24.44 9.93 26.48
N ALA D 282 -23.64 9.23 27.26
CA ALA D 282 -23.34 7.82 26.96
C ALA D 282 -24.49 6.91 27.38
N ASP D 283 -24.59 5.79 26.68
CA ASP D 283 -25.35 4.64 27.09
C ASP D 283 -24.74 4.13 28.41
N LEU D 284 -25.45 4.35 29.51
CA LEU D 284 -24.91 4.21 30.85
C LEU D 284 -24.64 2.77 31.29
N ASP D 285 -25.58 1.87 31.03
CA ASP D 285 -25.45 0.47 31.40
C ASP D 285 -24.28 -0.19 30.68
N SER D 286 -24.18 0.03 29.38
CA SER D 286 -23.17 -0.62 28.57
C SER D 286 -21.80 -0.15 29.04
N ALA D 287 -21.68 1.14 29.35
CA ALA D 287 -20.41 1.70 29.81
C ALA D 287 -19.99 1.21 31.21
N VAL D 288 -20.94 1.14 32.14
CA VAL D 288 -20.66 0.56 33.46
C VAL D 288 -20.09 -0.85 33.30
N GLU D 289 -20.73 -1.67 32.47
CA GLU D 289 -20.29 -3.04 32.23
C GLU D 289 -18.93 -3.13 31.53
N PHE D 290 -18.72 -2.31 30.51
CA PHE D 290 -17.46 -2.35 29.75
C PHE D 290 -16.31 -1.82 30.59
N ALA D 291 -16.54 -0.73 31.31
CA ALA D 291 -15.51 -0.12 32.13
C ALA D 291 -15.13 -1.05 33.27
N HIS D 292 -16.13 -1.79 33.76
CA HIS D 292 -15.89 -2.73 34.85
C HIS D 292 -14.98 -3.86 34.39
N GLN D 293 -15.33 -4.48 33.26
CA GLN D 293 -14.53 -5.55 32.70
C GLN D 293 -13.17 -5.02 32.34
N GLY D 294 -13.15 -3.77 31.90
CA GLY D 294 -11.89 -3.09 31.64
C GLY D 294 -10.91 -3.21 32.81
N VAL D 295 -11.36 -2.90 34.03
CA VAL D 295 -10.44 -2.89 35.18
C VAL D 295 -10.19 -4.27 35.78
N PHE D 296 -11.22 -5.09 35.90
CA PHE D 296 -11.15 -6.31 36.70
C PHE D 296 -10.78 -7.58 35.93
N THR D 297 -10.52 -7.49 34.63
CA THR D 297 -10.24 -8.68 33.83
C THR D 297 -8.84 -9.20 34.13
N ASN D 298 -8.69 -10.53 34.20
CA ASN D 298 -7.46 -11.17 34.70
C ASN D 298 -7.01 -10.63 36.08
N GLN D 299 -7.99 -10.31 36.94
CA GLN D 299 -7.76 -9.68 38.25
C GLN D 299 -6.92 -8.39 38.17
N GLY D 300 -7.21 -7.57 37.15
CA GLY D 300 -6.48 -6.33 36.91
C GLY D 300 -5.08 -6.49 36.35
N GLN D 301 -4.70 -7.73 35.99
CA GLN D 301 -3.31 -8.05 35.62
C GLN D 301 -3.16 -8.01 34.10
N SER D 302 -3.18 -6.78 33.60
CA SER D 302 -3.29 -6.50 32.19
C SER D 302 -2.84 -5.08 31.89
N CYS D 303 -1.91 -4.95 30.96
CA CYS D 303 -1.50 -3.64 30.47
C CYS D 303 -2.60 -2.81 29.82
N ILE D 304 -3.67 -3.45 29.32
CA ILE D 304 -4.72 -2.71 28.63
C ILE D 304 -5.93 -2.37 29.48
N ALA D 305 -5.83 -2.60 30.79
CA ALA D 305 -6.95 -2.37 31.70
C ALA D 305 -7.23 -0.90 31.98
N ALA D 306 -8.50 -0.60 32.28
CA ALA D 306 -8.97 0.75 32.58
C ALA D 306 -8.62 1.13 34.01
N SER D 307 -7.60 1.99 34.16
CA SER D 307 -7.01 2.30 35.45
C SER D 307 -7.52 3.58 36.08
N LYS D 308 -7.96 4.54 35.27
CA LYS D 308 -8.64 5.73 35.78
C LYS D 308 -9.93 6.00 35.01
N LEU D 309 -11.00 6.29 35.74
CA LEU D 309 -12.33 6.48 35.16
C LEU D 309 -12.85 7.87 35.40
N PHE D 310 -12.68 8.72 34.40
CA PHE D 310 -13.25 10.06 34.40
C PHE D 310 -14.72 9.95 34.02
N VAL D 311 -15.60 10.42 34.91
CA VAL D 311 -17.05 10.29 34.75
C VAL D 311 -17.69 11.65 34.97
N GLU D 312 -18.46 12.10 33.99
CA GLU D 312 -19.04 13.44 34.01
C GLU D 312 -19.98 13.60 35.20
N GLU D 313 -20.02 14.82 35.73
CA GLU D 313 -20.67 15.14 37.01
C GLU D 313 -22.14 14.72 37.11
N ALA D 314 -22.93 14.91 36.04
CA ALA D 314 -24.36 14.61 36.09
C ALA D 314 -24.67 13.12 36.25
N ILE D 315 -23.79 12.24 35.76
CA ILE D 315 -24.01 10.79 35.94
C ILE D 315 -23.07 10.15 36.98
N TYR D 316 -22.29 10.98 37.68
CA TYR D 316 -21.22 10.52 38.58
C TYR D 316 -21.74 9.61 39.68
N ASP D 317 -22.59 10.17 40.56
CA ASP D 317 -23.11 9.45 41.73
C ASP D 317 -23.75 8.12 41.33
N GLU D 318 -24.48 8.15 40.21
CA GLU D 318 -25.20 6.97 39.74
C GLU D 318 -24.23 5.95 39.09
N PHE D 319 -23.16 6.43 38.46
CA PHE D 319 -22.15 5.52 37.92
C PHE D 319 -21.45 4.77 39.05
N VAL D 320 -20.96 5.51 40.04
CA VAL D 320 -20.29 4.95 41.21
C VAL D 320 -21.14 3.84 41.87
N GLN D 321 -22.38 4.19 42.20
CA GLN D 321 -23.33 3.28 42.86
C GLN D 321 -23.50 1.96 42.08
N ARG D 322 -23.66 2.04 40.77
CA ARG D 322 -23.77 0.86 39.89
C ARG D 322 -22.48 0.03 39.74
N SER D 323 -21.32 0.67 39.87
CA SER D 323 -20.04 -0.04 39.84
C SER D 323 -19.76 -0.81 41.11
N VAL D 324 -20.21 -0.27 42.25
CA VAL D 324 -20.04 -0.91 43.55
C VAL D 324 -20.88 -2.16 43.55
N GLU D 325 -22.12 -2.05 43.09
CA GLU D 325 -23.01 -3.21 43.03
C GLU D 325 -22.48 -4.29 42.08
N ARG D 326 -21.96 -3.87 40.94
CA ARG D 326 -21.40 -4.78 39.94
C ARG D 326 -20.17 -5.53 40.46
N ALA D 327 -19.42 -4.89 41.36
CA ALA D 327 -18.19 -5.48 41.94
C ALA D 327 -18.44 -6.57 42.99
N LYS D 328 -19.67 -6.69 43.50
CA LYS D 328 -19.98 -7.65 44.56
C LYS D 328 -20.35 -9.05 44.02
N LYS D 329 -20.27 -9.23 42.69
CA LYS D 329 -20.65 -10.47 42.03
C LYS D 329 -19.42 -11.29 41.67
N TYR D 330 -18.64 -11.67 42.67
CA TYR D 330 -17.43 -12.47 42.46
C TYR D 330 -17.29 -13.57 43.53
N VAL D 331 -16.84 -14.74 43.08
CA VAL D 331 -16.51 -15.86 43.94
C VAL D 331 -15.04 -16.24 43.75
N PHE D 332 -14.25 -16.21 44.83
CA PHE D 332 -12.84 -16.60 44.78
C PHE D 332 -12.61 -18.08 45.07
N GLY D 333 -11.43 -18.55 44.68
CA GLY D 333 -11.00 -19.93 44.89
C GLY D 333 -10.07 -20.42 43.79
N ASN D 334 -9.89 -21.74 43.71
CA ASN D 334 -9.12 -22.39 42.67
C ASN D 334 -9.73 -22.09 41.28
N PRO D 335 -8.96 -21.42 40.40
CA PRO D 335 -9.47 -21.09 39.05
C PRO D 335 -9.93 -22.27 38.20
N LEU D 336 -9.53 -23.51 38.51
CA LEU D 336 -10.04 -24.71 37.83
C LEU D 336 -11.45 -25.14 38.26
N THR D 337 -11.88 -24.66 39.42
CA THR D 337 -13.18 -25.03 39.97
C THR D 337 -14.31 -24.28 39.27
N PRO D 338 -15.35 -24.98 38.82
CA PRO D 338 -16.53 -24.32 38.23
C PRO D 338 -17.24 -23.43 39.25
N GLY D 339 -17.63 -22.25 38.82
CA GLY D 339 -18.25 -21.28 39.72
C GLY D 339 -17.31 -20.22 40.28
N VAL D 340 -16.01 -20.39 40.04
CA VAL D 340 -15.02 -19.41 40.44
C VAL D 340 -14.76 -18.48 39.28
N ASN D 341 -14.91 -17.18 39.51
CA ASN D 341 -14.62 -16.14 38.52
C ASN D 341 -13.65 -15.05 39.00
N HIS D 342 -12.92 -15.31 40.09
CA HIS D 342 -11.89 -14.40 40.58
C HIS D 342 -10.70 -15.21 41.06
N GLY D 343 -9.67 -15.28 40.22
CA GLY D 343 -8.44 -15.92 40.59
C GLY D 343 -7.55 -15.06 41.49
N PRO D 344 -6.38 -15.61 41.83
CA PRO D 344 -5.40 -14.88 42.64
C PRO D 344 -4.50 -13.99 41.80
N GLN D 345 -3.75 -13.16 42.49
CA GLN D 345 -2.64 -12.42 41.89
C GLN D 345 -1.49 -13.41 41.75
N ILE D 346 -0.52 -13.11 40.88
CA ILE D 346 0.53 -14.05 40.48
C ILE D 346 1.48 -14.52 41.59
N ASN D 347 1.85 -13.61 42.49
CA ASN D 347 2.74 -13.95 43.62
C ASN D 347 2.64 -12.97 44.81
N LYS D 348 3.52 -13.16 45.78
CA LYS D 348 3.54 -12.38 47.01
C LYS D 348 4.07 -10.97 46.76
N ALA D 349 5.06 -10.82 45.87
CA ALA D 349 5.63 -9.50 45.60
C ALA D 349 4.56 -8.59 45.04
N GLN D 350 3.85 -9.07 44.02
CA GLN D 350 2.75 -8.32 43.39
C GLN D 350 1.60 -8.01 44.35
N HIS D 351 1.23 -9.01 45.14
CA HIS D 351 0.16 -8.88 46.08
C HIS D 351 0.54 -7.69 46.98
N ASN D 352 1.79 -7.63 47.41
CA ASN D 352 2.24 -6.63 48.36
C ASN D 352 2.29 -5.23 47.79
N LYS D 353 2.76 -5.09 46.56
CA LYS D 353 2.70 -3.80 45.84
C LYS D 353 1.26 -3.28 45.72
N ILE D 354 0.30 -4.18 45.48
CA ILE D 354 -1.12 -3.81 45.34
C ILE D 354 -1.69 -3.30 46.65
N MET D 355 -1.39 -4.01 47.76
CA MET D 355 -1.89 -3.65 49.08
C MET D 355 -1.29 -2.36 49.61
N GLU D 356 -0.04 -2.09 49.29
CA GLU D 356 0.59 -0.81 49.60
C GLU D 356 -0.17 0.33 48.92
N LEU D 357 -0.48 0.20 47.63
CA LEU D 357 -1.20 1.25 46.93
C LEU D 357 -2.63 1.40 47.46
N ILE D 358 -3.29 0.29 47.78
CA ILE D 358 -4.64 0.32 48.33
C ILE D 358 -4.63 1.08 49.63
N GLU D 359 -3.68 0.76 50.48
CA GLU D 359 -3.50 1.39 51.78
C GLU D 359 -3.23 2.88 51.64
N SER D 360 -2.42 3.26 50.65
CA SER D 360 -2.14 4.67 50.37
C SER D 360 -3.39 5.44 49.97
N GLY D 361 -4.31 4.79 49.25
CA GLY D 361 -5.54 5.44 48.84
C GLY D 361 -6.41 5.78 50.03
N LYS D 362 -6.44 4.89 51.02
CA LYS D 362 -7.15 5.16 52.25
C LYS D 362 -6.46 6.33 52.97
N LYS D 363 -5.13 6.32 52.96
CA LYS D 363 -4.36 7.31 53.71
C LYS D 363 -4.60 8.70 53.14
N GLU D 364 -4.51 8.84 51.82
CA GLU D 364 -4.61 10.14 51.13
C GLU D 364 -6.04 10.69 51.00
N GLY D 365 -7.05 9.89 51.38
CA GLY D 365 -8.42 10.38 51.55
C GLY D 365 -9.40 10.13 50.42
N ALA D 366 -9.03 9.23 49.50
CA ALA D 366 -10.02 8.67 48.57
C ALA D 366 -11.07 7.87 49.37
N LYS D 367 -12.30 7.86 48.89
CA LYS D 367 -13.34 7.13 49.61
C LYS D 367 -13.43 5.66 49.17
N LEU D 368 -13.25 4.75 50.13
CA LEU D 368 -13.35 3.31 49.89
C LEU D 368 -14.81 2.82 49.89
N GLU D 369 -15.28 2.38 48.72
CA GLU D 369 -16.66 1.94 48.55
C GLU D 369 -16.85 0.47 48.87
N CYS D 370 -15.87 -0.36 48.51
CA CYS D 370 -15.96 -1.80 48.76
C CYS D 370 -14.60 -2.48 48.67
N GLY D 371 -14.50 -3.64 49.31
CA GLY D 371 -13.27 -4.38 49.37
C GLY D 371 -12.21 -3.66 50.19
N GLY D 372 -10.98 -3.62 49.69
CA GLY D 372 -9.87 -2.92 50.35
C GLY D 372 -8.95 -3.81 51.18
N GLY D 373 -9.19 -5.12 51.13
CA GLY D 373 -8.43 -6.08 51.90
C GLY D 373 -8.16 -7.39 51.16
N PRO D 374 -7.25 -8.18 51.70
CA PRO D 374 -6.94 -9.51 51.15
C PRO D 374 -8.12 -10.48 51.32
N TRP D 375 -8.16 -11.54 50.52
CA TRP D 375 -9.26 -12.50 50.56
C TRP D 375 -8.69 -13.82 51.03
N GLY D 376 -9.04 -14.17 52.25
CA GLY D 376 -8.63 -15.43 52.82
C GLY D 376 -7.15 -15.53 53.18
N ASN D 377 -6.78 -16.78 53.43
CA ASN D 377 -5.64 -17.22 54.22
C ASN D 377 -4.53 -17.90 53.39
N LYS D 378 -4.85 -18.28 52.16
CA LYS D 378 -4.02 -19.17 51.36
C LYS D 378 -4.23 -18.81 49.88
N GLY D 379 -3.13 -18.68 49.14
CA GLY D 379 -3.17 -18.11 47.80
C GLY D 379 -3.21 -16.60 47.90
N TYR D 380 -2.80 -15.91 46.83
CA TYR D 380 -2.55 -14.47 46.86
C TYR D 380 -3.75 -13.63 46.40
N PHE D 381 -4.89 -13.81 47.08
CA PHE D 381 -6.17 -13.25 46.64
C PHE D 381 -6.42 -11.91 47.28
N ILE D 382 -6.96 -10.97 46.48
CA ILE D 382 -7.30 -9.61 46.93
C ILE D 382 -8.75 -9.32 46.53
N GLN D 383 -9.49 -8.65 47.41
CA GLN D 383 -10.89 -8.30 47.16
C GLN D 383 -11.00 -7.25 46.06
N PRO D 384 -11.98 -7.42 45.17
CA PRO D 384 -12.41 -6.32 44.28
C PRO D 384 -12.61 -5.02 45.06
N THR D 385 -11.91 -3.98 44.63
CA THR D 385 -11.79 -2.77 45.40
C THR D 385 -12.17 -1.61 44.49
N VAL D 386 -13.10 -0.77 44.96
CA VAL D 386 -13.52 0.41 44.24
C VAL D 386 -13.26 1.65 45.10
N PHE D 387 -12.70 2.68 44.47
CA PHE D 387 -12.41 3.98 45.09
C PHE D 387 -13.10 5.09 44.30
N SER D 388 -13.90 5.90 45.00
CA SER D 388 -14.46 7.15 44.49
C SER D 388 -13.75 8.36 45.12
N ASN D 389 -14.11 9.56 44.64
CA ASN D 389 -13.52 10.83 45.09
C ASN D 389 -11.99 10.87 44.94
N VAL D 390 -11.50 10.20 43.90
CA VAL D 390 -10.09 10.14 43.56
C VAL D 390 -9.70 11.44 42.85
N THR D 391 -8.61 12.05 43.27
CA THR D 391 -8.11 13.29 42.67
C THR D 391 -6.80 13.00 41.98
N ASP D 392 -6.44 13.85 41.02
CA ASP D 392 -5.27 13.66 40.15
C ASP D 392 -3.96 13.33 40.86
N ASP D 393 -3.73 13.92 42.04
CA ASP D 393 -2.41 13.81 42.68
C ASP D 393 -2.31 12.73 43.78
N MET D 394 -3.27 11.82 43.84
CA MET D 394 -3.14 10.66 44.69
C MET D 394 -2.31 9.61 43.97
N ARG D 395 -1.69 8.73 44.75
CA ARG D 395 -0.83 7.68 44.17
C ARG D 395 -1.59 6.61 43.39
N ILE D 396 -2.82 6.30 43.79
CA ILE D 396 -3.60 5.33 43.03
C ILE D 396 -4.07 5.90 41.67
N ALA D 397 -3.95 7.22 41.52
CA ALA D 397 -4.26 7.91 40.26
C ALA D 397 -3.08 7.99 39.30
N LYS D 398 -1.85 7.81 39.80
CA LYS D 398 -0.62 7.99 39.01
C LYS D 398 0.15 6.69 38.70
N GLU D 399 0.20 5.81 39.70
CA GLU D 399 0.99 4.61 39.65
C GLU D 399 0.12 3.44 39.17
N GLU D 400 0.75 2.58 38.36
CA GLU D 400 0.17 1.35 37.87
C GLU D 400 0.03 0.32 39.02
N ILE D 401 -1.20 -0.10 39.28
CA ILE D 401 -1.49 -1.05 40.35
C ILE D 401 -1.50 -2.52 39.90
N PHE D 402 -1.94 -2.80 38.67
CA PHE D 402 -1.94 -4.17 38.15
C PHE D 402 -2.70 -5.13 39.11
N GLY D 403 -3.84 -4.63 39.60
CA GLY D 403 -4.69 -5.39 40.51
C GLY D 403 -6.16 -5.00 40.41
N PRO D 404 -7.00 -5.68 41.18
CA PRO D 404 -8.45 -5.49 41.10
C PRO D 404 -8.90 -4.22 41.86
N VAL D 405 -8.56 -3.05 41.32
CA VAL D 405 -8.71 -1.77 41.99
C VAL D 405 -9.17 -0.71 40.98
N GLN D 406 -10.41 -0.27 41.13
CA GLN D 406 -11.03 0.70 40.24
C GLN D 406 -10.92 2.11 40.87
N GLN D 407 -10.54 3.10 40.07
CA GLN D 407 -10.48 4.51 40.51
C GLN D 407 -11.55 5.28 39.77
N ILE D 408 -12.45 5.96 40.48
CA ILE D 408 -13.51 6.75 39.82
C ILE D 408 -13.38 8.20 40.20
N MET D 409 -13.23 9.07 39.20
CA MET D 409 -13.04 10.50 39.42
C MET D 409 -14.07 11.33 38.70
N LYS D 410 -14.25 12.55 39.20
CA LYS D 410 -15.27 13.48 38.73
C LYS D 410 -14.64 14.35 37.66
N PHE D 411 -15.42 14.74 36.65
CA PHE D 411 -15.01 15.80 35.72
C PHE D 411 -16.20 16.63 35.25
N LYS D 412 -15.91 17.87 34.87
CA LYS D 412 -16.93 18.91 34.70
C LYS D 412 -17.13 19.37 33.25
N SER D 413 -16.05 19.55 32.52
CA SER D 413 -16.11 19.99 31.12
C SER D 413 -15.18 19.18 30.22
N LEU D 414 -15.45 19.23 28.93
CA LEU D 414 -14.71 18.44 27.95
C LEU D 414 -13.21 18.81 27.87
N ASP D 415 -12.91 20.09 27.77
CA ASP D 415 -11.53 20.52 27.56
C ASP D 415 -10.64 20.20 28.79
N GLU D 416 -11.24 20.20 29.97
CA GLU D 416 -10.57 19.76 31.22
C GLU D 416 -10.22 18.26 31.23
N VAL D 417 -11.17 17.41 30.84
CA VAL D 417 -10.99 15.96 30.95
C VAL D 417 -9.98 15.41 29.94
N ILE D 418 -9.86 16.06 28.79
CA ILE D 418 -8.79 15.76 27.83
C ILE D 418 -7.41 16.18 28.37
N LYS D 419 -7.35 17.34 28.99
CA LYS D 419 -6.12 17.85 29.59
C LYS D 419 -5.56 16.85 30.61
N ARG D 420 -6.43 16.38 31.51
CA ARG D 420 -6.05 15.49 32.60
C ARG D 420 -5.76 14.08 32.13
N ALA D 421 -6.55 13.58 31.18
CA ALA D 421 -6.31 12.24 30.62
C ALA D 421 -4.97 12.13 29.88
N ASN D 422 -4.48 13.25 29.35
CA ASN D 422 -3.20 13.34 28.64
C ASN D 422 -2.03 13.77 29.51
N ASN D 423 -2.32 14.24 30.73
CA ASN D 423 -1.28 14.69 31.67
C ASN D 423 -0.70 13.49 32.42
N THR D 424 0.23 12.83 31.74
CA THR D 424 0.78 11.54 32.16
C THR D 424 1.91 11.18 31.20
N TYR D 425 2.91 10.48 31.71
CA TYR D 425 4.01 10.02 30.88
C TYR D 425 3.70 8.66 30.17
N TYR D 426 2.54 8.07 30.47
CA TYR D 426 2.06 6.88 29.80
C TYR D 426 1.12 7.23 28.62
N GLY D 427 0.82 6.21 27.82
CA GLY D 427 -0.06 6.36 26.66
C GLY D 427 -0.28 5.09 25.82
N LEU D 428 -0.68 3.98 26.43
CA LEU D 428 -0.89 2.73 25.65
C LEU D 428 -2.31 2.65 25.04
N VAL D 429 -3.33 2.85 25.88
CA VAL D 429 -4.73 2.66 25.48
C VAL D 429 -5.64 3.69 26.17
N ALA D 430 -6.78 4.01 25.57
CA ALA D 430 -7.76 4.91 26.21
C ALA D 430 -9.18 4.62 25.72
N GLY D 431 -10.17 4.82 26.60
CA GLY D 431 -11.57 4.61 26.27
C GLY D 431 -12.37 5.89 26.20
N VAL D 432 -13.44 5.88 25.42
CA VAL D 432 -14.36 7.01 25.33
C VAL D 432 -15.78 6.53 25.08
N PHE D 433 -16.72 7.00 25.88
CA PHE D 433 -18.11 6.59 25.81
C PHE D 433 -18.99 7.82 25.60
N THR D 434 -19.62 7.88 24.41
CA THR D 434 -20.54 8.94 24.05
C THR D 434 -21.29 8.46 22.82
N LYS D 435 -22.57 8.76 22.70
CA LYS D 435 -23.27 8.36 21.48
C LYS D 435 -23.26 9.44 20.39
N ASP D 436 -22.59 10.56 20.66
CA ASP D 436 -22.50 11.66 19.72
C ASP D 436 -21.33 11.47 18.72
N LEU D 437 -21.62 11.60 17.42
CA LEU D 437 -20.63 11.42 16.34
C LEU D 437 -19.40 12.34 16.45
N ASP D 438 -19.63 13.64 16.52
CA ASP D 438 -18.53 14.60 16.56
C ASP D 438 -17.64 14.43 17.78
N LYS D 439 -18.26 14.25 18.95
CA LYS D 439 -17.54 14.04 20.21
C LYS D 439 -16.60 12.84 20.13
N ALA D 440 -17.15 11.70 19.71
CA ALA D 440 -16.38 10.46 19.51
C ALA D 440 -15.16 10.65 18.63
N VAL D 441 -15.34 11.34 17.49
CA VAL D 441 -14.26 11.50 16.53
C VAL D 441 -13.19 12.42 17.07
N THR D 442 -13.58 13.62 17.53
CA THR D 442 -12.60 14.64 17.95
C THR D 442 -11.85 14.29 19.23
N VAL D 443 -12.49 13.59 20.15
CA VAL D 443 -11.86 13.23 21.41
C VAL D 443 -10.87 12.08 21.18
N SER D 444 -11.25 11.08 20.40
CA SER D 444 -10.33 9.99 20.05
C SER D 444 -9.06 10.49 19.35
N SER D 445 -9.22 11.45 18.46
CA SER D 445 -8.09 12.11 17.80
C SER D 445 -7.21 12.86 18.82
N ALA D 446 -7.86 13.55 19.74
CA ALA D 446 -7.17 14.32 20.75
C ALA D 446 -6.42 13.49 21.82
N LEU D 447 -6.79 12.23 22.05
CA LEU D 447 -6.16 11.47 23.17
C LEU D 447 -4.82 10.94 22.70
N GLN D 448 -3.79 11.12 23.51
CA GLN D 448 -2.45 10.67 23.17
C GLN D 448 -2.27 9.23 23.67
N ALA D 449 -2.82 8.29 22.90
CA ALA D 449 -2.67 6.86 23.14
C ALA D 449 -2.71 6.06 21.82
N GLY D 450 -1.92 4.99 21.76
CA GLY D 450 -1.84 4.16 20.56
C GLY D 450 -3.09 3.35 20.19
N THR D 451 -4.01 3.20 21.13
CA THR D 451 -5.30 2.59 20.83
C THR D 451 -6.36 3.38 21.60
N VAL D 452 -7.49 3.64 20.94
CA VAL D 452 -8.64 4.29 21.57
C VAL D 452 -9.89 3.49 21.19
N TRP D 453 -10.64 3.10 22.21
CA TRP D 453 -11.83 2.29 22.06
C TRP D 453 -13.02 3.21 22.31
N VAL D 454 -13.99 3.21 21.39
CA VAL D 454 -15.16 4.07 21.48
C VAL D 454 -16.36 3.20 21.69
N ASN D 455 -17.03 3.40 22.82
CA ASN D 455 -18.23 2.63 23.20
C ASN D 455 -18.00 1.13 23.40
N CYS D 456 -16.75 0.78 23.69
CA CYS D 456 -16.37 -0.57 24.04
C CYS D 456 -15.06 -0.53 24.83
N TYR D 457 -14.61 -1.68 25.27
CA TYR D 457 -13.29 -1.80 25.89
C TYR D 457 -12.79 -3.24 25.74
N LEU D 458 -11.48 -3.46 25.89
CA LEU D 458 -10.89 -4.78 25.62
C LEU D 458 -11.26 -5.34 24.24
N ALA D 459 -11.40 -4.46 23.25
CA ALA D 459 -11.82 -4.91 21.90
C ALA D 459 -10.61 -5.08 20.96
N ALA D 460 -9.54 -5.69 21.48
CA ALA D 460 -8.36 -5.93 20.70
C ALA D 460 -8.61 -7.07 19.71
N SER D 461 -8.10 -6.90 18.50
CA SER D 461 -8.20 -7.88 17.43
C SER D 461 -6.83 -8.12 16.78
N ALA D 462 -6.70 -9.20 16.01
CA ALA D 462 -5.43 -9.54 15.34
C ALA D 462 -5.13 -8.61 14.16
N GLN D 463 -6.19 -8.09 13.55
CA GLN D 463 -6.08 -7.29 12.33
C GLN D 463 -5.58 -5.86 12.61
N SER D 464 -5.62 -5.42 13.86
CA SER D 464 -5.25 -4.01 14.14
C SER D 464 -3.96 -3.87 14.96
N PRO D 465 -3.15 -2.88 14.62
CA PRO D 465 -1.90 -2.64 15.34
C PRO D 465 -2.15 -2.01 16.71
N ALA D 466 -1.33 -2.40 17.70
CA ALA D 466 -1.43 -1.90 19.08
C ALA D 466 -0.03 -1.54 19.59
N GLY D 467 0.03 -0.58 20.50
CA GLY D 467 1.30 -0.08 20.98
C GLY D 467 1.23 1.24 21.72
N GLY D 468 2.35 1.69 22.27
CA GLY D 468 2.36 2.85 23.16
C GLY D 468 2.76 4.16 22.53
N PHE D 469 2.17 5.25 23.03
CA PHE D 469 2.73 6.60 22.89
C PHE D 469 3.64 6.85 24.11
N LYS D 470 4.59 7.79 23.95
CA LYS D 470 5.37 8.34 25.08
C LYS D 470 6.12 7.22 25.82
N MET D 471 6.04 7.14 27.15
CA MET D 471 6.79 6.12 27.90
C MET D 471 6.12 4.73 28.05
N SER D 472 4.99 4.53 27.37
CA SER D 472 4.42 3.19 27.23
C SER D 472 5.06 2.39 26.08
N GLY D 473 6.05 3.01 25.41
CA GLY D 473 6.93 2.31 24.51
C GLY D 473 6.93 2.86 23.10
N HIS D 474 7.63 2.18 22.20
CA HIS D 474 7.56 2.51 20.77
C HIS D 474 7.50 1.26 19.91
N GLY D 475 6.90 1.40 18.73
CA GLY D 475 6.67 0.27 17.84
C GLY D 475 5.27 -0.31 18.02
N ARG D 476 4.89 -1.20 17.11
CA ARG D 476 3.55 -1.76 17.11
C ARG D 476 3.61 -3.28 16.92
N GLU D 477 2.60 -3.95 17.45
CA GLU D 477 2.47 -5.38 17.32
C GLU D 477 1.12 -5.65 16.63
N MET D 478 1.12 -6.65 15.75
CA MET D 478 -0.06 -7.09 15.01
C MET D 478 -0.55 -6.10 13.92
N GLY D 479 -1.54 -6.54 13.13
CA GLY D 479 -1.94 -5.86 11.93
C GLY D 479 -0.86 -5.86 10.84
N GLU D 480 -1.09 -5.07 9.79
CA GLU D 480 -0.12 -4.90 8.71
C GLU D 480 1.15 -4.26 9.23
N TYR D 481 0.99 -3.16 9.96
CA TYR D 481 2.10 -2.33 10.38
C TYR D 481 3.04 -3.12 11.29
N GLY D 482 2.48 -3.82 12.25
CA GLY D 482 3.26 -4.54 13.25
C GLY D 482 4.05 -5.70 12.69
N ILE D 483 3.42 -6.45 11.78
CA ILE D 483 4.14 -7.51 11.07
C ILE D 483 5.37 -6.95 10.38
N HIS D 484 5.23 -5.79 9.73
CA HIS D 484 6.33 -5.21 8.96
C HIS D 484 7.54 -4.73 9.77
N GLU D 485 7.36 -4.53 11.09
CA GLU D 485 8.47 -4.21 12.00
C GLU D 485 9.50 -5.36 12.23
N TYR D 486 9.23 -6.56 11.72
CA TYR D 486 10.21 -7.65 11.71
C TYR D 486 10.89 -7.79 10.35
N THR D 487 10.96 -6.70 9.60
CA THR D 487 11.74 -6.65 8.38
C THR D 487 12.75 -5.52 8.39
N GLU D 488 13.71 -5.64 7.47
CA GLU D 488 14.74 -4.65 7.22
C GLU D 488 14.70 -4.33 5.71
N VAL D 489 14.69 -3.06 5.36
CA VAL D 489 14.57 -2.60 3.97
C VAL D 489 15.90 -2.37 3.25
N LYS D 490 16.07 -2.99 2.10
CA LYS D 490 17.22 -2.79 1.23
C LYS D 490 16.72 -2.21 -0.08
N THR D 491 17.37 -1.13 -0.52
CA THR D 491 17.15 -0.57 -1.84
C THR D 491 18.21 -1.13 -2.80
N VAL D 492 17.79 -1.76 -3.89
CA VAL D 492 18.70 -2.11 -5.00
C VAL D 492 18.43 -1.20 -6.19
N THR D 493 19.50 -0.61 -6.72
CA THR D 493 19.39 0.39 -7.81
C THR D 493 20.36 0.05 -8.93
N MET D 494 19.83 -0.35 -10.08
CA MET D 494 20.58 -0.91 -11.19
C MET D 494 20.62 0.05 -12.37
N LYS D 495 21.79 0.24 -12.95
CA LYS D 495 21.94 1.03 -14.17
C LYS D 495 21.39 0.29 -15.38
N ILE D 496 20.56 0.97 -16.16
CA ILE D 496 20.08 0.42 -17.42
C ILE D 496 20.39 1.38 -18.55
N SER D 497 20.35 0.87 -19.78
CA SER D 497 20.86 1.62 -20.93
C SER D 497 19.85 2.63 -21.47
N GLU D 498 18.57 2.34 -21.32
CA GLU D 498 17.52 3.29 -21.70
C GLU D 498 16.32 3.12 -20.75
N LYS D 499 15.56 4.19 -20.51
CA LYS D 499 14.42 4.16 -19.57
C LYS D 499 13.15 4.71 -20.21
N ASN D 500 12.15 3.84 -20.33
CA ASN D 500 10.82 4.22 -20.75
C ASN D 500 9.87 4.04 -19.60
N SER D 501 8.95 5.00 -19.42
CA SER D 501 8.03 4.99 -18.29
C SER D 501 7.16 3.74 -18.26
#